data_7T0W
#
_entry.id   7T0W
#
_cell.length_a   1.00
_cell.length_b   1.00
_cell.length_c   1.00
_cell.angle_alpha   90.00
_cell.angle_beta   90.00
_cell.angle_gamma   90.00
#
_symmetry.space_group_name_H-M   'P 1'
#
loop_
_entity.id
_entity.type
_entity.pdbx_description
1 polymer 'Gamma-aminobutyric acid receptor subunit beta-2'
2 polymer 'Gamma-aminobutyric acid receptor subunit alpha-1'
3 polymer 'Gamma-aminobutyric acid receptor subunit gamma-2'
4 polymer 'Fab115 light chain, IgG1'
5 polymer 'Fab115 Heavy Chain, IgG1'
6 branched 2-acetamido-2-deoxy-beta-D-glucopyranose-(1-4)-2-acetamido-2-deoxy-beta-D-glucopyranose
7 branched beta-D-mannopyranose-(1-4)-2-acetamido-2-deoxy-beta-D-glucopyranose-(1-4)-2-acetamido-2-deoxy-beta-D-glucopyranose
8 branched alpha-D-mannopyranose-(1-2)-alpha-D-mannopyranose-(1-2)-alpha-D-mannopyranose-(1-3)-[alpha-D-mannopyranose-(1-2)-alpha-D-mannopyranose-(1-6)-[alpha-D-mannopyranose-(1-3)]alpha-D-mannopyranose-(1-6)]beta-D-mannopyranose-(1-4)-2-acetamido-2-deoxy-beta-D-glucopyranose-(1-4)-2-acetamido-2-deoxy-beta-D-glucopyranose
#
loop_
_entity_poly.entity_id
_entity_poly.type
_entity_poly.pdbx_seq_one_letter_code
_entity_poly.pdbx_strand_id
1 'polypeptide(L)'
;QSVNDPSNMSLVKETVDRLLKGYDIRLRPDFGGPPVAVGMNIDIASIDMVSEVNMDYTLTMYFQQAWRDKRLSYNVIPLN
LTLDNRVADQLWVPDTYFLNDKKSFVHGVTVKNRMIRLHPDGTVLYGLRITTTAACMMDLRRYPLDEQNCTLEIESYGYT
TDDIEFYWRGDDNAVTGVTKIELPQFSIVDYKLITKKVVFSTGSYPRLSLSFKLKRNIGYFILQTYMPSILITILSWVSF
WINYDASAARVALGITTVLTMTTINTHLRETLPKIPYVKAIDMYLMGCFVFVFMALLEYALVNYIFFSQPARAAAIDRWS
RIFFPVVFSFFNIVYWLYYV
;
A,C
2 'polypeptide(L)'
;QPSLQDELKDNTTVFTRILDRLLDGYDNRLRPGLGERVTEVKTDIFVTSFGPVSDHDMEYTIDVFFRQSWKDERLKFKGP
MTVLRLNNLMASKIWTPDTFFHNGKKSVAHNMTMPNKLLRITEDGTLLYTMRLTVRAECPMHLEDFPMDAHACPLKFGSY
AYTRAEVVYEWTREPARSVVVAEDGSRLNQYDLLGQTVDSGIVQSSTGEYVVMTTHFHLKRKIGYFVIQTYLPCIMTVIL
SQVSFWLNRESVPARTVFGVTTVLTMTTLSISARNSLPKVAYATAMDWFIAVCYAFVFSALIEFATVNYFTKSQPARAAK
IDRLSRIAFPLLFGIFNLVYWATYLNR
;
B,D
3 'polypeptide(L)'
;WSHPQFEKGGGSGGGSGGSSAWSHPQFEKLEVLFQGPQKSDDDYEDYASNKTWVLTPKVPEGDVTVILNNLLEGYDNKLR
PDIGVKPTLIHTDMYVNSIGPVNAINMEYTIDIFFAQTWYDRRLKFNSTIKVLRLNSNMVGKIWIPDTFFRNSKKADAHW
ITTPNRMLRIWNDGRVLYTLRLTIDAECQLQLHNFPMDEHSCPLEFSSYGYPREEIVYQWKRSSVEVGDTRSWRLYQFSF
VGLRNTTEVVKTTSGDYVVMSVYFDLSRRMGYFTIQTYIPCTLIVVLSWVSFWINKDAVPARTSLGITTVLTMTTLSTIA
RKSLPKVSYVTAMDLFVSVCFIFVFSALVEYGTLHYFVSSQPARAAKMDSYARIFFPTAFCLFNLVYWVSYLYL
;
E
4 'polypeptide(L)'
;QSVLTQPPSASGTPGQRVTISCSGSSSNIGSNTVSWYQQLPGTAPKLLIYSTNQRPSGVPDRFSGSKSGTSASLAIGGLQ
SEDEADYYCAAWDDSLKRLVVFGGGTRLTVLGQPKAAPSVTLFPPSSEELQANKATLVCLISDFYPGAVTVAWKADSSPV
KAGVETTTPSKQSNNKYAASSYLSLTPEQWKSHRSYSCQVTHEGSTVEKTVAPTECS
;
L2,L
5 'polypeptide(L)'
;QVQLVQSGAEVKKPGASVKVSCKASGYTFISYDINWVRQATGQGLEWMGGMDPKSGNTGYAQKFQGRVTMTTNTAISTAY
MELSSLRSEDTAVYYCVRGEQSYDRTGYSDWFDPWGQGTLVTVSSASTKGPSVFPLAPSSKSTSGGTAALGCLVKDYFPE
PVTVSWNSGALTSGVHTFPAVLQSSGLYSLSSVVTVPSSSLGTQTYICNVNHKPSNTKVDKRVEPKSCDKTHDYKDDDDK
HHHHHH
;
H,H2
#
# COMPACT_ATOMS: atom_id res chain seq x y z
N SER A 7 -38.25 26.69 30.84
CA SER A 7 -37.02 26.01 31.23
C SER A 7 -35.86 26.52 30.38
N ASN A 8 -34.64 26.33 30.87
CA ASN A 8 -33.47 26.90 30.22
C ASN A 8 -33.10 26.15 28.95
N MET A 9 -33.34 24.84 28.91
CA MET A 9 -33.08 24.07 27.69
C MET A 9 -33.94 24.56 26.54
N SER A 10 -35.20 24.89 26.82
CA SER A 10 -36.07 25.41 25.77
C SER A 10 -35.57 26.78 25.29
N LEU A 11 -35.06 27.60 26.20
CA LEU A 11 -34.49 28.87 25.80
C LEU A 11 -33.29 28.66 24.87
N VAL A 12 -32.42 27.71 25.22
CA VAL A 12 -31.26 27.42 24.38
C VAL A 12 -31.71 26.92 23.01
N LYS A 13 -32.69 26.02 22.98
CA LYS A 13 -33.17 25.51 21.73
C LYS A 13 -33.71 26.63 20.86
N GLU A 14 -34.48 27.53 21.46
CA GLU A 14 -35.07 28.62 20.68
C GLU A 14 -33.99 29.54 20.13
N THR A 15 -33.01 29.92 20.95
CA THR A 15 -31.98 30.82 20.47
C THR A 15 -31.16 30.18 19.36
N VAL A 16 -30.81 28.90 19.51
CA VAL A 16 -30.05 28.24 18.46
C VAL A 16 -30.86 28.15 17.17
N ASP A 17 -32.14 27.80 17.27
CA ASP A 17 -32.98 27.74 16.07
C ASP A 17 -33.04 29.10 15.39
N ARG A 18 -33.20 30.16 16.16
CA ARG A 18 -33.24 31.50 15.58
C ARG A 18 -31.91 31.83 14.91
N LEU A 19 -30.80 31.45 15.54
CA LEU A 19 -29.49 31.75 14.97
C LEU A 19 -29.30 31.07 13.63
N LEU A 20 -29.68 29.80 13.54
CA LEU A 20 -29.48 29.07 12.29
C LEU A 20 -30.57 29.34 11.27
N LYS A 21 -31.67 29.97 11.67
CA LYS A 21 -32.74 30.29 10.74
C LYS A 21 -32.38 31.50 9.90
N GLY A 22 -32.49 31.37 8.58
CA GLY A 22 -32.13 32.45 7.69
C GLY A 22 -30.64 32.73 7.70
N TYR A 23 -29.84 31.67 7.66
CA TYR A 23 -28.39 31.77 7.65
C TYR A 23 -27.86 31.40 6.27
N ASP A 24 -27.04 32.28 5.69
CA ASP A 24 -26.48 32.07 4.36
C ASP A 24 -25.06 31.57 4.50
N ILE A 25 -24.85 30.27 4.25
CA ILE A 25 -23.53 29.69 4.39
C ILE A 25 -22.57 30.19 3.34
N ARG A 26 -23.05 30.78 2.26
CA ARG A 26 -22.19 31.22 1.17
C ARG A 26 -21.49 32.55 1.47
N LEU A 27 -21.84 33.21 2.56
CA LEU A 27 -21.40 34.58 2.81
C LEU A 27 -20.53 34.61 4.06
N ARG A 28 -19.32 35.16 3.92
CA ARG A 28 -18.47 35.35 5.07
C ARG A 28 -19.05 36.44 5.97
N PRO A 29 -18.69 36.43 7.26
CA PRO A 29 -19.07 37.55 8.13
C PRO A 29 -18.51 38.86 7.61
N ASP A 30 -19.31 39.92 7.72
CA ASP A 30 -18.95 41.21 7.15
C ASP A 30 -18.72 41.07 5.64
N PHE A 31 -19.78 40.67 4.94
CA PHE A 31 -19.64 40.40 3.51
C PHE A 31 -19.28 41.66 2.74
N GLY A 32 -19.89 42.78 3.08
CA GLY A 32 -19.56 44.05 2.47
C GLY A 32 -18.61 44.90 3.28
N GLY A 33 -18.24 44.45 4.48
CA GLY A 33 -17.42 45.24 5.36
C GLY A 33 -15.96 44.88 5.28
N PRO A 34 -15.20 45.18 6.33
CA PRO A 34 -13.77 44.91 6.31
C PRO A 34 -13.48 43.43 6.38
N PRO A 35 -12.23 43.03 6.17
CA PRO A 35 -11.90 41.61 6.25
C PRO A 35 -12.17 41.04 7.62
N VAL A 36 -12.56 39.77 7.65
CA VAL A 36 -12.75 39.05 8.90
C VAL A 36 -11.39 38.55 9.38
N ALA A 37 -11.10 38.74 10.66
CA ALA A 37 -9.85 38.32 11.25
C ALA A 37 -10.03 36.95 11.88
N VAL A 38 -9.09 36.04 11.61
CA VAL A 38 -9.16 34.66 12.06
C VAL A 38 -7.90 34.36 12.86
N GLY A 39 -8.07 33.87 14.08
CA GLY A 39 -6.98 33.62 14.99
C GLY A 39 -6.69 32.13 15.10
N MET A 40 -5.42 31.78 15.00
CA MET A 40 -4.99 30.39 14.91
C MET A 40 -4.33 29.95 16.21
N ASN A 41 -4.70 28.78 16.69
CA ASN A 41 -3.98 28.11 17.77
C ASN A 41 -3.64 26.70 17.33
N ILE A 42 -2.45 26.24 17.68
CA ILE A 42 -1.97 24.92 17.30
C ILE A 42 -1.39 24.27 18.55
N ASP A 43 -2.09 23.29 19.09
CA ASP A 43 -1.59 22.52 20.22
C ASP A 43 -1.03 21.21 19.67
N ILE A 44 0.27 21.22 19.38
CA ILE A 44 0.89 20.11 18.69
C ILE A 44 0.87 18.89 19.59
N ALA A 45 0.08 17.89 19.21
CA ALA A 45 -0.01 16.67 20.01
C ALA A 45 1.24 15.83 19.87
N SER A 46 1.78 15.72 18.66
CA SER A 46 3.00 14.93 18.49
C SER A 46 3.55 15.11 17.09
N ILE A 47 4.83 14.78 16.94
CA ILE A 47 5.48 14.66 15.64
C ILE A 47 5.97 13.22 15.54
N ASP A 48 5.33 12.44 14.67
CA ASP A 48 5.48 10.99 14.69
C ASP A 48 6.78 10.54 14.05
N MET A 49 6.95 10.81 12.75
CA MET A 49 8.12 10.34 12.04
C MET A 49 8.62 11.42 11.10
N VAL A 50 9.92 11.42 10.84
CA VAL A 50 10.57 12.37 9.96
C VAL A 50 11.28 11.57 8.90
N SER A 51 10.65 11.39 7.75
CA SER A 51 11.18 10.57 6.68
C SER A 51 12.06 11.42 5.77
N GLU A 52 13.35 11.11 5.73
CA GLU A 52 14.28 11.79 4.83
C GLU A 52 14.32 11.16 3.46
N VAL A 53 13.65 10.02 3.26
CA VAL A 53 13.58 9.43 1.93
C VAL A 53 12.45 10.07 1.13
N ASN A 54 11.30 10.28 1.77
CA ASN A 54 10.17 10.96 1.14
C ASN A 54 10.20 12.46 1.33
N MET A 55 11.10 12.97 2.17
CA MET A 55 11.19 14.39 2.46
C MET A 55 9.86 14.91 3.02
N ASP A 56 9.50 14.39 4.18
CA ASP A 56 8.29 14.85 4.85
C ASP A 56 8.32 14.38 6.30
N TYR A 57 7.36 14.89 7.06
CA TYR A 57 7.21 14.55 8.47
C TYR A 57 5.73 14.60 8.83
N THR A 58 5.31 13.69 9.70
CA THR A 58 3.92 13.60 10.11
C THR A 58 3.77 14.26 11.48
N LEU A 59 2.75 15.12 11.61
CA LEU A 59 2.44 15.71 12.91
C LEU A 59 0.95 15.67 13.16
N THR A 60 0.58 15.33 14.38
CA THR A 60 -0.78 15.40 14.85
C THR A 60 -0.94 16.61 15.74
N MET A 61 -1.97 17.42 15.47
CA MET A 61 -2.13 18.71 16.11
C MET A 61 -3.61 18.96 16.38
N TYR A 62 -3.87 19.86 17.32
CA TYR A 62 -5.21 20.41 17.56
C TYR A 62 -5.22 21.79 16.93
N PHE A 63 -5.75 21.89 15.73
CA PHE A 63 -5.74 23.12 14.97
C PHE A 63 -7.05 23.85 15.17
N GLN A 64 -6.99 25.05 15.71
CA GLN A 64 -8.20 25.77 16.10
C GLN A 64 -8.19 27.16 15.49
N GLN A 65 -9.37 27.64 15.12
CA GLN A 65 -9.56 28.96 14.55
C GLN A 65 -10.63 29.69 15.34
N ALA A 66 -10.58 31.01 15.33
CA ALA A 66 -11.54 31.82 16.06
C ALA A 66 -11.83 33.07 15.27
N TRP A 67 -13.09 33.30 14.94
CA TRP A 67 -13.48 34.51 14.22
C TRP A 67 -14.74 35.07 14.85
N ARG A 68 -15.18 36.22 14.35
CA ARG A 68 -16.37 36.88 14.86
C ARG A 68 -17.41 36.92 13.76
N ASP A 69 -18.55 36.29 14.02
CA ASP A 69 -19.68 36.24 13.08
C ASP A 69 -20.85 36.93 13.77
N LYS A 70 -21.13 38.16 13.36
CA LYS A 70 -22.18 38.92 14.02
C LYS A 70 -23.55 38.28 13.87
N ARG A 71 -23.76 37.48 12.82
CA ARG A 71 -25.04 36.81 12.68
C ARG A 71 -25.26 35.80 13.79
N LEU A 72 -24.20 35.17 14.29
CA LEU A 72 -24.30 34.18 15.35
C LEU A 72 -24.19 34.83 16.71
N SER A 73 -24.99 35.87 16.94
CA SER A 73 -24.95 36.66 18.16
C SER A 73 -26.25 36.47 18.93
N TYR A 74 -26.12 36.22 20.23
CA TYR A 74 -27.27 36.03 21.09
C TYR A 74 -27.00 36.71 22.43
N ASN A 75 -28.07 37.07 23.12
CA ASN A 75 -27.95 37.69 24.43
C ASN A 75 -28.90 37.13 25.48
N VAL A 76 -29.84 36.25 25.10
CA VAL A 76 -30.82 35.79 26.07
C VAL A 76 -30.25 34.78 27.06
N ILE A 77 -29.06 34.25 26.79
CA ILE A 77 -28.42 33.32 27.71
C ILE A 77 -26.96 33.74 27.89
N PRO A 78 -26.35 33.57 29.06
CA PRO A 78 -24.99 34.08 29.26
C PRO A 78 -23.88 33.08 29.02
N LEU A 79 -24.23 31.82 28.79
CA LEU A 79 -23.22 30.77 28.68
C LEU A 79 -22.57 30.81 27.29
N ASN A 80 -21.41 30.14 27.18
CA ASN A 80 -20.81 29.87 25.86
C ASN A 80 -21.38 28.54 25.37
N LEU A 81 -22.29 28.62 24.41
CA LEU A 81 -22.85 27.41 23.80
C LEU A 81 -21.75 26.57 23.18
N THR A 82 -21.86 25.26 23.34
CA THR A 82 -21.00 24.30 22.64
C THR A 82 -21.90 23.36 21.87
N LEU A 83 -21.80 23.39 20.55
CA LEU A 83 -22.75 22.69 19.71
C LEU A 83 -22.16 21.39 19.19
N ASP A 84 -23.03 20.43 18.89
CA ASP A 84 -22.57 19.17 18.33
C ASP A 84 -21.81 19.44 17.04
N ASN A 85 -20.65 18.80 16.90
CA ASN A 85 -19.76 19.08 15.77
C ASN A 85 -20.50 19.08 14.44
N ARG A 86 -21.57 18.30 14.32
CA ARG A 86 -22.23 18.16 13.03
C ARG A 86 -22.77 19.47 12.50
N VAL A 87 -22.95 20.48 13.36
CA VAL A 87 -23.47 21.76 12.88
C VAL A 87 -22.43 22.57 12.14
N ALA A 88 -21.18 22.13 12.13
CA ALA A 88 -20.14 22.85 11.40
C ALA A 88 -20.37 22.82 9.90
N ASP A 89 -21.29 21.99 9.41
CA ASP A 89 -21.66 22.03 8.00
C ASP A 89 -22.67 23.11 7.69
N GLN A 90 -23.31 23.69 8.69
CA GLN A 90 -24.30 24.75 8.48
C GLN A 90 -23.76 26.14 8.69
N LEU A 91 -22.56 26.28 9.22
CA LEU A 91 -21.94 27.59 9.44
C LEU A 91 -20.84 27.82 8.42
N TRP A 92 -20.53 29.09 8.21
CA TRP A 92 -19.39 29.45 7.38
C TRP A 92 -18.11 29.25 8.17
N VAL A 93 -17.16 28.52 7.60
CA VAL A 93 -15.85 28.33 8.21
C VAL A 93 -14.81 28.68 7.17
N PRO A 94 -13.70 29.29 7.55
CA PRO A 94 -12.73 29.74 6.55
C PRO A 94 -12.13 28.55 5.80
N ASP A 95 -11.78 28.79 4.54
CA ASP A 95 -11.20 27.75 3.70
C ASP A 95 -9.70 27.64 3.89
N THR A 96 -9.28 27.49 5.13
CA THR A 96 -7.87 27.37 5.45
C THR A 96 -7.33 26.05 4.92
N TYR A 97 -6.15 26.10 4.31
CA TYR A 97 -5.50 24.89 3.82
C TYR A 97 -4.01 24.97 4.06
N PHE A 98 -3.38 23.81 4.21
CA PHE A 98 -1.96 23.74 4.52
C PHE A 98 -1.19 23.59 3.23
N LEU A 99 -0.37 24.59 2.90
CA LEU A 99 0.21 24.67 1.58
C LEU A 99 1.15 23.52 1.25
N ASN A 100 1.75 22.88 2.26
CA ASN A 100 2.77 21.88 2.01
C ASN A 100 2.44 20.53 2.62
N ASP A 101 1.16 20.19 2.71
CA ASP A 101 0.76 18.87 3.18
C ASP A 101 0.62 17.91 2.00
N LYS A 102 0.70 16.62 2.31
CA LYS A 102 0.58 15.56 1.32
C LYS A 102 -0.62 14.66 1.55
N LYS A 103 -0.85 14.25 2.79
CA LYS A 103 -2.07 13.53 3.15
C LYS A 103 -2.46 13.94 4.55
N SER A 104 -3.67 14.48 4.68
CA SER A 104 -4.20 14.95 5.95
C SER A 104 -5.55 14.32 6.17
N PHE A 105 -5.95 14.24 7.43
CA PHE A 105 -7.27 13.73 7.75
C PHE A 105 -7.64 14.12 9.17
N VAL A 106 -8.90 14.51 9.35
CA VAL A 106 -9.45 14.75 10.68
C VAL A 106 -9.86 13.41 11.26
N HIS A 107 -9.36 13.10 12.46
CA HIS A 107 -9.70 11.83 13.07
C HIS A 107 -11.19 11.74 13.29
N GLY A 108 -11.74 10.54 13.16
CA GLY A 108 -13.17 10.36 13.21
C GLY A 108 -13.63 9.31 14.20
N VAL A 109 -12.96 9.21 15.35
CA VAL A 109 -13.34 8.27 16.39
C VAL A 109 -13.36 9.02 17.71
N THR A 110 -14.43 8.84 18.50
CA THR A 110 -15.59 8.02 18.18
C THR A 110 -16.51 8.74 17.22
N VAL A 111 -16.39 10.07 17.18
CA VAL A 111 -17.10 10.90 16.22
C VAL A 111 -16.07 11.80 15.56
N LYS A 112 -16.50 12.49 14.50
CA LYS A 112 -15.60 13.38 13.79
C LYS A 112 -14.97 14.33 14.78
N ASN A 113 -13.66 14.26 14.96
CA ASN A 113 -12.98 15.03 15.99
C ASN A 113 -12.94 16.49 15.60
N ARG A 114 -14.01 17.22 15.88
CA ARG A 114 -14.00 18.66 15.70
C ARG A 114 -15.00 19.27 16.67
N MET A 115 -14.79 20.55 16.96
CA MET A 115 -15.55 21.28 17.95
C MET A 115 -16.03 22.58 17.33
N ILE A 116 -17.26 22.96 17.64
CA ILE A 116 -17.81 24.24 17.25
C ILE A 116 -18.43 24.86 18.50
N ARG A 117 -17.98 26.05 18.86
CA ARG A 117 -18.40 26.72 20.08
C ARG A 117 -18.82 28.14 19.75
N LEU A 118 -19.98 28.53 20.24
CA LEU A 118 -20.53 29.86 20.04
C LEU A 118 -20.44 30.64 21.34
N HIS A 119 -20.04 31.90 21.22
CA HIS A 119 -19.91 32.82 22.31
C HIS A 119 -20.99 33.88 22.21
N PRO A 120 -21.41 34.47 23.32
CA PRO A 120 -22.54 35.42 23.25
C PRO A 120 -22.26 36.60 22.33
N ASP A 121 -21.03 37.07 22.27
CA ASP A 121 -20.68 38.22 21.43
C ASP A 121 -20.45 37.84 19.98
N GLY A 122 -20.89 36.65 19.57
CA GLY A 122 -20.78 36.23 18.19
C GLY A 122 -19.51 35.50 17.83
N THR A 123 -18.55 35.38 18.76
CA THR A 123 -17.30 34.72 18.44
C THR A 123 -17.53 33.23 18.24
N VAL A 124 -17.11 32.73 17.09
CA VAL A 124 -17.15 31.31 16.78
C VAL A 124 -15.75 30.75 16.96
N LEU A 125 -15.67 29.60 17.61
CA LEU A 125 -14.41 28.94 17.93
C LEU A 125 -14.51 27.53 17.37
N TYR A 126 -13.70 27.22 16.37
CA TYR A 126 -13.86 26.04 15.55
C TYR A 126 -12.54 25.27 15.53
N GLY A 127 -12.56 24.06 16.07
CA GLY A 127 -11.35 23.29 16.25
C GLY A 127 -11.42 21.95 15.56
N LEU A 128 -10.27 21.49 15.10
CA LEU A 128 -10.14 20.20 14.43
C LEU A 128 -8.94 19.50 15.01
N ARG A 129 -8.92 18.18 14.92
CA ARG A 129 -7.78 17.37 15.29
C ARG A 129 -7.24 16.74 14.02
N ILE A 130 -6.09 17.23 13.56
CA ILE A 130 -5.60 16.92 12.23
C ILE A 130 -4.26 16.20 12.31
N THR A 131 -4.11 15.15 11.52
CA THR A 131 -2.81 14.56 11.22
C THR A 131 -2.40 15.02 9.83
N THR A 132 -1.21 15.59 9.73
CA THR A 132 -0.71 16.15 8.48
C THR A 132 0.65 15.54 8.19
N THR A 133 0.81 14.98 7.01
CA THR A 133 2.12 14.54 6.51
C THR A 133 2.65 15.69 5.66
N ALA A 134 3.35 16.62 6.31
CA ALA A 134 3.79 17.83 5.64
C ALA A 134 5.14 17.62 5.00
N ALA A 135 5.30 18.16 3.80
CA ALA A 135 6.56 18.05 3.08
C ALA A 135 7.59 19.02 3.64
N CYS A 136 8.83 18.56 3.73
CA CYS A 136 9.94 19.35 4.28
C CYS A 136 11.16 19.11 3.42
N MET A 137 11.62 20.15 2.72
CA MET A 137 12.82 20.01 1.89
C MET A 137 14.04 19.84 2.78
N MET A 138 14.77 18.75 2.58
CA MET A 138 15.85 18.36 3.46
C MET A 138 17.16 18.34 2.69
N ASP A 139 18.19 18.92 3.29
CA ASP A 139 19.55 18.92 2.74
C ASP A 139 20.39 17.99 3.58
N LEU A 140 20.69 16.81 3.05
CA LEU A 140 21.38 15.77 3.80
C LEU A 140 22.82 15.58 3.32
N ARG A 141 23.45 16.64 2.82
CA ARG A 141 24.87 16.56 2.53
C ARG A 141 25.68 16.28 3.79
N ARG A 142 25.34 16.97 4.89
CA ARG A 142 26.06 16.87 6.14
C ARG A 142 25.56 15.73 7.01
N TYR A 143 24.74 14.84 6.48
CA TYR A 143 24.19 13.75 7.27
C TYR A 143 25.32 12.94 7.89
N PRO A 144 25.23 12.58 9.17
CA PRO A 144 24.19 12.84 10.16
C PRO A 144 24.40 14.09 10.99
N LEU A 145 25.34 14.95 10.60
CA LEU A 145 25.64 16.17 11.33
C LEU A 145 24.93 17.36 10.70
N ASP A 146 23.60 17.34 10.73
CA ASP A 146 22.81 18.28 9.97
C ASP A 146 21.61 18.75 10.78
N GLU A 147 21.13 19.94 10.43
CA GLU A 147 19.88 20.48 10.94
C GLU A 147 18.90 20.65 9.79
N GLN A 148 17.63 20.37 10.07
CA GLN A 148 16.56 20.48 9.10
C GLN A 148 15.60 21.57 9.56
N ASN A 149 15.22 22.45 8.65
CA ASN A 149 14.28 23.53 8.93
C ASN A 149 12.94 23.16 8.29
N CYS A 150 12.08 22.54 9.08
CA CYS A 150 10.82 22.00 8.59
C CYS A 150 9.69 22.95 8.91
N THR A 151 8.94 23.34 7.90
CA THR A 151 7.91 24.34 8.00
C THR A 151 6.53 23.71 7.88
N LEU A 152 5.53 24.52 8.21
CA LEU A 152 4.13 24.17 8.01
C LEU A 152 3.43 25.46 7.63
N GLU A 153 2.95 25.55 6.40
CA GLU A 153 2.43 26.78 5.84
C GLU A 153 0.92 26.71 5.82
N ILE A 154 0.27 27.77 6.27
CA ILE A 154 -1.18 27.82 6.44
C ILE A 154 -1.69 29.01 5.66
N GLU A 155 -2.56 28.77 4.69
CA GLU A 155 -2.99 29.82 3.78
C GLU A 155 -4.49 29.77 3.58
N SER A 156 -5.01 30.80 2.92
CA SER A 156 -6.39 30.84 2.48
C SER A 156 -6.47 30.53 0.99
N TYR A 157 -7.35 29.60 0.62
CA TYR A 157 -7.41 29.19 -0.78
C TYR A 157 -8.00 30.28 -1.67
N GLY A 158 -9.23 30.68 -1.41
CA GLY A 158 -9.91 31.59 -2.29
C GLY A 158 -10.00 33.01 -1.76
N TYR A 159 -10.17 33.18 -0.46
CA TYR A 159 -10.34 34.50 0.12
C TYR A 159 -9.00 35.19 0.22
N THR A 160 -8.96 36.45 -0.23
CA THR A 160 -7.74 37.24 -0.26
C THR A 160 -7.69 38.15 0.96
N THR A 161 -6.64 38.97 1.03
CA THR A 161 -6.43 39.77 2.23
C THR A 161 -7.56 40.78 2.47
N ASP A 162 -8.15 41.30 1.40
CA ASP A 162 -9.28 42.22 1.57
C ASP A 162 -10.59 41.49 1.82
N ASP A 163 -10.52 40.18 2.10
CA ASP A 163 -11.68 39.41 2.51
C ASP A 163 -11.42 38.52 3.72
N ILE A 164 -10.16 38.33 4.13
CA ILE A 164 -9.84 37.50 5.29
C ILE A 164 -8.43 37.82 5.72
N GLU A 165 -8.20 37.80 7.02
CA GLU A 165 -6.90 38.06 7.61
C GLU A 165 -6.57 36.95 8.59
N PHE A 166 -5.33 36.51 8.61
CA PHE A 166 -4.87 35.48 9.53
C PHE A 166 -3.95 36.10 10.57
N TYR A 167 -4.06 35.62 11.81
CA TYR A 167 -3.12 36.00 12.84
C TYR A 167 -3.04 34.89 13.88
N TRP A 168 -1.94 34.89 14.63
CA TRP A 168 -1.78 33.96 15.73
C TRP A 168 -2.47 34.52 16.97
N ARG A 169 -3.25 33.70 17.65
CA ARG A 169 -4.01 34.13 18.81
C ARG A 169 -3.09 34.11 20.02
N GLY A 170 -2.44 35.25 20.27
CA GLY A 170 -1.43 35.35 21.30
C GLY A 170 -0.08 35.73 20.74
N ASP A 171 0.27 35.13 19.60
CA ASP A 171 1.43 35.53 18.81
C ASP A 171 2.75 35.10 19.43
N ASP A 172 2.71 34.61 20.67
CA ASP A 172 3.89 34.02 21.29
C ASP A 172 3.52 32.68 21.89
N ASN A 173 2.27 32.58 22.35
CA ASN A 173 1.76 31.38 22.99
C ASN A 173 0.63 30.76 22.19
N ALA A 174 0.54 31.06 20.89
CA ALA A 174 -0.47 30.45 20.05
C ALA A 174 -0.15 29.00 19.78
N VAL A 175 1.13 28.67 19.63
CA VAL A 175 1.57 27.31 19.39
C VAL A 175 2.07 26.73 20.70
N THR A 176 1.49 25.61 21.11
CA THR A 176 1.79 25.01 22.40
C THR A 176 2.16 23.54 22.19
N GLY A 177 2.89 22.99 23.15
CA GLY A 177 3.27 21.60 23.13
C GLY A 177 4.53 21.29 22.34
N VAL A 178 5.22 22.30 21.82
CA VAL A 178 6.45 22.03 21.09
C VAL A 178 7.53 21.52 22.03
N THR A 179 7.59 22.07 23.25
CA THR A 179 8.63 21.67 24.19
C THR A 179 8.43 20.26 24.71
N LYS A 180 7.18 19.80 24.76
CA LYS A 180 6.87 18.47 25.29
C LYS A 180 7.10 17.36 24.28
N ILE A 181 7.46 17.70 23.04
CA ILE A 181 7.62 16.70 22.00
C ILE A 181 8.90 15.90 22.26
N GLU A 182 8.83 14.59 22.01
CA GLU A 182 9.95 13.70 22.26
C GLU A 182 10.22 12.92 20.98
N LEU A 183 11.19 13.39 20.20
CA LEU A 183 11.57 12.72 18.96
C LEU A 183 12.71 11.77 19.22
N PRO A 184 12.59 10.48 18.86
CA PRO A 184 13.67 9.54 19.19
C PRO A 184 14.99 9.90 18.52
N GLN A 185 14.95 10.51 17.34
CA GLN A 185 16.15 10.75 16.56
C GLN A 185 16.53 12.21 16.45
N PHE A 186 15.64 13.14 16.77
CA PHE A 186 15.88 14.56 16.58
C PHE A 186 15.67 15.29 17.90
N SER A 187 15.71 16.62 17.84
CA SER A 187 15.51 17.46 19.02
C SER A 187 15.09 18.84 18.56
N ILE A 188 13.96 19.32 19.05
CA ILE A 188 13.46 20.64 18.69
C ILE A 188 14.32 21.71 19.35
N VAL A 189 15.23 22.31 18.60
CA VAL A 189 16.08 23.33 19.20
C VAL A 189 15.35 24.68 19.23
N ASP A 190 14.60 24.99 18.18
CA ASP A 190 13.91 26.27 18.09
C ASP A 190 12.68 26.13 17.22
N TYR A 191 11.72 27.02 17.44
CA TYR A 191 10.56 27.12 16.56
C TYR A 191 10.14 28.57 16.47
N LYS A 192 9.54 28.93 15.34
CA LYS A 192 9.15 30.30 15.08
C LYS A 192 7.76 30.35 14.47
N LEU A 193 7.05 31.43 14.75
CA LEU A 193 5.75 31.73 14.16
C LEU A 193 5.89 32.97 13.29
N ILE A 194 5.43 32.89 12.06
CA ILE A 194 5.51 34.00 11.12
C ILE A 194 4.13 34.28 10.56
N THR A 195 3.81 35.55 10.39
CA THR A 195 2.57 35.97 9.76
C THR A 195 2.90 36.96 8.67
N LYS A 196 2.31 36.79 7.50
CA LYS A 196 2.63 37.66 6.38
C LYS A 196 1.51 37.61 5.36
N LYS A 197 1.68 38.36 4.28
CA LYS A 197 0.78 38.32 3.14
C LYS A 197 1.62 38.07 1.89
N VAL A 198 1.43 36.93 1.26
CA VAL A 198 2.17 36.59 0.06
C VAL A 198 1.44 37.20 -1.11
N VAL A 199 2.18 37.89 -1.98
CA VAL A 199 1.60 38.58 -3.12
C VAL A 199 1.74 37.69 -4.34
N PHE A 200 0.60 37.24 -4.84
CA PHE A 200 0.50 36.47 -6.06
C PHE A 200 -0.09 37.36 -7.14
N SER A 201 -0.07 36.85 -8.37
CA SER A 201 -0.48 37.66 -9.52
C SER A 201 -1.82 38.33 -9.28
N THR A 202 -2.81 37.57 -8.80
CA THR A 202 -4.16 38.09 -8.68
C THR A 202 -4.40 38.88 -7.40
N GLY A 203 -3.48 38.86 -6.45
CA GLY A 203 -3.70 39.61 -5.23
C GLY A 203 -2.84 39.07 -4.11
N SER A 204 -3.05 39.62 -2.92
CA SER A 204 -2.28 39.24 -1.75
C SER A 204 -3.12 38.31 -0.87
N TYR A 205 -2.57 37.16 -0.55
CA TYR A 205 -3.25 36.16 0.25
C TYR A 205 -2.58 36.03 1.62
N PRO A 206 -3.35 35.93 2.68
CA PRO A 206 -2.76 35.82 4.01
C PRO A 206 -2.05 34.50 4.20
N ARG A 207 -1.01 34.50 5.03
CA ARG A 207 -0.26 33.27 5.26
C ARG A 207 0.32 33.29 6.66
N LEU A 208 0.25 32.13 7.32
CA LEU A 208 0.94 31.87 8.56
C LEU A 208 1.95 30.76 8.34
N SER A 209 3.00 30.73 9.16
CA SER A 209 4.04 29.75 9.01
C SER A 209 4.54 29.32 10.37
N LEU A 210 4.51 28.01 10.61
CA LEU A 210 5.05 27.41 11.82
C LEU A 210 6.31 26.65 11.45
N SER A 211 7.45 27.06 12.01
CA SER A 211 8.72 26.50 11.59
C SER A 211 9.43 25.87 12.77
N PHE A 212 10.04 24.71 12.53
CA PHE A 212 10.82 23.98 13.52
C PHE A 212 12.24 23.82 13.00
N LYS A 213 13.20 23.77 13.92
CA LYS A 213 14.58 23.43 13.58
C LYS A 213 14.94 22.14 14.29
N LEU A 214 15.09 21.06 13.53
CA LEU A 214 15.41 19.75 14.05
C LEU A 214 16.92 19.51 13.94
N LYS A 215 17.55 19.23 15.06
CA LYS A 215 18.97 18.89 15.10
C LYS A 215 19.09 17.40 15.38
N ARG A 216 19.70 16.67 14.47
CA ARG A 216 19.73 15.22 14.57
C ARG A 216 20.73 14.79 15.63
N ASN A 217 20.30 13.85 16.48
CA ASN A 217 21.18 13.30 17.51
C ASN A 217 22.33 12.52 16.87
N ILE A 218 23.46 12.47 17.57
CA ILE A 218 24.69 11.92 17.01
C ILE A 218 25.18 10.70 17.77
N GLY A 219 24.66 10.42 18.96
CA GLY A 219 25.17 9.30 19.73
C GLY A 219 24.99 7.97 19.03
N TYR A 220 23.80 7.73 18.47
CA TYR A 220 23.54 6.48 17.78
C TYR A 220 24.49 6.29 16.61
N PHE A 221 24.63 7.32 15.78
CA PHE A 221 25.53 7.22 14.64
C PHE A 221 26.96 6.98 15.08
N ILE A 222 27.43 7.72 16.09
CA ILE A 222 28.78 7.47 16.58
C ILE A 222 28.93 6.00 16.93
N LEU A 223 28.14 5.53 17.88
CA LEU A 223 28.38 4.19 18.42
C LEU A 223 28.20 3.11 17.37
N GLN A 224 27.29 3.29 16.41
CA GLN A 224 26.98 2.22 15.47
C GLN A 224 27.68 2.34 14.12
N THR A 225 28.36 3.44 13.84
CA THR A 225 29.00 3.59 12.54
C THR A 225 30.45 4.05 12.64
N TYR A 226 30.78 4.92 13.59
CA TYR A 226 32.08 5.55 13.63
C TYR A 226 33.06 4.79 14.51
N MET A 227 32.61 4.30 15.66
CA MET A 227 33.50 3.52 16.52
C MET A 227 33.92 2.22 15.84
N PRO A 228 33.01 1.43 15.27
CA PRO A 228 33.46 0.20 14.59
C PRO A 228 34.45 0.47 13.47
N SER A 229 34.24 1.51 12.69
CA SER A 229 35.17 1.79 11.60
C SER A 229 36.56 2.08 12.14
N ILE A 230 36.65 2.89 13.20
CA ILE A 230 37.95 3.25 13.75
C ILE A 230 38.62 2.04 14.39
N LEU A 231 37.83 1.19 15.05
CA LEU A 231 38.43 0.00 15.66
C LEU A 231 38.97 -0.95 14.60
N ILE A 232 38.24 -1.14 13.50
CA ILE A 232 38.78 -1.96 12.42
C ILE A 232 40.00 -1.30 11.81
N THR A 233 40.03 0.04 11.75
CA THR A 233 41.22 0.71 11.27
C THR A 233 42.43 0.41 12.15
N ILE A 234 42.23 0.43 13.47
CA ILE A 234 43.33 0.10 14.37
C ILE A 234 43.79 -1.34 14.13
N LEU A 235 42.84 -2.27 14.06
CA LEU A 235 43.21 -3.66 13.75
C LEU A 235 44.01 -3.74 12.46
N SER A 236 43.66 -2.93 11.46
CA SER A 236 44.47 -2.89 10.25
C SER A 236 45.88 -2.41 10.56
N TRP A 237 46.01 -1.40 11.40
CA TRP A 237 47.34 -0.94 11.78
C TRP A 237 48.15 -2.01 12.49
N VAL A 238 47.50 -2.94 13.19
CA VAL A 238 48.23 -3.95 13.94
C VAL A 238 49.16 -4.75 13.03
N SER A 239 48.90 -4.79 11.72
CA SER A 239 49.76 -5.52 10.82
C SER A 239 51.19 -5.03 10.85
N PHE A 240 51.42 -3.79 11.27
CA PHE A 240 52.77 -3.25 11.28
C PHE A 240 53.60 -3.83 12.41
N TRP A 241 53.00 -4.02 13.58
CA TRP A 241 53.77 -4.55 14.70
C TRP A 241 54.19 -5.99 14.43
N ILE A 242 53.36 -6.74 13.70
CA ILE A 242 53.70 -8.11 13.36
C ILE A 242 54.95 -8.12 12.47
N ASN A 243 55.95 -8.88 12.88
CA ASN A 243 57.21 -8.90 12.14
C ASN A 243 56.99 -9.38 10.71
N TYR A 244 57.74 -8.78 9.78
CA TYR A 244 57.48 -8.97 8.36
C TYR A 244 57.50 -10.44 7.96
N ASP A 245 58.45 -11.21 8.50
CA ASP A 245 58.66 -12.57 8.00
C ASP A 245 57.39 -13.40 8.05
N ALA A 246 56.53 -13.15 9.03
CA ALA A 246 55.22 -13.81 9.07
C ALA A 246 54.32 -13.21 8.01
N SER A 247 54.32 -13.79 6.81
CA SER A 247 53.54 -13.25 5.71
C SER A 247 52.09 -13.69 5.75
N ALA A 248 51.83 -14.95 6.11
CA ALA A 248 50.46 -15.42 6.17
C ALA A 248 49.65 -14.61 7.17
N ALA A 249 50.24 -14.34 8.34
CA ALA A 249 49.51 -13.60 9.36
C ALA A 249 49.21 -12.18 8.91
N ARG A 250 50.20 -11.50 8.34
CA ARG A 250 49.98 -10.12 7.92
C ARG A 250 48.97 -10.04 6.77
N VAL A 251 49.08 -10.95 5.79
CA VAL A 251 48.09 -10.97 4.72
C VAL A 251 46.71 -11.23 5.28
N ALA A 252 46.58 -12.23 6.15
CA ALA A 252 45.27 -12.55 6.71
C ALA A 252 44.69 -11.35 7.44
N LEU A 253 45.48 -10.73 8.31
CA LEU A 253 45.01 -9.57 9.05
C LEU A 253 44.54 -8.47 8.11
N GLY A 254 45.39 -8.08 7.16
CA GLY A 254 45.03 -6.97 6.29
C GLY A 254 43.78 -7.26 5.48
N ILE A 255 43.73 -8.43 4.84
CA ILE A 255 42.64 -8.64 3.89
C ILE A 255 41.35 -8.95 4.65
N THR A 256 41.44 -9.56 5.84
CA THR A 256 40.23 -9.75 6.64
C THR A 256 39.73 -8.44 7.23
N THR A 257 40.64 -7.50 7.52
CA THR A 257 40.17 -6.16 7.90
C THR A 257 39.47 -5.48 6.73
N VAL A 258 39.98 -5.67 5.51
CA VAL A 258 39.26 -5.18 4.34
C VAL A 258 37.88 -5.81 4.27
N LEU A 259 37.81 -7.13 4.49
CA LEU A 259 36.53 -7.82 4.48
C LEU A 259 35.58 -7.22 5.50
N THR A 260 36.06 -7.02 6.73
CA THR A 260 35.22 -6.49 7.78
C THR A 260 34.75 -5.06 7.47
N MET A 261 35.65 -4.25 6.93
CA MET A 261 35.28 -2.89 6.54
C MET A 261 34.16 -2.93 5.50
N THR A 262 34.31 -3.80 4.50
CA THR A 262 33.25 -3.93 3.49
C THR A 262 31.95 -4.40 4.10
N THR A 263 32.02 -5.38 5.02
CA THR A 263 30.81 -5.90 5.63
C THR A 263 30.10 -4.82 6.43
N ILE A 264 30.85 -4.03 7.20
CA ILE A 264 30.24 -2.94 7.95
C ILE A 264 29.62 -1.92 7.01
N ASN A 265 30.33 -1.57 5.93
CA ASN A 265 29.79 -0.59 5.00
C ASN A 265 28.49 -1.09 4.37
N THR A 266 28.45 -2.36 3.97
CA THR A 266 27.25 -2.89 3.33
C THR A 266 26.10 -3.00 4.32
N HIS A 267 26.40 -3.38 5.56
CA HIS A 267 25.33 -3.46 6.55
C HIS A 267 24.80 -2.07 6.87
N LEU A 268 25.66 -1.05 6.83
CA LEU A 268 25.19 0.32 7.01
C LEU A 268 24.34 0.78 5.85
N ARG A 269 24.75 0.47 4.61
CA ARG A 269 23.80 0.57 3.50
C ARG A 269 22.45 0.02 3.92
N GLU A 270 22.42 -1.25 4.30
CA GLU A 270 21.16 -1.95 4.47
C GLU A 270 20.29 -1.29 5.53
N THR A 271 20.89 -0.89 6.66
CA THR A 271 20.10 -0.43 7.79
C THR A 271 19.74 1.05 7.67
N LEU A 272 20.65 1.87 7.17
CA LEU A 272 20.45 3.31 7.19
C LEU A 272 19.42 3.71 6.14
N PRO A 273 18.83 4.90 6.27
CA PRO A 273 17.91 5.37 5.24
C PRO A 273 18.61 5.49 3.90
N LYS A 274 17.84 5.28 2.83
CA LYS A 274 18.39 5.24 1.48
C LYS A 274 18.35 6.64 0.87
N ILE A 275 19.35 7.45 1.21
CA ILE A 275 19.57 8.73 0.56
C ILE A 275 20.58 8.49 -0.55
N PRO A 276 20.18 8.48 -1.81
CA PRO A 276 21.08 8.03 -2.87
C PRO A 276 22.06 9.08 -3.38
N TYR A 277 22.34 10.12 -2.61
CA TYR A 277 23.43 11.03 -2.94
C TYR A 277 24.45 11.06 -1.81
N VAL A 278 25.65 11.53 -2.14
CA VAL A 278 26.81 11.41 -1.25
C VAL A 278 26.58 12.19 0.03
N LYS A 279 27.07 11.65 1.14
CA LYS A 279 26.92 12.26 2.45
C LYS A 279 28.22 12.19 3.24
N ALA A 280 28.23 12.88 4.39
CA ALA A 280 29.42 12.94 5.22
C ALA A 280 29.80 11.56 5.75
N ILE A 281 28.80 10.77 6.14
CA ILE A 281 29.09 9.43 6.63
C ILE A 281 29.72 8.58 5.52
N ASP A 282 29.22 8.75 4.29
CA ASP A 282 29.82 8.04 3.17
C ASP A 282 31.27 8.45 2.97
N MET A 283 31.56 9.75 3.10
CA MET A 283 32.95 10.19 2.99
C MET A 283 33.81 9.55 4.08
N TYR A 284 33.30 9.49 5.32
CA TYR A 284 34.10 8.90 6.38
C TYR A 284 34.38 7.42 6.12
N LEU A 285 33.37 6.67 5.69
CA LEU A 285 33.60 5.26 5.42
C LEU A 285 34.56 5.06 4.26
N MET A 286 34.48 5.90 3.23
CA MET A 286 35.49 5.82 2.17
C MET A 286 36.88 6.12 2.70
N GLY A 287 37.01 7.09 3.61
CA GLY A 287 38.31 7.34 4.21
C GLY A 287 38.84 6.12 4.91
N CYS A 288 38.00 5.47 5.73
CA CYS A 288 38.43 4.29 6.46
C CYS A 288 38.82 3.16 5.52
N PHE A 289 38.00 2.93 4.48
CA PHE A 289 38.31 1.84 3.56
C PHE A 289 39.59 2.12 2.78
N VAL A 290 39.82 3.39 2.43
CA VAL A 290 41.08 3.75 1.78
C VAL A 290 42.25 3.48 2.71
N PHE A 291 42.09 3.76 4.00
CA PHE A 291 43.20 3.52 4.92
C PHE A 291 43.51 2.04 5.06
N VAL A 292 42.47 1.20 5.12
CA VAL A 292 42.72 -0.25 5.17
C VAL A 292 43.39 -0.72 3.89
N PHE A 293 42.90 -0.25 2.74
CA PHE A 293 43.53 -0.54 1.46
C PHE A 293 45.00 -0.16 1.46
N MET A 294 45.31 1.03 1.98
CA MET A 294 46.69 1.49 1.99
C MET A 294 47.55 0.67 2.93
N ALA A 295 47.00 0.23 4.06
CA ALA A 295 47.76 -0.65 4.95
C ALA A 295 48.15 -1.93 4.23
N LEU A 296 47.18 -2.53 3.52
CA LEU A 296 47.48 -3.76 2.80
C LEU A 296 48.52 -3.51 1.70
N LEU A 297 48.40 -2.39 0.99
CA LEU A 297 49.38 -2.09 -0.05
C LEU A 297 50.76 -1.88 0.55
N GLU A 298 50.84 -1.24 1.71
CA GLU A 298 52.12 -1.05 2.37
C GLU A 298 52.76 -2.39 2.70
N TYR A 299 51.97 -3.31 3.26
CA TYR A 299 52.52 -4.62 3.52
C TYR A 299 53.00 -5.29 2.24
N ALA A 300 52.23 -5.16 1.15
CA ALA A 300 52.64 -5.77 -0.10
C ALA A 300 53.98 -5.21 -0.57
N LEU A 301 54.14 -3.89 -0.48
CA LEU A 301 55.39 -3.28 -0.88
C LEU A 301 56.56 -3.79 -0.04
N VAL A 302 56.35 -3.88 1.28
CA VAL A 302 57.40 -4.37 2.17
C VAL A 302 57.79 -5.78 1.78
N ASN A 303 56.80 -6.66 1.63
CA ASN A 303 57.10 -8.05 1.33
C ASN A 303 57.74 -8.20 -0.04
N TYR A 304 57.45 -7.29 -0.97
CA TYR A 304 58.10 -7.35 -2.28
C TYR A 304 59.55 -6.91 -2.22
N ILE A 305 59.84 -5.85 -1.46
CA ILE A 305 61.19 -5.27 -1.48
C ILE A 305 62.07 -5.76 -0.35
N PHE A 306 61.59 -6.69 0.48
CA PHE A 306 62.45 -7.13 1.58
C PHE A 306 63.64 -7.95 1.12
N PHE A 307 63.40 -9.10 0.49
CA PHE A 307 64.46 -10.04 0.19
C PHE A 307 65.55 -9.38 -0.66
N SER A 308 65.24 -8.22 -1.24
CA SER A 308 66.20 -7.44 -2.00
C SER A 308 66.91 -6.41 -1.13
N GLN A 309 66.15 -5.51 -0.51
CA GLN A 309 66.68 -4.47 0.39
C GLN A 309 65.95 -4.55 1.72
N PRO A 310 66.41 -5.44 2.62
CA PRO A 310 65.76 -5.53 3.94
C PRO A 310 65.82 -4.24 4.73
N ALA A 311 66.89 -3.46 4.58
CA ALA A 311 66.95 -2.17 5.26
C ALA A 311 65.80 -1.27 4.82
N ARG A 312 65.61 -1.15 3.50
CA ARG A 312 64.51 -0.33 2.99
C ARG A 312 63.17 -0.87 3.44
N ALA A 313 62.99 -2.19 3.40
CA ALA A 313 61.71 -2.77 3.78
C ALA A 313 61.38 -2.49 5.25
N ALA A 314 62.36 -2.68 6.13
CA ALA A 314 62.11 -2.44 7.55
C ALA A 314 61.91 -0.95 7.83
N ALA A 315 62.65 -0.09 7.13
CA ALA A 315 62.44 1.34 7.30
C ALA A 315 61.03 1.73 6.87
N ILE A 316 60.54 1.13 5.79
CA ILE A 316 59.18 1.38 5.33
C ILE A 316 58.17 0.93 6.38
N ASP A 317 58.39 -0.27 6.94
CA ASP A 317 57.52 -0.75 8.00
C ASP A 317 57.46 0.25 9.15
N ARG A 318 58.62 0.70 9.61
CA ARG A 318 58.66 1.64 10.73
C ARG A 318 57.97 2.95 10.38
N TRP A 319 58.23 3.47 9.18
CA TRP A 319 57.64 4.73 8.75
C TRP A 319 56.11 4.64 8.74
N SER A 320 55.57 3.57 8.16
CA SER A 320 54.13 3.40 8.17
C SER A 320 53.61 3.26 9.60
N ARG A 321 54.28 2.44 10.41
CA ARG A 321 53.86 2.23 11.78
C ARG A 321 53.78 3.53 12.55
N ILE A 322 54.62 4.50 12.21
CA ILE A 322 54.63 5.74 12.98
C ILE A 322 53.75 6.83 12.38
N PHE A 323 53.42 6.76 11.08
CA PHE A 323 52.67 7.85 10.45
C PHE A 323 51.27 7.52 9.99
N PHE A 324 50.89 6.25 9.81
CA PHE A 324 49.48 5.98 9.49
C PHE A 324 48.54 6.45 10.60
N PRO A 325 48.78 6.16 11.88
CA PRO A 325 47.91 6.76 12.91
C PRO A 325 47.90 8.27 12.86
N VAL A 326 49.04 8.90 12.54
CA VAL A 326 49.08 10.36 12.45
C VAL A 326 48.16 10.84 11.34
N VAL A 327 48.25 10.21 10.17
CA VAL A 327 47.45 10.65 9.03
C VAL A 327 45.97 10.38 9.30
N PHE A 328 45.65 9.27 9.97
CA PHE A 328 44.26 9.00 10.30
C PHE A 328 43.72 10.04 11.27
N SER A 329 44.51 10.42 12.27
CA SER A 329 44.08 11.45 13.20
C SER A 329 43.88 12.78 12.47
N PHE A 330 44.79 13.10 11.56
CA PHE A 330 44.62 14.31 10.76
C PHE A 330 43.33 14.28 9.96
N PHE A 331 43.04 13.12 9.35
CA PHE A 331 41.79 12.95 8.60
C PHE A 331 40.58 13.15 9.50
N ASN A 332 40.60 12.55 10.69
CA ASN A 332 39.50 12.74 11.63
C ASN A 332 39.33 14.22 11.96
N ILE A 333 40.44 14.89 12.27
CA ILE A 333 40.34 16.30 12.66
C ILE A 333 39.73 17.11 11.53
N VAL A 334 40.25 16.96 10.32
CA VAL A 334 39.75 17.78 9.22
C VAL A 334 38.30 17.47 8.91
N TYR A 335 37.94 16.18 8.91
CA TYR A 335 36.57 15.79 8.59
C TYR A 335 35.58 16.32 9.61
N TRP A 336 35.88 16.11 10.90
CA TRP A 336 34.94 16.52 11.94
C TRP A 336 34.89 18.03 12.08
N LEU A 337 35.99 18.75 11.80
CA LEU A 337 35.93 20.20 11.83
C LEU A 337 35.33 20.79 10.56
N TYR A 338 35.22 20.00 9.50
CA TYR A 338 34.53 20.47 8.30
C TYR A 338 33.05 20.13 8.28
N TYR A 339 32.62 19.14 9.07
CA TYR A 339 31.21 18.78 9.17
C TYR A 339 30.61 19.20 10.52
N VAL A 340 31.23 20.18 11.19
CA VAL A 340 30.67 20.74 12.41
C VAL A 340 30.89 22.24 12.42
N ASP B 10 -27.81 46.82 1.80
CA ASP B 10 -28.56 45.79 1.08
C ASP B 10 -27.75 45.24 -0.08
N ASN B 11 -26.43 45.40 -0.01
CA ASN B 11 -25.56 44.81 -1.03
C ASN B 11 -25.65 43.29 -1.04
N THR B 12 -26.04 42.68 0.08
CA THR B 12 -26.15 41.23 0.13
C THR B 12 -27.36 40.72 -0.64
N THR B 13 -28.43 41.52 -0.71
CA THR B 13 -29.64 41.07 -1.38
C THR B 13 -29.36 40.76 -2.86
N VAL B 14 -28.66 41.66 -3.54
CA VAL B 14 -28.41 41.44 -4.97
C VAL B 14 -27.52 40.22 -5.17
N PHE B 15 -26.51 40.06 -4.30
CA PHE B 15 -25.63 38.90 -4.42
C PHE B 15 -26.41 37.61 -4.28
N THR B 16 -27.28 37.53 -3.27
CA THR B 16 -28.06 36.31 -3.07
C THR B 16 -29.05 36.09 -4.20
N ARG B 17 -29.66 37.17 -4.72
CA ARG B 17 -30.57 37.04 -5.84
C ARG B 17 -29.84 36.46 -7.05
N ILE B 18 -28.66 36.99 -7.36
CA ILE B 18 -27.89 36.47 -8.48
C ILE B 18 -27.54 35.02 -8.25
N LEU B 19 -27.13 34.66 -7.03
CA LEU B 19 -26.69 33.30 -6.79
C LEU B 19 -27.85 32.32 -6.92
N ASP B 20 -29.06 32.71 -6.50
CA ASP B 20 -30.20 31.82 -6.64
C ASP B 20 -30.67 31.73 -8.09
N ARG B 21 -30.73 32.86 -8.79
CA ARG B 21 -31.23 32.86 -10.16
C ARG B 21 -30.24 32.27 -11.16
N LEU B 22 -28.95 32.20 -10.81
CA LEU B 22 -27.95 31.78 -11.78
C LEU B 22 -28.19 30.35 -12.26
N LEU B 23 -28.82 29.53 -11.43
CA LEU B 23 -28.94 28.10 -11.70
C LEU B 23 -30.36 27.67 -12.05
N ASP B 24 -31.14 28.56 -12.69
CA ASP B 24 -32.53 28.26 -13.02
C ASP B 24 -32.60 27.59 -14.39
N GLY B 25 -33.08 26.36 -14.41
CA GLY B 25 -33.21 25.61 -15.64
C GLY B 25 -31.93 24.97 -16.13
N TYR B 26 -30.85 25.04 -15.37
CA TYR B 26 -29.58 24.50 -15.80
C TYR B 26 -29.59 22.98 -15.65
N ASP B 27 -29.24 22.27 -16.72
CA ASP B 27 -29.09 20.82 -16.71
C ASP B 27 -27.60 20.51 -16.71
N ASN B 28 -27.09 20.04 -15.58
CA ASN B 28 -25.67 19.78 -15.44
C ASN B 28 -25.26 18.46 -16.06
N ARG B 29 -26.12 17.83 -16.86
CA ARG B 29 -25.76 16.63 -17.60
C ARG B 29 -25.37 16.92 -19.03
N LEU B 30 -25.50 18.16 -19.48
CA LEU B 30 -25.26 18.55 -20.86
C LEU B 30 -24.12 19.56 -20.90
N ARG B 31 -23.05 19.24 -21.60
CA ARG B 31 -21.94 20.15 -21.70
C ARG B 31 -22.37 21.42 -22.43
N PRO B 32 -21.76 22.56 -22.13
CA PRO B 32 -22.12 23.78 -22.84
C PRO B 32 -21.93 23.61 -24.34
N GLY B 33 -22.88 24.11 -25.11
CA GLY B 33 -22.85 23.93 -26.54
C GLY B 33 -22.89 22.47 -26.92
N LEU B 34 -23.87 21.74 -26.40
CA LEU B 34 -23.91 20.30 -26.61
C LEU B 34 -23.97 19.92 -28.08
N GLY B 35 -24.63 20.72 -28.90
CA GLY B 35 -24.71 20.42 -30.32
C GLY B 35 -24.27 21.57 -31.19
N GLU B 36 -24.16 22.76 -30.62
CA GLU B 36 -23.85 23.95 -31.42
C GLU B 36 -22.35 24.10 -31.66
N ARG B 37 -21.53 23.83 -30.65
CA ARG B 37 -20.12 24.15 -30.71
C ARG B 37 -19.32 22.96 -30.18
N VAL B 38 -18.03 23.20 -29.95
CA VAL B 38 -17.15 22.27 -29.28
C VAL B 38 -16.56 22.99 -28.08
N THR B 39 -16.61 22.36 -26.92
CA THR B 39 -16.16 23.02 -25.70
C THR B 39 -14.65 23.14 -25.70
N GLU B 40 -14.16 24.38 -25.72
CA GLU B 40 -12.73 24.64 -25.59
C GLU B 40 -12.41 24.80 -24.12
N VAL B 41 -11.47 23.99 -23.62
CA VAL B 41 -11.02 24.08 -22.24
C VAL B 41 -9.56 24.52 -22.28
N LYS B 42 -9.28 25.71 -21.74
CA LYS B 42 -7.92 26.19 -21.61
C LYS B 42 -7.38 25.72 -20.28
N THR B 43 -6.42 24.81 -20.33
CA THR B 43 -5.84 24.22 -19.14
C THR B 43 -4.56 24.95 -18.77
N ASP B 44 -4.17 24.79 -17.51
CA ASP B 44 -2.97 25.42 -17.00
C ASP B 44 -2.56 24.66 -15.76
N ILE B 45 -1.26 24.55 -15.54
CA ILE B 45 -0.73 23.81 -14.40
C ILE B 45 0.34 24.63 -13.71
N PHE B 46 0.37 24.58 -12.39
CA PHE B 46 1.47 25.14 -11.61
C PHE B 46 1.95 24.06 -10.66
N VAL B 47 3.14 23.52 -10.92
CA VAL B 47 3.66 22.37 -10.18
C VAL B 47 4.32 22.90 -8.90
N THR B 48 3.62 22.77 -7.77
CA THR B 48 4.17 23.23 -6.51
C THR B 48 5.43 22.47 -6.14
N SER B 49 5.45 21.16 -6.40
CA SER B 49 6.61 20.35 -6.05
C SER B 49 6.61 19.08 -6.88
N PHE B 50 7.75 18.75 -7.46
CA PHE B 50 7.92 17.52 -8.23
C PHE B 50 8.37 16.43 -7.27
N GLY B 51 7.41 15.75 -6.68
CA GLY B 51 7.65 14.85 -5.57
C GLY B 51 8.60 13.74 -5.91
N PRO B 52 8.78 12.82 -4.99
CA PRO B 52 9.80 11.78 -5.17
C PRO B 52 9.52 10.90 -6.36
N VAL B 53 10.58 10.44 -7.00
CA VAL B 53 10.50 9.51 -8.12
C VAL B 53 10.93 8.16 -7.59
N SER B 54 10.00 7.21 -7.53
CA SER B 54 10.27 5.88 -6.98
C SER B 54 10.66 4.95 -8.12
N ASP B 55 11.93 4.53 -8.15
CA ASP B 55 12.41 3.67 -9.21
C ASP B 55 11.94 2.22 -9.04
N HIS B 56 11.72 1.78 -7.81
CA HIS B 56 11.21 0.42 -7.60
C HIS B 56 9.81 0.26 -8.14
N ASP B 57 8.93 1.23 -7.89
CA ASP B 57 7.55 1.19 -8.36
C ASP B 57 7.37 1.80 -9.74
N MET B 58 8.43 2.32 -10.35
CA MET B 58 8.35 2.98 -11.65
C MET B 58 7.23 4.01 -11.68
N GLU B 59 7.31 4.95 -10.75
CA GLU B 59 6.29 5.97 -10.59
C GLU B 59 6.92 7.20 -9.97
N TYR B 60 6.24 8.34 -10.16
CA TYR B 60 6.66 9.58 -9.54
C TYR B 60 5.42 10.28 -8.99
N THR B 61 5.65 11.25 -8.12
CA THR B 61 4.59 12.02 -7.51
C THR B 61 4.77 13.49 -7.87
N ILE B 62 3.67 14.13 -8.23
CA ILE B 62 3.67 15.54 -8.60
C ILE B 62 2.51 16.19 -7.86
N ASP B 63 2.71 17.41 -7.41
CA ASP B 63 1.68 18.14 -6.69
C ASP B 63 1.41 19.43 -7.47
N VAL B 64 0.16 19.63 -7.89
CA VAL B 64 -0.14 20.66 -8.86
C VAL B 64 -1.32 21.50 -8.41
N PHE B 65 -1.34 22.74 -8.88
CA PHE B 65 -2.52 23.57 -8.94
C PHE B 65 -2.99 23.52 -10.39
N PHE B 66 -4.12 22.88 -10.60
CA PHE B 66 -4.66 22.59 -11.92
C PHE B 66 -5.80 23.55 -12.20
N ARG B 67 -5.63 24.44 -13.17
CA ARG B 67 -6.63 25.45 -13.50
C ARG B 67 -7.21 25.13 -14.86
N GLN B 68 -8.54 25.16 -14.96
CA GLN B 68 -9.21 24.98 -16.24
C GLN B 68 -10.19 26.12 -16.44
N SER B 69 -10.17 26.73 -17.62
CA SER B 69 -11.11 27.78 -17.96
C SER B 69 -11.91 27.34 -19.16
N TRP B 70 -13.23 27.48 -19.09
CA TRP B 70 -14.08 27.20 -20.24
C TRP B 70 -15.20 28.22 -20.28
N LYS B 71 -16.07 28.10 -21.27
CA LYS B 71 -17.10 29.09 -21.50
C LYS B 71 -18.46 28.42 -21.52
N ASP B 72 -19.30 28.81 -20.56
CA ASP B 72 -20.68 28.33 -20.46
C ASP B 72 -21.58 29.55 -20.56
N GLU B 73 -22.34 29.64 -21.65
CA GLU B 73 -23.21 30.78 -21.84
C GLU B 73 -24.50 30.70 -21.05
N ARG B 74 -24.82 29.53 -20.48
CA ARG B 74 -25.99 29.39 -19.64
C ARG B 74 -25.84 30.06 -18.29
N LEU B 75 -24.64 30.54 -17.96
CA LEU B 75 -24.36 31.11 -16.64
C LEU B 75 -24.04 32.59 -16.71
N LYS B 76 -24.43 33.27 -17.79
CA LYS B 76 -24.29 34.71 -17.83
C LYS B 76 -25.23 35.35 -16.81
N PHE B 77 -24.81 36.51 -16.29
CA PHE B 77 -25.62 37.24 -15.34
C PHE B 77 -25.28 38.73 -15.46
N LYS B 78 -26.18 39.56 -14.96
CA LYS B 78 -25.99 41.01 -14.97
C LYS B 78 -26.15 41.52 -13.54
N GLY B 79 -25.05 42.03 -12.97
CA GLY B 79 -25.07 42.56 -11.63
C GLY B 79 -23.96 43.56 -11.42
N PRO B 80 -23.92 44.18 -10.25
CA PRO B 80 -22.85 45.15 -9.98
C PRO B 80 -21.47 44.54 -10.02
N MET B 81 -21.37 43.26 -9.69
CA MET B 81 -20.11 42.54 -9.62
C MET B 81 -19.84 41.83 -10.94
N THR B 82 -18.66 42.05 -11.51
CA THR B 82 -18.29 41.38 -12.75
C THR B 82 -18.04 39.89 -12.51
N VAL B 83 -17.54 39.53 -11.33
CA VAL B 83 -17.09 38.17 -11.06
C VAL B 83 -17.68 37.71 -9.74
N LEU B 84 -18.18 36.48 -9.71
CA LEU B 84 -18.66 35.89 -8.47
C LEU B 84 -18.07 34.50 -8.27
N ARG B 85 -17.69 34.23 -7.04
CA ARG B 85 -17.12 32.95 -6.64
C ARG B 85 -18.23 32.05 -6.13
N LEU B 86 -18.17 30.77 -6.46
CA LEU B 86 -19.26 29.85 -6.24
C LEU B 86 -18.94 28.92 -5.09
N ASN B 87 -19.90 28.76 -4.18
CA ASN B 87 -19.81 27.79 -3.10
C ASN B 87 -19.49 26.41 -3.67
N ASN B 88 -18.94 25.51 -2.86
CA ASN B 88 -18.63 24.18 -3.36
C ASN B 88 -19.90 23.36 -3.62
N LEU B 89 -20.91 23.56 -2.79
CA LEU B 89 -22.18 22.88 -3.00
C LEU B 89 -22.77 23.24 -4.35
N MET B 90 -22.67 24.51 -4.73
CA MET B 90 -23.18 24.91 -6.04
C MET B 90 -22.21 24.54 -7.16
N ALA B 91 -20.91 24.57 -6.89
CA ALA B 91 -19.94 24.16 -7.90
C ALA B 91 -20.12 22.71 -8.28
N SER B 92 -20.67 21.91 -7.36
CA SER B 92 -21.03 20.55 -7.72
C SER B 92 -22.30 20.47 -8.55
N LYS B 93 -23.01 21.59 -8.70
CA LYS B 93 -24.30 21.61 -9.38
C LYS B 93 -24.20 21.98 -10.86
N ILE B 94 -23.04 22.40 -11.33
CA ILE B 94 -22.87 22.81 -12.72
C ILE B 94 -21.97 21.81 -13.43
N TRP B 95 -21.89 21.94 -14.74
CA TRP B 95 -21.07 21.05 -15.56
C TRP B 95 -19.61 21.48 -15.45
N THR B 96 -18.75 20.56 -15.03
CA THR B 96 -17.32 20.78 -15.03
C THR B 96 -16.65 19.70 -15.87
N PRO B 97 -15.63 20.04 -16.65
CA PRO B 97 -15.00 19.03 -17.49
C PRO B 97 -14.43 17.90 -16.65
N ASP B 98 -14.57 16.68 -17.14
CA ASP B 98 -14.18 15.50 -16.38
C ASP B 98 -12.76 15.08 -16.74
N THR B 99 -11.84 16.02 -16.52
CA THR B 99 -10.44 15.77 -16.83
C THR B 99 -9.90 14.67 -15.94
N PHE B 100 -9.05 13.82 -16.53
CA PHE B 100 -8.37 12.78 -15.78
C PHE B 100 -6.98 12.60 -16.37
N PHE B 101 -6.11 11.97 -15.58
CA PHE B 101 -4.70 11.82 -15.96
C PHE B 101 -4.51 10.43 -16.53
N HIS B 102 -4.13 10.36 -17.81
CA HIS B 102 -4.12 9.08 -18.51
C HIS B 102 -3.23 8.06 -17.81
N ASN B 103 -2.09 8.51 -17.28
CA ASN B 103 -1.12 7.61 -16.69
C ASN B 103 -1.08 7.72 -15.17
N GLY B 104 -2.07 8.36 -14.57
CA GLY B 104 -2.13 8.39 -13.12
C GLY B 104 -2.35 7.00 -12.54
N LYS B 105 -1.74 6.76 -11.39
CA LYS B 105 -1.94 5.53 -10.64
C LYS B 105 -2.94 5.71 -9.50
N LYS B 106 -2.76 6.75 -8.71
CA LYS B 106 -3.72 7.06 -7.65
C LYS B 106 -3.48 8.51 -7.26
N SER B 107 -4.43 9.39 -7.58
CA SER B 107 -4.30 10.81 -7.31
C SER B 107 -5.37 11.24 -6.32
N VAL B 108 -5.05 12.24 -5.51
CA VAL B 108 -5.94 12.70 -4.46
C VAL B 108 -6.14 14.21 -4.59
N ALA B 109 -7.38 14.64 -4.48
CA ALA B 109 -7.73 16.06 -4.48
C ALA B 109 -7.89 16.49 -3.03
N HIS B 110 -6.96 17.32 -2.55
CA HIS B 110 -6.93 17.66 -1.13
C HIS B 110 -8.18 18.42 -0.74
N ASN B 111 -8.70 18.11 0.44
CA ASN B 111 -9.88 18.78 0.99
C ASN B 111 -9.70 19.05 2.47
N MET B 112 -8.54 19.59 2.83
CA MET B 112 -8.22 19.93 4.22
C MET B 112 -7.87 21.41 4.28
N THR B 113 -8.56 22.18 5.12
CA THR B 113 -9.68 21.76 5.96
C THR B 113 -10.98 21.73 5.17
N MET B 114 -11.06 22.54 4.13
CA MET B 114 -12.19 22.59 3.22
C MET B 114 -11.73 22.18 1.83
N PRO B 115 -12.65 21.74 0.97
CA PRO B 115 -12.24 21.35 -0.38
C PRO B 115 -11.33 22.38 -1.03
N ASN B 116 -10.15 21.95 -1.46
CA ASN B 116 -9.18 22.84 -2.10
C ASN B 116 -9.56 23.04 -3.57
N LYS B 117 -10.76 23.54 -3.77
CA LYS B 117 -11.28 23.84 -5.09
C LYS B 117 -11.86 25.25 -5.06
N LEU B 118 -11.75 25.94 -6.18
CA LEU B 118 -12.33 27.27 -6.29
C LEU B 118 -12.95 27.39 -7.67
N LEU B 119 -14.19 27.84 -7.73
CA LEU B 119 -14.91 28.02 -8.98
C LEU B 119 -15.34 29.47 -9.10
N ARG B 120 -15.01 30.11 -10.21
CA ARG B 120 -15.22 31.54 -10.38
C ARG B 120 -15.94 31.75 -11.70
N ILE B 121 -16.97 32.59 -11.71
CA ILE B 121 -17.73 32.88 -12.90
C ILE B 121 -17.63 34.37 -13.19
N THR B 122 -17.24 34.72 -14.41
CA THR B 122 -17.34 36.10 -14.85
C THR B 122 -18.70 36.32 -15.50
N GLU B 123 -19.14 37.58 -15.51
CA GLU B 123 -20.45 37.88 -16.06
C GLU B 123 -20.57 37.47 -17.53
N ASP B 124 -19.43 37.33 -18.21
CA ASP B 124 -19.43 36.90 -19.60
C ASP B 124 -19.79 35.43 -19.75
N GLY B 125 -19.87 34.68 -18.66
CA GLY B 125 -20.09 33.25 -18.72
C GLY B 125 -18.84 32.41 -18.66
N THR B 126 -17.67 33.04 -18.53
CA THR B 126 -16.42 32.30 -18.47
C THR B 126 -16.21 31.75 -17.07
N LEU B 127 -15.96 30.45 -16.98
CA LEU B 127 -15.74 29.76 -15.72
C LEU B 127 -14.27 29.41 -15.60
N LEU B 128 -13.70 29.71 -14.43
CA LEU B 128 -12.36 29.28 -14.05
C LEU B 128 -12.50 28.35 -12.86
N TYR B 129 -11.88 27.19 -12.94
CA TYR B 129 -12.04 26.14 -11.94
C TYR B 129 -10.64 25.67 -11.57
N THR B 130 -10.21 25.97 -10.36
CA THR B 130 -8.87 25.66 -9.91
C THR B 130 -8.92 24.62 -8.81
N MET B 131 -8.14 23.56 -8.96
CA MET B 131 -8.05 22.48 -8.00
C MET B 131 -6.62 22.38 -7.52
N ARG B 132 -6.44 21.84 -6.33
CA ARG B 132 -5.14 21.46 -5.82
C ARG B 132 -5.12 19.96 -5.66
N LEU B 133 -4.17 19.29 -6.30
CA LEU B 133 -4.23 17.84 -6.27
C LEU B 133 -2.85 17.23 -6.45
N THR B 134 -2.69 16.05 -5.86
CA THR B 134 -1.45 15.28 -5.93
C THR B 134 -1.69 14.10 -6.85
N VAL B 135 -0.90 14.00 -7.91
CA VAL B 135 -1.01 12.91 -8.87
C VAL B 135 0.20 12.01 -8.69
N ARG B 136 -0.05 10.74 -8.44
CA ARG B 136 1.01 9.74 -8.38
C ARG B 136 0.98 9.01 -9.71
N ALA B 137 1.75 9.50 -10.66
CA ALA B 137 1.70 9.00 -12.03
C ALA B 137 2.76 7.94 -12.24
N GLU B 138 2.61 7.17 -13.31
CA GLU B 138 3.54 6.11 -13.63
C GLU B 138 4.53 6.59 -14.68
N CYS B 139 5.80 6.28 -14.46
CA CYS B 139 6.88 6.68 -15.35
C CYS B 139 7.61 5.43 -15.82
N PRO B 140 7.27 4.88 -16.98
CA PRO B 140 7.98 3.68 -17.46
C PRO B 140 9.46 4.00 -17.65
N MET B 141 10.31 3.20 -17.02
CA MET B 141 11.73 3.46 -16.97
C MET B 141 12.50 2.37 -17.69
N HIS B 142 13.49 2.80 -18.45
CA HIS B 142 14.44 1.91 -19.11
C HIS B 142 15.79 2.08 -18.43
N LEU B 143 16.33 1.01 -17.86
CA LEU B 143 17.50 1.07 -17.01
C LEU B 143 18.70 0.35 -17.64
N GLU B 144 18.89 0.53 -18.95
CA GLU B 144 20.11 0.00 -19.57
C GLU B 144 21.33 0.71 -19.01
N ASP B 145 21.28 2.03 -18.94
CA ASP B 145 22.44 2.84 -18.58
C ASP B 145 22.52 3.10 -17.08
N PHE B 146 21.74 2.41 -16.28
CA PHE B 146 21.78 2.66 -14.85
C PHE B 146 23.21 2.46 -14.37
N PRO B 147 23.73 3.33 -13.49
CA PRO B 147 23.12 4.49 -12.86
C PRO B 147 23.26 5.74 -13.70
N MET B 148 23.63 5.57 -14.97
CA MET B 148 23.90 6.68 -15.87
C MET B 148 22.75 6.93 -16.82
N ASP B 149 21.53 6.65 -16.39
CA ASP B 149 20.36 6.75 -17.26
C ASP B 149 19.70 8.11 -17.12
N ALA B 150 18.94 8.47 -18.14
CA ALA B 150 18.10 9.66 -18.14
C ALA B 150 16.71 9.27 -18.61
N HIS B 151 15.70 9.90 -18.04
CA HIS B 151 14.32 9.55 -18.30
C HIS B 151 13.52 10.78 -18.65
N ALA B 152 12.37 10.55 -19.28
CA ALA B 152 11.40 11.60 -19.60
C ALA B 152 10.07 11.14 -19.02
N CYS B 153 9.82 11.50 -17.77
CA CYS B 153 8.61 11.05 -17.09
C CYS B 153 7.41 11.81 -17.61
N PRO B 154 6.38 11.15 -18.12
CA PRO B 154 5.24 11.89 -18.68
C PRO B 154 4.13 12.13 -17.69
N LEU B 155 3.43 13.24 -17.90
CA LEU B 155 2.17 13.55 -17.24
C LEU B 155 1.19 13.86 -18.35
N LYS B 156 0.35 12.89 -18.69
CA LYS B 156 -0.63 13.05 -19.76
C LYS B 156 -2.01 13.11 -19.13
N PHE B 157 -2.75 14.15 -19.47
CA PHE B 157 -4.14 14.23 -19.06
C PHE B 157 -5.02 14.55 -20.26
N GLY B 158 -6.31 14.47 -20.02
CA GLY B 158 -7.27 14.67 -21.09
C GLY B 158 -8.67 14.52 -20.54
N SER B 159 -9.63 14.39 -21.44
CA SER B 159 -11.02 14.24 -21.06
C SER B 159 -11.40 12.78 -21.13
N TYR B 160 -12.09 12.31 -20.09
CA TYR B 160 -12.74 11.03 -20.14
C TYR B 160 -14.13 11.25 -20.71
N ALA B 161 -14.54 10.39 -21.64
CA ALA B 161 -15.90 10.30 -22.15
C ALA B 161 -16.27 11.38 -23.17
N TYR B 162 -15.46 12.41 -23.39
CA TYR B 162 -15.71 13.37 -24.44
C TYR B 162 -14.62 13.28 -25.49
N THR B 163 -15.02 13.06 -26.74
CA THR B 163 -14.07 12.81 -27.81
C THR B 163 -13.54 14.12 -28.37
N ARG B 164 -12.77 14.04 -29.44
CA ARG B 164 -12.16 15.22 -30.02
C ARG B 164 -13.19 16.20 -30.55
N ALA B 165 -14.39 15.72 -30.86
CA ALA B 165 -15.43 16.54 -31.46
C ALA B 165 -16.31 17.23 -30.43
N GLU B 166 -16.08 17.00 -29.14
CA GLU B 166 -16.91 17.58 -28.10
C GLU B 166 -16.14 18.47 -27.14
N VAL B 167 -14.98 18.04 -26.69
CA VAL B 167 -14.18 18.79 -25.73
C VAL B 167 -12.74 18.78 -26.21
N VAL B 168 -12.25 19.95 -26.61
CA VAL B 168 -10.87 20.11 -27.05
C VAL B 168 -10.13 20.88 -25.97
N TYR B 169 -8.96 20.39 -25.61
CA TYR B 169 -8.11 21.01 -24.60
C TYR B 169 -7.02 21.82 -25.30
N GLU B 170 -6.73 23.00 -24.77
CA GLU B 170 -5.60 23.79 -25.26
C GLU B 170 -4.98 24.49 -24.06
N TRP B 171 -3.67 24.70 -24.11
CA TRP B 171 -2.96 25.40 -23.01
C TRP B 171 -3.41 26.85 -23.03
N THR B 172 -3.60 27.49 -21.89
CA THR B 172 -4.11 28.85 -21.78
C THR B 172 -3.15 29.86 -22.35
N ARG B 173 -1.87 29.53 -22.46
CA ARG B 173 -0.83 30.42 -23.02
C ARG B 173 -0.02 29.58 -23.98
N GLU B 174 1.22 29.92 -24.21
CA GLU B 174 2.10 29.15 -25.12
C GLU B 174 2.28 27.79 -24.45
N PRO B 175 2.62 26.71 -25.15
CA PRO B 175 2.69 25.43 -24.49
C PRO B 175 3.66 25.44 -23.28
N ALA B 176 4.90 25.89 -23.42
CA ALA B 176 5.93 25.74 -22.37
C ALA B 176 5.84 26.85 -21.34
N ARG B 177 4.78 27.65 -21.34
CA ARG B 177 4.54 28.75 -20.37
C ARG B 177 3.23 28.48 -19.66
N SER B 178 2.66 27.29 -19.87
CA SER B 178 1.38 26.87 -19.26
C SER B 178 1.62 25.74 -18.28
N VAL B 179 2.86 25.28 -18.11
CA VAL B 179 3.24 24.27 -17.09
C VAL B 179 4.48 24.82 -16.44
N VAL B 180 4.43 25.31 -15.23
CA VAL B 180 5.51 26.01 -14.54
C VAL B 180 5.82 25.26 -13.26
N VAL B 181 7.10 24.97 -13.03
CA VAL B 181 7.55 24.31 -11.82
C VAL B 181 8.10 25.39 -10.89
N ALA B 182 7.54 25.49 -9.69
CA ALA B 182 8.02 26.45 -8.72
C ALA B 182 9.52 26.31 -8.55
N GLU B 183 10.18 27.39 -8.14
CA GLU B 183 11.63 27.39 -8.08
C GLU B 183 12.15 26.48 -6.97
N ASP B 184 11.40 26.33 -5.88
CA ASP B 184 11.76 25.42 -4.81
C ASP B 184 11.03 24.09 -4.91
N GLY B 185 10.30 23.86 -5.99
CA GLY B 185 9.53 22.64 -6.14
C GLY B 185 10.28 21.52 -6.81
N SER B 186 11.22 20.93 -6.10
CA SER B 186 11.96 19.78 -6.63
C SER B 186 12.37 18.93 -5.42
N ARG B 187 11.60 17.88 -5.17
CA ARG B 187 11.75 17.04 -3.99
C ARG B 187 12.45 15.73 -4.30
N LEU B 188 13.39 15.74 -5.23
CA LEU B 188 14.08 14.53 -5.68
C LEU B 188 15.42 14.39 -4.99
N ASN B 189 15.72 13.19 -4.49
CA ASN B 189 17.03 12.88 -3.98
C ASN B 189 17.96 12.37 -5.07
N GLN B 190 17.48 11.45 -5.90
CA GLN B 190 18.32 10.79 -6.89
C GLN B 190 18.55 11.67 -8.10
N TYR B 191 17.48 12.06 -8.78
CA TYR B 191 17.55 12.65 -10.10
C TYR B 191 17.72 14.15 -10.03
N ASP B 192 17.89 14.76 -11.20
CA ASP B 192 17.94 16.21 -11.37
C ASP B 192 16.90 16.58 -12.41
N LEU B 193 15.89 17.34 -12.01
CA LEU B 193 14.91 17.85 -12.96
C LEU B 193 15.58 18.89 -13.84
N LEU B 194 15.81 18.56 -15.11
CA LEU B 194 16.39 19.53 -16.02
C LEU B 194 15.34 20.52 -16.50
N GLY B 195 14.30 20.04 -17.18
CA GLY B 195 13.25 20.91 -17.62
C GLY B 195 12.12 20.11 -18.23
N GLN B 196 10.95 20.73 -18.26
CA GLN B 196 9.76 20.10 -18.81
C GLN B 196 9.68 20.35 -20.31
N THR B 197 8.69 19.72 -20.95
CA THR B 197 8.46 19.88 -22.37
C THR B 197 7.01 19.50 -22.64
N VAL B 198 6.16 20.49 -22.89
CA VAL B 198 4.74 20.26 -22.99
C VAL B 198 4.38 20.04 -24.45
N ASP B 199 3.19 19.50 -24.67
CA ASP B 199 2.75 19.14 -26.01
C ASP B 199 1.25 18.88 -25.94
N SER B 200 0.65 18.74 -27.12
CA SER B 200 -0.74 18.34 -27.24
C SER B 200 -0.86 17.31 -28.36
N GLY B 201 -1.86 16.45 -28.26
CA GLY B 201 -2.00 15.39 -29.23
C GLY B 201 -3.41 14.87 -29.38
N ILE B 202 -3.56 13.77 -30.12
CA ILE B 202 -4.84 13.10 -30.31
C ILE B 202 -4.58 11.61 -30.29
N VAL B 203 -5.10 10.91 -29.29
CA VAL B 203 -4.96 9.47 -29.19
C VAL B 203 -6.28 8.82 -29.54
N GLN B 204 -6.23 7.59 -30.04
CA GLN B 204 -7.41 6.86 -30.47
C GLN B 204 -7.64 5.69 -29.53
N SER B 205 -8.84 5.62 -28.97
CA SER B 205 -9.18 4.58 -28.01
C SER B 205 -10.28 3.69 -28.59
N SER B 206 -10.77 2.78 -27.77
CA SER B 206 -11.89 1.94 -28.17
C SER B 206 -13.11 2.76 -28.51
N THR B 207 -13.21 3.98 -27.98
CA THR B 207 -14.42 4.78 -28.09
C THR B 207 -14.29 5.94 -29.08
N GLY B 208 -13.10 6.40 -29.37
CA GLY B 208 -12.95 7.46 -30.37
C GLY B 208 -11.62 8.17 -30.18
N GLU B 209 -11.56 9.37 -30.77
CA GLU B 209 -10.37 10.19 -30.75
C GLU B 209 -10.49 11.24 -29.65
N TYR B 210 -9.49 11.29 -28.77
CA TYR B 210 -9.50 12.20 -27.65
C TYR B 210 -8.32 13.15 -27.76
N VAL B 211 -8.50 14.36 -27.24
CA VAL B 211 -7.41 15.32 -27.15
C VAL B 211 -6.65 15.06 -25.86
N VAL B 212 -5.35 14.84 -25.98
CA VAL B 212 -4.49 14.52 -24.85
C VAL B 212 -3.40 15.57 -24.77
N MET B 213 -3.25 16.19 -23.62
CA MET B 213 -2.09 17.03 -23.35
C MET B 213 -1.05 16.27 -22.55
N THR B 214 0.20 16.43 -22.94
CA THR B 214 1.31 15.74 -22.31
C THR B 214 2.37 16.73 -21.87
N THR B 215 2.90 16.54 -20.68
CA THR B 215 4.12 17.18 -20.22
C THR B 215 5.18 16.10 -20.04
N HIS B 216 6.43 16.44 -20.28
CA HIS B 216 7.52 15.49 -20.12
C HIS B 216 8.56 16.14 -19.22
N PHE B 217 8.71 15.61 -18.01
CA PHE B 217 9.70 16.11 -17.08
C PHE B 217 10.97 15.30 -17.27
N HIS B 218 12.07 15.97 -17.58
CA HIS B 218 13.30 15.30 -17.93
C HIS B 218 14.17 15.15 -16.69
N LEU B 219 14.51 13.92 -16.36
CA LEU B 219 15.25 13.59 -15.15
C LEU B 219 16.57 12.95 -15.52
N LYS B 220 17.64 13.37 -14.86
CA LYS B 220 18.96 12.80 -15.02
C LYS B 220 19.46 12.33 -13.67
N ARG B 221 19.83 11.06 -13.57
CA ARG B 221 20.23 10.51 -12.29
C ARG B 221 21.57 11.09 -11.84
N LYS B 222 21.73 11.20 -10.53
CA LYS B 222 23.00 11.59 -9.94
C LYS B 222 23.91 10.37 -9.83
N ILE B 223 25.21 10.58 -10.08
CA ILE B 223 26.14 9.47 -10.20
C ILE B 223 27.03 9.35 -8.97
N GLY B 224 27.29 10.48 -8.31
CA GLY B 224 28.34 10.50 -7.30
C GLY B 224 28.16 9.43 -6.23
N TYR B 225 26.93 9.23 -5.78
CA TYR B 225 26.70 8.23 -4.74
C TYR B 225 27.11 6.86 -5.23
N PHE B 226 26.66 6.48 -6.42
CA PHE B 226 26.99 5.16 -6.93
C PHE B 226 28.49 5.02 -7.17
N VAL B 227 29.12 6.07 -7.68
CA VAL B 227 30.58 6.04 -7.81
C VAL B 227 31.21 5.69 -6.47
N ILE B 228 31.05 6.57 -5.49
CA ILE B 228 31.70 6.38 -4.20
C ILE B 228 31.34 5.06 -3.59
N GLN B 229 30.13 4.56 -3.86
CA GLN B 229 29.59 3.54 -2.99
C GLN B 229 29.64 2.15 -3.60
N THR B 230 29.81 2.04 -4.93
CA THR B 230 29.99 0.76 -5.60
C THR B 230 31.18 0.72 -6.52
N TYR B 231 31.51 1.80 -7.24
CA TYR B 231 32.54 1.70 -8.25
C TYR B 231 33.94 1.77 -7.65
N LEU B 232 34.17 2.68 -6.70
CA LEU B 232 35.46 2.68 -6.03
C LEU B 232 35.71 1.38 -5.28
N PRO B 233 34.78 0.86 -4.47
CA PRO B 233 35.06 -0.42 -3.82
C PRO B 233 35.39 -1.54 -4.78
N CYS B 234 34.68 -1.66 -5.90
CA CYS B 234 34.95 -2.76 -6.82
C CYS B 234 36.30 -2.57 -7.52
N ILE B 235 36.57 -1.35 -7.98
CA ILE B 235 37.84 -1.07 -8.61
C ILE B 235 39.00 -1.37 -7.65
N MET B 236 38.87 -0.93 -6.40
CA MET B 236 39.96 -1.13 -5.45
C MET B 236 40.10 -2.59 -5.05
N THR B 237 38.99 -3.33 -4.97
CA THR B 237 39.11 -4.77 -4.73
C THR B 237 39.85 -5.46 -5.87
N VAL B 238 39.56 -5.06 -7.12
CA VAL B 238 40.28 -5.66 -8.24
C VAL B 238 41.75 -5.24 -8.22
N ILE B 239 42.03 -4.00 -7.85
CA ILE B 239 43.42 -3.57 -7.74
C ILE B 239 44.15 -4.41 -6.71
N LEU B 240 43.51 -4.68 -5.57
CA LEU B 240 44.07 -5.61 -4.61
C LEU B 240 44.33 -6.96 -5.25
N SER B 241 43.35 -7.46 -6.01
CA SER B 241 43.52 -8.74 -6.68
C SER B 241 44.81 -8.75 -7.51
N GLN B 242 45.03 -7.69 -8.28
CA GLN B 242 46.29 -7.62 -9.04
C GLN B 242 47.48 -7.56 -8.10
N VAL B 243 47.38 -6.79 -7.01
CA VAL B 243 48.47 -6.70 -6.05
C VAL B 243 48.85 -8.07 -5.51
N SER B 244 47.94 -9.03 -5.58
CA SER B 244 48.30 -10.38 -5.16
C SER B 244 49.46 -10.94 -5.98
N PHE B 245 49.70 -10.39 -7.17
CA PHE B 245 50.73 -10.94 -8.05
C PHE B 245 52.13 -10.58 -7.60
N TRP B 246 52.29 -9.47 -6.88
CA TRP B 246 53.61 -9.03 -6.46
C TRP B 246 54.12 -9.77 -5.22
N LEU B 247 53.29 -10.56 -4.56
CA LEU B 247 53.75 -11.38 -3.46
C LEU B 247 54.73 -12.44 -3.96
N ASN B 248 55.40 -13.10 -3.02
CA ASN B 248 56.36 -14.13 -3.36
C ASN B 248 55.65 -15.41 -3.75
N ARG B 249 56.12 -16.04 -4.82
CA ARG B 249 55.48 -17.24 -5.33
C ARG B 249 55.53 -18.38 -4.34
N GLU B 250 56.47 -18.37 -3.40
CA GLU B 250 56.64 -19.46 -2.46
C GLU B 250 55.77 -19.33 -1.22
N SER B 251 55.01 -18.23 -1.08
CA SER B 251 54.14 -18.04 0.07
C SER B 251 52.72 -18.44 -0.33
N VAL B 252 52.52 -19.75 -0.44
CA VAL B 252 51.26 -20.31 -0.91
C VAL B 252 50.11 -19.96 0.04
N PRO B 253 50.25 -20.14 1.36
CA PRO B 253 49.09 -19.85 2.21
C PRO B 253 48.70 -18.38 2.21
N ALA B 254 49.68 -17.47 2.20
CA ALA B 254 49.34 -16.06 2.18
C ALA B 254 48.67 -15.68 0.87
N ARG B 255 49.21 -16.13 -0.27
CA ARG B 255 48.59 -15.77 -1.53
C ARG B 255 47.21 -16.41 -1.68
N THR B 256 47.03 -17.63 -1.17
CA THR B 256 45.75 -18.31 -1.29
C THR B 256 44.67 -17.62 -0.47
N VAL B 257 44.97 -17.30 0.79
CA VAL B 257 43.99 -16.56 1.59
C VAL B 257 43.73 -15.21 0.95
N PHE B 258 44.78 -14.52 0.51
CA PHE B 258 44.61 -13.25 -0.17
C PHE B 258 43.55 -13.36 -1.26
N GLY B 259 43.78 -14.26 -2.22
CA GLY B 259 42.88 -14.35 -3.35
C GLY B 259 41.46 -14.76 -2.96
N VAL B 260 41.34 -15.79 -2.11
CA VAL B 260 40.01 -16.32 -1.83
C VAL B 260 39.18 -15.31 -1.05
N THR B 261 39.77 -14.65 -0.06
CA THR B 261 39.01 -13.65 0.67
C THR B 261 38.81 -12.36 -0.13
N THR B 262 39.66 -12.09 -1.13
CA THR B 262 39.33 -11.03 -2.07
C THR B 262 38.08 -11.40 -2.85
N VAL B 263 37.96 -12.66 -3.25
CA VAL B 263 36.74 -13.11 -3.93
C VAL B 263 35.54 -12.96 -3.01
N LEU B 264 35.70 -13.29 -1.73
CA LEU B 264 34.58 -13.15 -0.80
C LEU B 264 34.19 -11.69 -0.63
N THR B 265 35.18 -10.79 -0.57
CA THR B 265 34.88 -9.36 -0.52
C THR B 265 34.11 -8.92 -1.76
N MET B 266 34.53 -9.38 -2.93
CA MET B 266 33.81 -9.05 -4.15
C MET B 266 32.39 -9.58 -4.12
N THR B 267 32.20 -10.77 -3.59
CA THR B 267 30.86 -11.34 -3.50
C THR B 267 29.97 -10.48 -2.61
N THR B 268 30.49 -10.08 -1.45
CA THR B 268 29.71 -9.23 -0.57
C THR B 268 29.38 -7.90 -1.24
N LEU B 269 30.34 -7.32 -1.96
CA LEU B 269 30.08 -6.06 -2.65
C LEU B 269 29.01 -6.24 -3.71
N SER B 270 29.06 -7.32 -4.48
CA SER B 270 28.04 -7.55 -5.50
C SER B 270 26.66 -7.69 -4.87
N ILE B 271 26.56 -8.49 -3.82
CA ILE B 271 25.26 -8.69 -3.17
C ILE B 271 24.72 -7.37 -2.66
N SER B 272 25.57 -6.59 -1.98
CA SER B 272 25.10 -5.31 -1.46
C SER B 272 24.75 -4.35 -2.57
N ALA B 273 25.47 -4.40 -3.69
CA ALA B 273 25.24 -3.46 -4.77
C ALA B 273 23.92 -3.75 -5.48
N ARG B 274 23.49 -5.02 -5.51
CA ARG B 274 22.24 -5.29 -6.20
C ARG B 274 21.01 -5.07 -5.31
N ASN B 275 21.18 -4.75 -4.03
CA ASN B 275 20.00 -4.45 -3.22
C ASN B 275 19.38 -3.11 -3.55
N SER B 276 20.05 -2.27 -4.35
CA SER B 276 19.48 -0.99 -4.75
C SER B 276 18.70 -1.07 -6.04
N LEU B 277 19.12 -1.89 -6.99
CA LEU B 277 18.53 -1.91 -8.31
C LEU B 277 17.11 -2.48 -8.26
N PRO B 278 16.17 -1.92 -9.02
CA PRO B 278 14.90 -2.62 -9.22
C PRO B 278 15.11 -3.89 -10.02
N LYS B 279 14.26 -4.88 -9.75
CA LYS B 279 14.43 -6.21 -10.34
C LYS B 279 14.13 -6.13 -11.84
N VAL B 280 15.12 -5.69 -12.60
CA VAL B 280 15.00 -5.72 -14.06
C VAL B 280 15.36 -7.11 -14.56
N ALA B 281 15.02 -7.38 -15.81
CA ALA B 281 15.22 -8.69 -16.41
C ALA B 281 16.51 -8.79 -17.20
N TYR B 282 17.38 -7.80 -17.08
CA TYR B 282 18.55 -7.69 -17.93
C TYR B 282 19.62 -6.90 -17.20
N ALA B 283 20.79 -6.82 -17.82
CA ALA B 283 21.98 -6.34 -17.16
C ALA B 283 22.12 -4.84 -17.30
N THR B 284 22.24 -4.15 -16.18
CA THR B 284 22.51 -2.73 -16.19
C THR B 284 24.01 -2.48 -16.35
N ALA B 285 24.36 -1.21 -16.54
CA ALA B 285 25.77 -0.87 -16.68
C ALA B 285 26.55 -1.29 -15.45
N MET B 286 25.98 -1.04 -14.27
CA MET B 286 26.65 -1.44 -13.04
C MET B 286 26.76 -2.95 -12.95
N ASP B 287 25.79 -3.68 -13.52
CA ASP B 287 25.88 -5.13 -13.55
C ASP B 287 27.04 -5.60 -14.43
N TRP B 288 27.19 -5.01 -15.61
CA TRP B 288 28.36 -5.33 -16.43
C TRP B 288 29.65 -5.04 -15.68
N PHE B 289 29.73 -3.87 -15.05
CA PHE B 289 30.96 -3.50 -14.34
C PHE B 289 31.27 -4.51 -13.24
N ILE B 290 30.25 -4.88 -12.46
CA ILE B 290 30.45 -5.80 -11.35
C ILE B 290 30.85 -7.17 -11.86
N ALA B 291 30.18 -7.66 -12.91
CA ALA B 291 30.52 -8.97 -13.45
C ALA B 291 31.94 -8.98 -13.99
N VAL B 292 32.35 -7.92 -14.69
CA VAL B 292 33.71 -7.87 -15.22
C VAL B 292 34.72 -7.87 -14.09
N CYS B 293 34.47 -7.09 -13.04
CA CYS B 293 35.42 -7.06 -11.93
C CYS B 293 35.48 -8.41 -11.23
N TYR B 294 34.32 -9.05 -11.06
CA TYR B 294 34.27 -10.36 -10.42
C TYR B 294 35.04 -11.38 -11.24
N ALA B 295 34.88 -11.34 -12.55
CA ALA B 295 35.64 -12.22 -13.42
C ALA B 295 37.13 -11.94 -13.30
N PHE B 296 37.51 -10.67 -13.15
CA PHE B 296 38.92 -10.35 -13.01
C PHE B 296 39.50 -10.97 -11.73
N VAL B 297 38.75 -10.89 -10.62
CA VAL B 297 39.24 -11.48 -9.38
C VAL B 297 39.35 -13.00 -9.52
N PHE B 298 38.33 -13.62 -10.10
CA PHE B 298 38.39 -15.06 -10.32
C PHE B 298 39.58 -15.44 -11.18
N SER B 299 39.85 -14.66 -12.22
CA SER B 299 40.98 -14.94 -13.09
C SER B 299 42.32 -14.75 -12.39
N ALA B 300 42.41 -13.75 -11.50
CA ALA B 300 43.64 -13.59 -10.74
C ALA B 300 43.89 -14.80 -9.84
N LEU B 301 42.84 -15.31 -9.21
CA LEU B 301 43.02 -16.52 -8.41
C LEU B 301 43.43 -17.70 -9.27
N ILE B 302 42.82 -17.84 -10.45
CA ILE B 302 43.20 -18.94 -11.34
C ILE B 302 44.64 -18.80 -11.79
N GLU B 303 45.08 -17.56 -12.02
CA GLU B 303 46.47 -17.31 -12.38
C GLU B 303 47.41 -17.76 -11.27
N PHE B 304 47.09 -17.42 -10.03
CA PHE B 304 47.93 -17.89 -8.93
C PHE B 304 47.93 -19.41 -8.86
N ALA B 305 46.78 -20.04 -9.11
CA ALA B 305 46.74 -21.50 -9.09
C ALA B 305 47.67 -22.09 -10.13
N THR B 306 47.67 -21.52 -11.34
CA THR B 306 48.59 -21.99 -12.38
C THR B 306 50.04 -21.80 -11.94
N VAL B 307 50.35 -20.65 -11.35
CA VAL B 307 51.71 -20.37 -10.92
C VAL B 307 52.15 -21.38 -9.88
N ASN B 308 51.29 -21.65 -8.89
CA ASN B 308 51.65 -22.60 -7.85
C ASN B 308 51.82 -24.00 -8.43
N TYR B 309 50.95 -24.38 -9.37
CA TYR B 309 51.04 -25.73 -9.94
C TYR B 309 52.34 -25.91 -10.72
N PHE B 310 52.76 -24.90 -11.47
CA PHE B 310 54.00 -25.02 -12.23
C PHE B 310 55.24 -24.63 -11.45
N THR B 311 55.10 -24.12 -10.24
CA THR B 311 56.27 -23.86 -9.41
C THR B 311 56.77 -25.16 -8.82
N LYS B 312 58.10 -25.24 -8.62
CA LYS B 312 58.85 -26.40 -8.17
C LYS B 312 59.05 -27.40 -9.30
N SER B 313 58.38 -27.24 -10.44
CA SER B 313 58.55 -28.11 -11.59
C SER B 313 59.04 -27.37 -12.82
N GLN B 314 58.45 -26.22 -13.12
CA GLN B 314 58.92 -25.34 -14.20
C GLN B 314 59.03 -23.92 -13.65
N PRO B 315 59.93 -23.70 -12.68
CA PRO B 315 60.00 -22.38 -12.05
C PRO B 315 60.26 -21.27 -13.05
N ALA B 316 61.00 -21.55 -14.12
CA ALA B 316 61.11 -20.60 -15.21
C ALA B 316 59.73 -20.19 -15.69
N ARG B 317 58.87 -21.17 -15.97
CA ARG B 317 57.53 -20.86 -16.44
C ARG B 317 56.73 -20.10 -15.40
N ALA B 318 56.83 -20.49 -14.14
CA ALA B 318 56.06 -19.83 -13.10
C ALA B 318 56.43 -18.36 -12.99
N ALA B 319 57.72 -18.06 -12.97
CA ALA B 319 58.16 -16.68 -12.90
C ALA B 319 57.83 -15.92 -14.17
N LYS B 320 57.87 -16.61 -15.33
CA LYS B 320 57.57 -15.96 -16.59
C LYS B 320 56.11 -15.52 -16.63
N ILE B 321 55.20 -16.40 -16.22
CA ILE B 321 53.79 -16.03 -16.24
C ILE B 321 53.51 -14.97 -15.17
N ASP B 322 54.21 -15.00 -14.03
CA ASP B 322 54.02 -13.92 -13.06
C ASP B 322 54.42 -12.58 -13.65
N ARG B 323 55.61 -12.50 -14.25
CA ARG B 323 56.06 -11.22 -14.78
C ARG B 323 55.18 -10.76 -15.93
N LEU B 324 54.65 -11.70 -16.71
CA LEU B 324 53.74 -11.32 -17.79
C LEU B 324 52.41 -10.81 -17.23
N SER B 325 51.89 -11.47 -16.19
CA SER B 325 50.60 -11.05 -15.61
C SER B 325 50.71 -9.68 -14.98
N ARG B 326 51.82 -9.39 -14.30
CA ARG B 326 51.94 -8.08 -13.64
C ARG B 326 51.72 -6.95 -14.63
N ILE B 327 52.08 -7.15 -15.90
CA ILE B 327 51.90 -6.13 -16.91
C ILE B 327 50.64 -6.32 -17.73
N ALA B 328 50.09 -7.54 -17.78
CA ALA B 328 48.88 -7.79 -18.55
C ALA B 328 47.63 -7.36 -17.79
N PHE B 329 47.47 -7.82 -16.54
CA PHE B 329 46.21 -7.63 -15.84
C PHE B 329 45.84 -6.15 -15.70
N PRO B 330 46.66 -5.30 -15.10
CA PRO B 330 46.29 -3.88 -15.01
C PRO B 330 46.17 -3.21 -16.35
N LEU B 331 47.00 -3.59 -17.33
CA LEU B 331 46.92 -2.98 -18.65
C LEU B 331 45.66 -3.38 -19.39
N LEU B 332 44.98 -4.42 -18.95
CA LEU B 332 43.72 -4.84 -19.53
C LEU B 332 42.53 -4.28 -18.77
N PHE B 333 42.64 -4.22 -17.44
CA PHE B 333 41.59 -3.63 -16.62
C PHE B 333 41.46 -2.13 -16.90
N GLY B 334 42.58 -1.42 -17.04
CA GLY B 334 42.49 0.01 -17.29
C GLY B 334 41.81 0.33 -18.62
N ILE B 335 42.16 -0.41 -19.67
CA ILE B 335 41.55 -0.16 -20.97
C ILE B 335 40.07 -0.54 -20.92
N PHE B 336 39.72 -1.61 -20.20
CA PHE B 336 38.32 -1.93 -20.02
C PHE B 336 37.57 -0.79 -19.36
N ASN B 337 38.12 -0.24 -18.29
CA ASN B 337 37.48 0.89 -17.63
C ASN B 337 37.33 2.06 -18.58
N LEU B 338 38.38 2.37 -19.33
CA LEU B 338 38.31 3.50 -20.25
C LEU B 338 37.17 3.32 -21.24
N VAL B 339 37.09 2.14 -21.87
CA VAL B 339 36.04 1.93 -22.86
C VAL B 339 34.67 2.01 -22.22
N TYR B 340 34.51 1.38 -21.05
CA TYR B 340 33.21 1.37 -20.38
C TYR B 340 32.74 2.78 -20.06
N TRP B 341 33.59 3.56 -19.40
CA TRP B 341 33.22 4.91 -19.04
C TRP B 341 32.97 5.76 -20.28
N ALA B 342 33.81 5.61 -21.31
CA ALA B 342 33.61 6.40 -22.52
C ALA B 342 32.27 6.10 -23.17
N THR B 343 31.89 4.82 -23.21
CA THR B 343 30.64 4.46 -23.86
C THR B 343 29.44 4.93 -23.03
N TYR B 344 29.51 4.87 -21.71
CA TYR B 344 28.31 5.17 -20.93
C TYR B 344 28.14 6.65 -20.59
N LEU B 345 29.23 7.40 -20.40
CA LEU B 345 29.06 8.81 -20.06
C LEU B 345 28.63 9.66 -21.24
N ASN B 346 28.75 9.16 -22.48
CA ASN B 346 28.46 9.95 -23.66
C ASN B 346 27.06 9.73 -24.22
N ARG B 347 26.33 8.72 -23.73
CA ARG B 347 24.97 8.49 -24.19
C ARG B 347 24.03 9.56 -23.65
N SER C 7 -34.65 25.85 -30.00
CA SER C 7 -33.22 25.70 -30.25
C SER C 7 -32.81 24.23 -30.13
N ASN C 8 -31.50 23.98 -30.12
CA ASN C 8 -30.96 22.64 -30.02
C ASN C 8 -30.69 22.25 -28.57
N MET C 9 -30.02 23.13 -27.82
CA MET C 9 -29.62 22.81 -26.46
C MET C 9 -30.83 22.45 -25.61
N SER C 10 -31.84 23.32 -25.59
CA SER C 10 -33.05 23.01 -24.84
C SER C 10 -33.69 21.74 -25.37
N LEU C 11 -33.94 21.71 -26.68
CA LEU C 11 -34.52 20.51 -27.30
C LEU C 11 -33.95 19.23 -26.71
N VAL C 12 -32.62 19.14 -26.65
CA VAL C 12 -32.00 17.96 -26.03
C VAL C 12 -32.27 17.92 -24.54
N LYS C 13 -32.36 19.07 -23.88
CA LYS C 13 -32.66 19.06 -22.45
C LYS C 13 -34.00 18.36 -22.18
N GLU C 14 -35.04 18.78 -22.89
CA GLU C 14 -36.32 18.09 -22.75
C GLU C 14 -36.23 16.64 -23.22
N THR C 15 -35.43 16.35 -24.24
CA THR C 15 -35.29 14.95 -24.67
C THR C 15 -34.80 14.07 -23.52
N VAL C 16 -33.69 14.47 -22.89
CA VAL C 16 -33.12 13.65 -21.83
C VAL C 16 -34.04 13.64 -20.62
N ASP C 17 -34.65 14.77 -20.29
CA ASP C 17 -35.55 14.80 -19.14
C ASP C 17 -36.71 13.84 -19.35
N ARG C 18 -37.27 13.83 -20.56
CA ARG C 18 -38.35 12.90 -20.86
C ARG C 18 -37.87 11.45 -20.78
N LEU C 19 -36.65 11.18 -21.26
CA LEU C 19 -36.14 9.82 -21.16
C LEU C 19 -36.06 9.36 -19.70
N LEU C 20 -35.57 10.24 -18.83
CA LEU C 20 -35.36 9.82 -17.44
C LEU C 20 -36.62 9.87 -16.58
N LYS C 21 -37.59 10.71 -16.92
CA LYS C 21 -38.84 10.72 -16.17
C LYS C 21 -39.58 9.41 -16.40
N GLY C 22 -40.08 8.83 -15.32
CA GLY C 22 -40.78 7.55 -15.40
C GLY C 22 -39.88 6.39 -15.77
N TYR C 23 -38.66 6.38 -15.26
CA TYR C 23 -37.69 5.33 -15.52
C TYR C 23 -37.44 4.55 -14.24
N ASP C 24 -37.67 3.24 -14.28
CA ASP C 24 -37.57 2.40 -13.10
C ASP C 24 -36.20 1.71 -13.12
N ILE C 25 -35.29 2.22 -12.30
CA ILE C 25 -33.93 1.69 -12.22
C ILE C 25 -33.92 0.25 -11.73
N ARG C 26 -34.94 -0.15 -10.98
CA ARG C 26 -34.97 -1.49 -10.39
C ARG C 26 -35.19 -2.59 -11.42
N LEU C 27 -35.54 -2.24 -12.65
CA LEU C 27 -35.94 -3.20 -13.66
C LEU C 27 -34.90 -3.24 -14.78
N ARG C 28 -34.42 -4.42 -15.11
CA ARG C 28 -33.45 -4.53 -16.19
C ARG C 28 -34.14 -4.29 -17.53
N PRO C 29 -33.37 -4.02 -18.58
CA PRO C 29 -33.96 -3.95 -19.93
C PRO C 29 -34.66 -5.24 -20.30
N ASP C 30 -35.90 -5.11 -20.79
CA ASP C 30 -36.72 -6.25 -21.15
C ASP C 30 -36.86 -7.21 -19.97
N PHE C 31 -37.47 -6.70 -18.89
CA PHE C 31 -37.58 -7.48 -17.67
C PHE C 31 -38.36 -8.77 -17.90
N GLY C 32 -39.50 -8.67 -18.57
CA GLY C 32 -40.32 -9.83 -18.83
C GLY C 32 -39.97 -10.57 -20.10
N GLY C 33 -38.94 -10.15 -20.81
CA GLY C 33 -38.66 -10.66 -22.12
C GLY C 33 -37.36 -11.44 -22.17
N PRO C 34 -36.70 -11.44 -23.33
CA PRO C 34 -35.48 -12.21 -23.48
C PRO C 34 -34.34 -11.59 -22.70
N PRO C 35 -33.26 -12.32 -22.49
CA PRO C 35 -32.14 -11.77 -21.71
C PRO C 35 -31.48 -10.61 -22.43
N VAL C 36 -30.88 -9.73 -21.64
CA VAL C 36 -30.14 -8.60 -22.18
C VAL C 36 -28.70 -9.05 -22.39
N ALA C 37 -28.11 -8.65 -23.51
CA ALA C 37 -26.77 -9.07 -23.89
C ALA C 37 -25.81 -7.91 -23.66
N VAL C 38 -24.79 -8.13 -22.86
CA VAL C 38 -23.81 -7.13 -22.48
C VAL C 38 -22.48 -7.50 -23.14
N GLY C 39 -21.95 -6.59 -23.94
CA GLY C 39 -20.66 -6.78 -24.58
C GLY C 39 -19.60 -5.97 -23.85
N MET C 40 -18.43 -6.57 -23.70
CA MET C 40 -17.39 -6.00 -22.85
C MET C 40 -16.10 -5.78 -23.63
N ASN C 41 -15.43 -4.68 -23.32
CA ASN C 41 -14.09 -4.38 -23.80
C ASN C 41 -13.18 -4.20 -22.59
N ILE C 42 -11.88 -4.28 -22.83
CA ILE C 42 -10.91 -3.92 -21.81
C ILE C 42 -9.69 -3.34 -22.52
N ASP C 43 -9.36 -2.10 -22.22
CA ASP C 43 -8.13 -1.48 -22.67
C ASP C 43 -7.18 -1.52 -21.49
N ILE C 44 -6.30 -2.53 -21.45
CA ILE C 44 -5.43 -2.70 -20.29
C ILE C 44 -4.41 -1.57 -20.30
N ALA C 45 -4.58 -0.60 -19.39
CA ALA C 45 -3.66 0.51 -19.34
C ALA C 45 -2.32 0.08 -18.77
N SER C 46 -2.32 -0.85 -17.82
CA SER C 46 -1.06 -1.21 -17.19
C SER C 46 -1.24 -2.45 -16.33
N ILE C 47 -0.19 -3.26 -16.24
CA ILE C 47 -0.07 -4.33 -15.25
C ILE C 47 1.11 -3.98 -14.36
N ASP C 48 0.82 -3.52 -13.16
CA ASP C 48 1.83 -2.83 -12.35
C ASP C 48 2.79 -3.78 -11.65
N MET C 49 2.28 -4.60 -10.74
CA MET C 49 3.14 -5.37 -9.85
C MET C 49 2.61 -6.79 -9.72
N VAL C 50 3.45 -7.76 -10.08
CA VAL C 50 3.12 -9.17 -9.93
C VAL C 50 3.91 -9.65 -8.73
N SER C 51 3.25 -9.76 -7.59
CA SER C 51 3.91 -10.05 -6.32
C SER C 51 3.75 -11.53 -6.01
N GLU C 52 4.87 -12.24 -5.91
CA GLU C 52 4.83 -13.67 -5.61
C GLU C 52 4.49 -13.91 -4.15
N VAL C 53 4.86 -13.00 -3.26
CA VAL C 53 4.55 -13.17 -1.84
C VAL C 53 3.05 -13.06 -1.61
N ASN C 54 2.43 -12.03 -2.18
CA ASN C 54 1.00 -11.81 -1.98
C ASN C 54 0.14 -12.63 -2.92
N MET C 55 0.73 -13.34 -3.88
CA MET C 55 -0.03 -14.16 -4.82
C MET C 55 -1.07 -13.32 -5.54
N ASP C 56 -0.68 -12.14 -6.01
CA ASP C 56 -1.61 -11.25 -6.66
C ASP C 56 -0.88 -10.38 -7.66
N TYR C 57 -1.66 -9.77 -8.56
CA TYR C 57 -1.14 -8.76 -9.47
C TYR C 57 -2.13 -7.60 -9.51
N THR C 58 -1.67 -6.47 -10.03
CA THR C 58 -2.46 -5.26 -10.09
C THR C 58 -2.57 -4.82 -11.54
N LEU C 59 -3.76 -4.45 -11.98
CA LEU C 59 -3.92 -3.98 -13.36
C LEU C 59 -4.90 -2.83 -13.42
N THR C 60 -4.52 -1.79 -14.15
CA THR C 60 -5.37 -0.66 -14.47
C THR C 60 -5.90 -0.83 -15.88
N MET C 61 -7.21 -0.67 -16.03
CA MET C 61 -7.91 -0.95 -17.27
C MET C 61 -9.02 0.06 -17.49
N TYR C 62 -9.45 0.17 -18.74
CA TYR C 62 -10.65 0.91 -19.12
C TYR C 62 -11.72 -0.13 -19.41
N PHE C 63 -12.51 -0.47 -18.41
CA PHE C 63 -13.46 -1.55 -18.51
C PHE C 63 -14.79 -1.00 -19.02
N GLN C 64 -15.24 -1.49 -20.17
CA GLN C 64 -16.39 -0.93 -20.84
C GLN C 64 -17.43 -2.01 -21.09
N GLN C 65 -18.69 -1.64 -20.97
CA GLN C 65 -19.81 -2.53 -21.22
C GLN C 65 -20.80 -1.82 -22.14
N ALA C 66 -21.54 -2.59 -22.92
CA ALA C 66 -22.49 -2.02 -23.86
C ALA C 66 -23.71 -2.92 -23.95
N TRP C 67 -24.89 -2.33 -23.79
CA TRP C 67 -26.12 -3.11 -23.88
C TRP C 67 -27.18 -2.27 -24.58
N ARG C 68 -28.39 -2.82 -24.67
CA ARG C 68 -29.54 -2.12 -25.23
C ARG C 68 -30.57 -1.88 -24.16
N ASP C 69 -31.05 -0.64 -24.07
CA ASP C 69 -32.08 -0.25 -23.12
C ASP C 69 -33.15 0.51 -23.90
N LYS C 70 -34.17 -0.20 -24.38
CA LYS C 70 -35.15 0.45 -25.24
C LYS C 70 -35.82 1.62 -24.57
N ARG C 71 -35.82 1.66 -23.24
CA ARG C 71 -36.35 2.83 -22.56
C ARG C 71 -35.54 4.06 -22.90
N LEU C 72 -34.25 3.89 -23.14
CA LEU C 72 -33.34 5.01 -23.43
C LEU C 72 -33.16 5.18 -24.93
N SER C 73 -34.28 5.34 -25.63
CA SER C 73 -34.29 5.51 -27.07
C SER C 73 -34.86 6.88 -27.41
N TYR C 74 -34.22 7.57 -28.36
CA TYR C 74 -34.65 8.89 -28.76
C TYR C 74 -34.52 9.00 -30.27
N ASN C 75 -35.37 9.86 -30.87
CA ASN C 75 -35.37 10.05 -32.31
C ASN C 75 -35.16 11.50 -32.74
N VAL C 76 -35.50 12.47 -31.90
CA VAL C 76 -35.54 13.86 -32.32
C VAL C 76 -34.15 14.48 -32.47
N ILE C 77 -33.08 13.73 -32.20
CA ILE C 77 -31.73 14.18 -32.53
C ILE C 77 -30.98 13.02 -33.18
N PRO C 78 -30.04 13.32 -34.10
CA PRO C 78 -29.22 12.23 -34.64
C PRO C 78 -27.94 11.96 -33.86
N LEU C 79 -27.36 12.97 -33.23
CA LEU C 79 -25.99 12.86 -32.73
C LEU C 79 -25.90 11.91 -31.54
N ASN C 80 -24.74 11.27 -31.43
CA ASN C 80 -24.45 10.35 -30.34
C ASN C 80 -24.47 11.16 -29.04
N LEU C 81 -25.32 10.82 -28.08
CA LEU C 81 -25.32 11.59 -26.84
C LEU C 81 -24.27 11.04 -25.86
N THR C 82 -23.54 11.95 -25.24
CA THR C 82 -22.61 11.63 -24.16
C THR C 82 -23.06 12.41 -22.93
N LEU C 83 -23.39 11.72 -21.85
CA LEU C 83 -23.94 12.40 -20.69
C LEU C 83 -22.94 12.42 -19.54
N ASP C 84 -23.11 13.40 -18.65
CA ASP C 84 -22.26 13.50 -17.47
C ASP C 84 -22.36 12.22 -16.65
N ASN C 85 -21.22 11.78 -16.11
CA ASN C 85 -21.19 10.50 -15.43
C ASN C 85 -22.17 10.42 -14.27
N ARG C 86 -22.57 11.55 -13.70
CA ARG C 86 -23.49 11.51 -12.58
C ARG C 86 -24.85 10.96 -12.97
N VAL C 87 -25.14 10.85 -14.27
CA VAL C 87 -26.40 10.25 -14.70
C VAL C 87 -26.35 8.74 -14.68
N ALA C 88 -25.15 8.15 -14.62
CA ALA C 88 -25.05 6.70 -14.52
C ALA C 88 -25.66 6.18 -13.23
N ASP C 89 -25.88 7.05 -12.24
CA ASP C 89 -26.58 6.63 -11.04
C ASP C 89 -28.05 6.42 -11.27
N GLN C 90 -28.63 7.04 -12.30
CA GLN C 90 -30.06 6.98 -12.54
C GLN C 90 -30.45 5.97 -13.60
N LEU C 91 -29.49 5.24 -14.16
CA LEU C 91 -29.77 4.21 -15.15
C LEU C 91 -29.57 2.84 -14.54
N TRP C 92 -29.89 1.81 -15.32
CA TRP C 92 -29.61 0.43 -14.94
C TRP C 92 -28.28 0.03 -15.54
N VAL C 93 -27.36 -0.42 -14.69
CA VAL C 93 -26.06 -0.88 -15.16
C VAL C 93 -25.84 -2.29 -14.63
N PRO C 94 -25.29 -3.20 -15.44
CA PRO C 94 -25.20 -4.59 -14.99
C PRO C 94 -24.38 -4.70 -13.72
N ASP C 95 -24.74 -5.68 -12.89
CA ASP C 95 -24.06 -5.91 -11.62
C ASP C 95 -22.84 -6.81 -11.81
N THR C 96 -21.97 -6.44 -12.74
CA THR C 96 -20.77 -7.21 -12.98
C THR C 96 -19.84 -7.08 -11.78
N TYR C 97 -19.12 -8.16 -11.48
CA TYR C 97 -18.09 -8.11 -10.45
C TYR C 97 -16.96 -9.03 -10.86
N PHE C 98 -15.77 -8.72 -10.36
CA PHE C 98 -14.57 -9.47 -10.70
C PHE C 98 -14.37 -10.55 -9.65
N LEU C 99 -14.40 -11.80 -10.08
CA LEU C 99 -14.55 -12.91 -9.16
C LEU C 99 -13.33 -13.13 -8.29
N ASN C 100 -12.14 -12.70 -8.71
CA ASN C 100 -10.92 -12.99 -7.98
C ASN C 100 -10.19 -11.74 -7.52
N ASP C 101 -10.88 -10.61 -7.38
CA ASP C 101 -10.20 -9.41 -6.95
C ASP C 101 -10.14 -9.34 -5.43
N LYS C 102 -9.24 -8.49 -4.94
CA LYS C 102 -9.06 -8.27 -3.51
C LYS C 102 -9.34 -6.84 -3.11
N LYS C 103 -8.78 -5.86 -3.82
CA LYS C 103 -9.05 -4.45 -3.58
C LYS C 103 -9.15 -3.77 -4.92
N SER C 104 -10.31 -3.18 -5.20
CA SER C 104 -10.59 -2.54 -6.47
C SER C 104 -11.13 -1.15 -6.21
N PHE C 105 -10.86 -0.23 -7.14
CA PHE C 105 -11.45 1.10 -7.00
C PHE C 105 -11.50 1.78 -8.36
N VAL C 106 -12.50 2.63 -8.52
CA VAL C 106 -12.64 3.49 -9.69
C VAL C 106 -11.98 4.82 -9.37
N HIS C 107 -11.10 5.28 -10.24
CA HIS C 107 -10.40 6.53 -10.00
C HIS C 107 -11.38 7.69 -9.92
N GLY C 108 -11.09 8.64 -9.04
CA GLY C 108 -12.01 9.71 -8.77
C GLY C 108 -11.42 11.09 -8.86
N VAL C 109 -10.47 11.29 -9.77
CA VAL C 109 -9.84 12.59 -9.98
C VAL C 109 -9.74 12.81 -11.49
N THR C 110 -10.13 14.01 -11.97
CA THR C 110 -10.64 15.11 -11.16
C THR C 110 -12.12 14.93 -10.85
N VAL C 111 -12.77 14.02 -11.58
CA VAL C 111 -14.12 13.58 -11.26
C VAL C 111 -14.16 12.07 -11.43
N LYS C 112 -15.23 11.46 -10.94
CA LYS C 112 -15.34 10.01 -10.96
C LYS C 112 -15.14 9.50 -12.38
N ASN C 113 -14.10 8.71 -12.59
CA ASN C 113 -13.70 8.29 -13.93
C ASN C 113 -14.67 7.24 -14.44
N ARG C 114 -15.76 7.71 -15.05
CA ARG C 114 -16.62 6.79 -15.78
C ARG C 114 -17.31 7.54 -16.92
N MET C 115 -17.85 6.74 -17.83
CA MET C 115 -18.37 7.16 -19.12
C MET C 115 -19.78 6.64 -19.23
N ILE C 116 -20.69 7.48 -19.70
CA ILE C 116 -22.05 7.06 -20.01
C ILE C 116 -22.44 7.70 -21.34
N ARG C 117 -22.72 6.87 -22.34
CA ARG C 117 -22.93 7.35 -23.70
C ARG C 117 -24.15 6.65 -24.28
N LEU C 118 -25.21 7.42 -24.56
CA LEU C 118 -26.40 6.89 -25.19
C LEU C 118 -26.34 7.05 -26.69
N HIS C 119 -26.90 6.08 -27.40
CA HIS C 119 -27.05 6.11 -28.83
C HIS C 119 -28.52 6.22 -29.20
N PRO C 120 -28.83 6.73 -30.39
CA PRO C 120 -30.24 6.95 -30.75
C PRO C 120 -31.06 5.67 -30.78
N ASP C 121 -30.44 4.51 -30.97
CA ASP C 121 -31.17 3.25 -31.07
C ASP C 121 -31.35 2.58 -29.72
N GLY C 122 -30.96 3.23 -28.63
CA GLY C 122 -31.08 2.69 -27.31
C GLY C 122 -29.79 2.14 -26.74
N THR C 123 -28.80 1.83 -27.57
CA THR C 123 -27.56 1.27 -27.08
C THR C 123 -26.93 2.20 -26.06
N VAL C 124 -26.50 1.63 -24.94
CA VAL C 124 -25.87 2.36 -23.86
C VAL C 124 -24.46 1.81 -23.70
N LEU C 125 -23.48 2.71 -23.68
CA LEU C 125 -22.08 2.40 -23.41
C LEU C 125 -21.71 2.95 -22.06
N TYR C 126 -21.04 2.14 -21.24
CA TYR C 126 -20.75 2.49 -19.86
C TYR C 126 -19.32 2.07 -19.56
N GLY C 127 -18.46 3.03 -19.28
CA GLY C 127 -17.05 2.76 -19.09
C GLY C 127 -16.62 3.16 -17.69
N LEU C 128 -15.65 2.44 -17.16
CA LEU C 128 -15.03 2.75 -15.88
C LEU C 128 -13.53 2.64 -16.05
N ARG C 129 -12.79 3.36 -15.22
CA ARG C 129 -11.34 3.24 -15.18
C ARG C 129 -10.99 2.60 -13.85
N ILE C 130 -10.54 1.36 -13.89
CA ILE C 130 -10.44 0.51 -12.72
C ILE C 130 -9.02 0.10 -12.48
N THR C 131 -8.58 0.16 -11.23
CA THR C 131 -7.37 -0.50 -10.77
C THR C 131 -7.78 -1.67 -9.90
N THR C 132 -7.61 -2.88 -10.41
CA THR C 132 -8.02 -4.09 -9.72
C THR C 132 -6.79 -4.85 -9.28
N THR C 133 -6.77 -5.28 -8.02
CA THR C 133 -5.73 -6.15 -7.50
C THR C 133 -6.28 -7.56 -7.51
N ALA C 134 -6.01 -8.29 -8.58
CA ALA C 134 -6.53 -9.63 -8.73
C ALA C 134 -5.62 -10.63 -8.05
N ALA C 135 -6.21 -11.74 -7.62
CA ALA C 135 -5.44 -12.83 -7.02
C ALA C 135 -5.04 -13.81 -8.12
N CYS C 136 -3.74 -13.99 -8.29
CA CYS C 136 -3.19 -14.92 -9.26
C CYS C 136 -2.58 -16.09 -8.50
N MET C 137 -3.29 -17.21 -8.46
CA MET C 137 -2.72 -18.43 -7.93
C MET C 137 -1.43 -18.77 -8.65
N MET C 138 -0.38 -19.06 -7.89
CA MET C 138 0.94 -19.29 -8.47
C MET C 138 1.52 -20.62 -8.01
N ASP C 139 2.40 -21.15 -8.84
CA ASP C 139 3.08 -22.42 -8.61
C ASP C 139 4.55 -22.20 -8.95
N LEU C 140 5.37 -21.94 -7.93
CA LEU C 140 6.76 -21.56 -8.13
C LEU C 140 7.72 -22.72 -7.83
N ARG C 141 7.28 -23.95 -8.04
CA ARG C 141 8.23 -25.06 -7.95
C ARG C 141 9.36 -24.88 -8.94
N ARG C 142 9.04 -24.43 -10.16
CA ARG C 142 10.03 -24.26 -11.22
C ARG C 142 10.68 -22.88 -11.19
N TYR C 143 10.41 -22.10 -10.17
CA TYR C 143 10.94 -20.74 -10.09
C TYR C 143 12.47 -20.78 -10.08
N PRO C 144 13.14 -19.87 -10.81
CA PRO C 144 12.65 -18.79 -11.65
C PRO C 144 12.40 -19.16 -13.11
N LEU C 145 12.42 -20.44 -13.45
CA LEU C 145 12.08 -20.88 -14.80
C LEU C 145 10.64 -21.37 -14.86
N ASP C 146 9.71 -20.44 -14.62
CA ASP C 146 8.29 -20.80 -14.52
C ASP C 146 7.45 -19.84 -15.33
N GLU C 147 6.35 -20.36 -15.87
CA GLU C 147 5.31 -19.55 -16.50
C GLU C 147 4.12 -19.49 -15.54
N GLN C 148 3.61 -18.28 -15.32
CA GLN C 148 2.48 -18.06 -14.41
C GLN C 148 1.28 -17.63 -15.24
N ASN C 149 0.24 -18.45 -15.23
CA ASN C 149 -1.02 -18.13 -15.90
C ASN C 149 -1.89 -17.33 -14.95
N CYS C 150 -1.93 -16.01 -15.13
CA CYS C 150 -2.67 -15.10 -14.26
C CYS C 150 -3.95 -14.65 -14.98
N THR C 151 -5.09 -14.87 -14.35
CA THR C 151 -6.38 -14.61 -14.98
C THR C 151 -7.11 -13.45 -14.31
N LEU C 152 -8.16 -13.00 -14.99
CA LEU C 152 -9.15 -12.08 -14.45
C LEU C 152 -10.52 -12.61 -14.84
N GLU C 153 -11.36 -12.89 -13.85
CA GLU C 153 -12.65 -13.54 -14.06
C GLU C 153 -13.75 -12.52 -13.83
N ILE C 154 -14.65 -12.38 -14.80
CA ILE C 154 -15.72 -11.39 -14.74
C ILE C 154 -17.05 -12.14 -14.74
N GLU C 155 -17.84 -11.96 -13.68
CA GLU C 155 -19.11 -12.64 -13.55
C GLU C 155 -20.20 -11.61 -13.28
N SER C 156 -21.45 -12.06 -13.29
CA SER C 156 -22.58 -11.25 -12.88
C SER C 156 -23.08 -11.78 -11.55
N TYR C 157 -23.30 -10.88 -10.59
CA TYR C 157 -23.60 -11.33 -9.23
C TYR C 157 -24.98 -11.95 -9.14
N GLY C 158 -26.01 -11.19 -9.50
CA GLY C 158 -27.37 -11.58 -9.20
C GLY C 158 -28.18 -12.12 -10.35
N TYR C 159 -27.81 -11.78 -11.58
CA TYR C 159 -28.57 -12.19 -12.74
C TYR C 159 -28.01 -13.49 -13.30
N THR C 160 -28.90 -14.41 -13.64
CA THR C 160 -28.55 -15.67 -14.27
C THR C 160 -28.59 -15.52 -15.78
N THR C 161 -28.20 -16.59 -16.49
CA THR C 161 -28.23 -16.55 -17.94
C THR C 161 -29.65 -16.34 -18.47
N ASP C 162 -30.66 -16.67 -17.68
CA ASP C 162 -32.03 -16.39 -18.08
C ASP C 162 -32.33 -14.90 -18.11
N ASP C 163 -31.51 -14.06 -17.47
CA ASP C 163 -31.72 -12.62 -17.43
C ASP C 163 -30.62 -11.81 -18.09
N ILE C 164 -29.39 -12.30 -18.12
CA ILE C 164 -28.27 -11.52 -18.64
C ILE C 164 -27.30 -12.47 -19.32
N GLU C 165 -26.69 -11.98 -20.40
CA GLU C 165 -25.76 -12.76 -21.19
C GLU C 165 -24.52 -11.90 -21.43
N PHE C 166 -23.35 -12.51 -21.35
CA PHE C 166 -22.08 -11.79 -21.46
C PHE C 166 -21.34 -12.21 -22.72
N TYR C 167 -20.69 -11.25 -23.38
CA TYR C 167 -19.83 -11.58 -24.49
C TYR C 167 -18.77 -10.50 -24.65
N TRP C 168 -17.69 -10.85 -25.36
CA TRP C 168 -16.68 -9.87 -25.71
C TRP C 168 -17.12 -9.12 -26.96
N ARG C 169 -17.09 -7.79 -26.90
CA ARG C 169 -17.53 -6.98 -28.04
C ARG C 169 -16.40 -6.97 -29.05
N GLY C 170 -16.56 -7.77 -30.10
CA GLY C 170 -15.50 -7.98 -31.09
C GLY C 170 -15.07 -9.43 -31.07
N ASP C 171 -15.03 -9.98 -29.85
CA ASP C 171 -14.87 -11.41 -29.62
C ASP C 171 -13.44 -11.89 -29.87
N ASP C 172 -12.61 -11.05 -30.48
CA ASP C 172 -11.18 -11.32 -30.51
C ASP C 172 -10.32 -10.09 -30.30
N ASN C 173 -10.81 -8.88 -30.61
CA ASN C 173 -10.10 -7.64 -30.34
C ASN C 173 -10.67 -6.92 -29.14
N ALA C 174 -11.49 -7.58 -28.34
CA ALA C 174 -12.15 -6.91 -27.23
C ALA C 174 -11.16 -6.38 -26.23
N VAL C 175 -10.00 -7.01 -26.12
CA VAL C 175 -8.95 -6.62 -25.17
C VAL C 175 -7.79 -6.03 -25.95
N THR C 176 -7.46 -4.79 -25.65
CA THR C 176 -6.40 -4.07 -26.32
C THR C 176 -5.40 -3.54 -25.31
N GLY C 177 -4.27 -3.09 -25.80
CA GLY C 177 -3.23 -2.53 -24.95
C GLY C 177 -2.39 -3.57 -24.24
N VAL C 178 -2.59 -4.86 -24.50
CA VAL C 178 -1.86 -5.88 -23.78
C VAL C 178 -0.47 -6.08 -24.35
N THR C 179 -0.33 -6.00 -25.68
CA THR C 179 0.99 -6.17 -26.29
C THR C 179 1.94 -5.05 -25.93
N LYS C 180 1.41 -3.91 -25.49
CA LYS C 180 2.21 -2.74 -25.15
C LYS C 180 2.62 -2.72 -23.69
N ILE C 181 2.31 -3.77 -22.93
CA ILE C 181 2.63 -3.83 -21.51
C ILE C 181 4.06 -4.29 -21.34
N GLU C 182 4.85 -3.51 -20.61
CA GLU C 182 6.27 -3.78 -20.39
C GLU C 182 6.47 -4.01 -18.90
N LEU C 183 6.40 -5.28 -18.48
CA LEU C 183 6.64 -5.66 -17.11
C LEU C 183 8.14 -5.70 -16.82
N PRO C 184 8.53 -5.48 -15.57
CA PRO C 184 9.97 -5.44 -15.26
C PRO C 184 10.56 -6.83 -15.14
N GLN C 185 9.76 -7.80 -14.69
CA GLN C 185 10.23 -9.13 -14.37
C GLN C 185 9.66 -10.22 -15.26
N PHE C 186 8.60 -9.93 -16.02
CA PHE C 186 7.92 -10.97 -16.80
C PHE C 186 7.81 -10.53 -18.26
N SER C 187 7.07 -11.28 -19.05
CA SER C 187 6.82 -10.90 -20.44
C SER C 187 5.58 -11.63 -20.92
N ILE C 188 4.51 -10.89 -21.22
CA ILE C 188 3.27 -11.49 -21.67
C ILE C 188 3.54 -12.24 -22.96
N VAL C 189 3.41 -13.56 -22.95
CA VAL C 189 3.63 -14.36 -24.13
C VAL C 189 2.34 -14.68 -24.87
N ASP C 190 1.19 -14.58 -24.21
CA ASP C 190 -0.09 -14.85 -24.85
C ASP C 190 -1.20 -14.41 -23.92
N TYR C 191 -2.35 -14.08 -24.50
CA TYR C 191 -3.54 -13.78 -23.73
C TYR C 191 -4.74 -14.40 -24.43
N LYS C 192 -5.63 -14.99 -23.65
CA LYS C 192 -6.82 -15.66 -24.15
C LYS C 192 -8.07 -15.01 -23.59
N LEU C 193 -9.13 -15.05 -24.40
CA LEU C 193 -10.46 -14.57 -24.04
C LEU C 193 -11.38 -15.78 -24.04
N ILE C 194 -12.02 -16.05 -22.92
CA ILE C 194 -12.89 -17.21 -22.80
C ILE C 194 -14.23 -16.76 -22.24
N THR C 195 -15.29 -16.89 -23.03
CA THR C 195 -16.64 -16.69 -22.55
C THR C 195 -17.28 -18.04 -22.30
N LYS C 196 -18.14 -18.10 -21.29
CA LYS C 196 -18.81 -19.36 -20.96
C LYS C 196 -19.96 -19.09 -20.02
N LYS C 197 -20.69 -20.15 -19.70
CA LYS C 197 -21.75 -20.13 -18.70
C LYS C 197 -21.42 -21.20 -17.67
N VAL C 198 -21.17 -20.77 -16.45
CA VAL C 198 -20.85 -21.71 -15.39
C VAL C 198 -22.15 -22.14 -14.75
N VAL C 199 -22.20 -23.38 -14.25
CA VAL C 199 -23.42 -23.94 -13.68
C VAL C 199 -23.23 -24.05 -12.18
N PHE C 200 -24.12 -23.44 -11.44
CA PHE C 200 -24.24 -23.57 -10.00
C PHE C 200 -25.58 -24.20 -9.66
N SER C 201 -25.89 -24.25 -8.37
CA SER C 201 -27.13 -24.86 -7.92
C SER C 201 -28.34 -24.16 -8.51
N THR C 202 -28.52 -22.88 -8.18
CA THR C 202 -29.74 -22.17 -8.51
C THR C 202 -29.80 -21.68 -9.95
N GLY C 203 -28.84 -22.03 -10.79
CA GLY C 203 -28.90 -21.64 -12.18
C GLY C 203 -27.51 -21.62 -12.78
N SER C 204 -27.43 -21.08 -13.99
CA SER C 204 -26.17 -20.92 -14.70
C SER C 204 -25.89 -19.44 -14.84
N TYR C 205 -24.72 -19.03 -14.42
CA TYR C 205 -24.36 -17.62 -14.46
C TYR C 205 -23.34 -17.38 -15.55
N PRO C 206 -23.42 -16.25 -16.25
CA PRO C 206 -22.47 -15.99 -17.34
C PRO C 206 -21.10 -15.66 -16.79
N ARG C 207 -20.08 -15.78 -17.64
CA ARG C 207 -18.74 -15.45 -17.20
C ARG C 207 -17.84 -15.20 -18.39
N LEU C 208 -16.94 -14.24 -18.23
CA LEU C 208 -15.84 -14.01 -19.15
C LEU C 208 -14.53 -14.14 -18.38
N SER C 209 -13.47 -14.45 -19.11
CA SER C 209 -12.19 -14.73 -18.48
C SER C 209 -11.07 -14.23 -19.39
N LEU C 210 -10.27 -13.33 -18.86
CA LEU C 210 -9.08 -12.80 -19.54
C LEU C 210 -7.85 -13.42 -18.90
N SER C 211 -7.15 -14.25 -19.65
CA SER C 211 -6.03 -15.00 -19.09
C SER C 211 -4.73 -14.57 -19.76
N PHE C 212 -3.77 -14.09 -18.96
CA PHE C 212 -2.43 -13.81 -19.46
C PHE C 212 -1.52 -14.96 -19.08
N LYS C 213 -0.55 -15.25 -19.94
CA LYS C 213 0.53 -16.18 -19.60
C LYS C 213 1.80 -15.35 -19.47
N LEU C 214 2.35 -15.31 -18.26
CA LEU C 214 3.52 -14.51 -17.96
C LEU C 214 4.73 -15.42 -17.89
N LYS C 215 5.69 -15.21 -18.77
CA LYS C 215 6.91 -16.01 -18.78
C LYS C 215 8.03 -15.18 -18.15
N ARG C 216 8.61 -15.69 -17.07
CA ARG C 216 9.54 -14.91 -16.27
C ARG C 216 10.88 -14.83 -16.98
N ASN C 217 11.44 -13.62 -17.03
CA ASN C 217 12.71 -13.41 -17.70
C ASN C 217 13.85 -13.96 -16.84
N ILE C 218 14.84 -14.55 -17.50
CA ILE C 218 15.80 -15.41 -16.83
C ILE C 218 17.18 -14.77 -16.72
N GLY C 219 17.55 -13.87 -17.63
CA GLY C 219 18.92 -13.39 -17.68
C GLY C 219 19.38 -12.79 -16.37
N TYR C 220 18.54 -11.96 -15.76
CA TYR C 220 18.84 -11.49 -14.40
C TYR C 220 19.14 -12.62 -13.44
N PHE C 221 18.27 -13.61 -13.35
CA PHE C 221 18.47 -14.59 -12.30
C PHE C 221 19.74 -15.38 -12.57
N ILE C 222 20.00 -15.71 -13.83
CA ILE C 222 21.30 -16.27 -14.20
C ILE C 222 22.41 -15.41 -13.59
N LEU C 223 22.47 -14.15 -14.04
CA LEU C 223 23.61 -13.28 -13.72
C LEU C 223 23.78 -13.07 -12.23
N GLN C 224 22.69 -13.03 -11.47
CA GLN C 224 22.78 -12.68 -10.07
C GLN C 224 22.96 -13.87 -9.16
N THR C 225 22.34 -15.01 -9.47
CA THR C 225 22.35 -16.16 -8.58
C THR C 225 23.21 -17.30 -9.08
N TYR C 226 23.10 -17.68 -10.35
CA TYR C 226 23.80 -18.88 -10.78
C TYR C 226 25.28 -18.63 -11.03
N MET C 227 25.61 -17.55 -11.72
CA MET C 227 27.01 -17.28 -12.02
C MET C 227 27.86 -17.23 -10.75
N PRO C 228 27.50 -16.50 -9.71
CA PRO C 228 28.33 -16.54 -8.49
C PRO C 228 28.48 -17.94 -7.93
N SER C 229 27.39 -18.71 -7.85
CA SER C 229 27.49 -20.04 -7.26
C SER C 229 28.37 -20.96 -8.10
N ILE C 230 28.21 -20.93 -9.42
CA ILE C 230 29.03 -21.78 -10.27
C ILE C 230 30.50 -21.42 -10.13
N LEU C 231 30.80 -20.12 -10.16
CA LEU C 231 32.21 -19.74 -10.07
C LEU C 231 32.79 -20.05 -8.69
N ILE C 232 31.98 -19.98 -7.63
CA ILE C 232 32.50 -20.37 -6.33
C ILE C 232 32.73 -21.87 -6.27
N THR C 233 31.89 -22.66 -6.94
CA THR C 233 32.15 -24.09 -6.99
C THR C 233 33.47 -24.38 -7.72
N ILE C 234 33.70 -23.70 -8.84
CA ILE C 234 34.96 -23.89 -9.55
C ILE C 234 36.14 -23.47 -8.66
N LEU C 235 35.99 -22.32 -8.00
CA LEU C 235 37.03 -21.83 -7.12
C LEU C 235 37.32 -22.82 -6.00
N SER C 236 36.29 -23.51 -5.51
CA SER C 236 36.51 -24.58 -4.55
C SER C 236 37.32 -25.69 -5.19
N TRP C 237 37.02 -26.04 -6.44
CA TRP C 237 37.80 -27.06 -7.12
C TRP C 237 39.27 -26.70 -7.15
N VAL C 238 39.58 -25.41 -7.28
CA VAL C 238 40.97 -24.96 -7.44
C VAL C 238 41.89 -25.57 -6.40
N SER C 239 41.35 -25.96 -5.24
CA SER C 239 42.19 -26.51 -4.19
C SER C 239 42.85 -27.82 -4.58
N PHE C 240 42.41 -28.46 -5.66
CA PHE C 240 42.93 -29.76 -6.03
C PHE C 240 44.29 -29.65 -6.70
N TRP C 241 44.47 -28.61 -7.51
CA TRP C 241 45.77 -28.38 -8.11
C TRP C 241 46.79 -27.90 -7.09
N ILE C 242 46.33 -27.37 -5.96
CA ILE C 242 47.23 -26.98 -4.88
C ILE C 242 47.77 -28.23 -4.22
N ASN C 243 49.09 -28.27 -4.02
CA ASN C 243 49.74 -29.51 -3.62
C ASN C 243 49.31 -29.94 -2.21
N TYR C 244 49.39 -31.25 -1.99
CA TYR C 244 48.97 -31.86 -0.73
C TYR C 244 49.58 -31.19 0.50
N ASP C 245 50.86 -30.83 0.44
CA ASP C 245 51.49 -30.23 1.62
C ASP C 245 50.83 -28.91 2.00
N ALA C 246 50.27 -28.18 1.04
CA ALA C 246 49.75 -26.86 1.34
C ALA C 246 48.48 -26.98 2.15
N SER C 247 48.63 -27.41 3.40
CA SER C 247 47.48 -27.66 4.25
C SER C 247 46.72 -26.37 4.53
N ALA C 248 47.42 -25.35 5.01
CA ALA C 248 46.75 -24.08 5.30
C ALA C 248 46.11 -23.50 4.05
N ALA C 249 46.79 -23.63 2.91
CA ALA C 249 46.24 -23.08 1.67
C ALA C 249 44.92 -23.77 1.31
N ARG C 250 44.92 -25.11 1.27
CA ARG C 250 43.73 -25.79 0.81
C ARG C 250 42.59 -25.65 1.82
N VAL C 251 42.91 -25.63 3.11
CA VAL C 251 41.88 -25.37 4.11
C VAL C 251 41.29 -23.98 3.94
N ALA C 252 42.14 -22.97 3.78
CA ALA C 252 41.63 -21.62 3.57
C ALA C 252 40.67 -21.61 2.39
N LEU C 253 41.11 -22.16 1.25
CA LEU C 253 40.29 -22.12 0.06
C LEU C 253 38.95 -22.82 0.29
N GLY C 254 38.99 -24.06 0.77
CA GLY C 254 37.75 -24.82 0.91
C GLY C 254 36.81 -24.21 1.91
N ILE C 255 37.32 -23.84 3.08
CA ILE C 255 36.44 -23.36 4.13
C ILE C 255 35.88 -22.00 3.77
N THR C 256 36.69 -21.14 3.14
CA THR C 256 36.17 -19.86 2.68
C THR C 256 35.15 -20.03 1.57
N THR C 257 35.30 -21.05 0.73
CA THR C 257 34.27 -21.32 -0.26
C THR C 257 32.97 -21.76 0.41
N VAL C 258 33.05 -22.56 1.47
CA VAL C 258 31.85 -22.91 2.22
C VAL C 258 31.22 -21.65 2.79
N LEU C 259 32.04 -20.77 3.38
CA LEU C 259 31.52 -19.53 3.93
C LEU C 259 30.85 -18.68 2.88
N THR C 260 31.47 -18.54 1.70
CA THR C 260 30.90 -17.74 0.63
C THR C 260 29.59 -18.34 0.14
N MET C 261 29.53 -19.67 0.01
CA MET C 261 28.28 -20.29 -0.41
C MET C 261 27.18 -20.03 0.61
N THR C 262 27.52 -20.11 1.91
CA THR C 262 26.52 -19.81 2.92
C THR C 262 26.06 -18.36 2.83
N THR C 263 26.99 -17.43 2.62
CA THR C 263 26.63 -16.02 2.51
C THR C 263 25.72 -15.79 1.30
N ILE C 264 26.05 -16.38 0.17
CA ILE C 264 25.21 -16.24 -1.01
C ILE C 264 23.82 -16.79 -0.73
N ASN C 265 23.75 -17.97 -0.12
CA ASN C 265 22.47 -18.59 0.15
C ASN C 265 21.62 -17.71 1.06
N THR C 266 22.23 -17.20 2.14
CA THR C 266 21.48 -16.45 3.13
C THR C 266 21.25 -14.99 2.77
N HIS C 267 21.86 -14.50 1.68
CA HIS C 267 21.48 -13.20 1.15
C HIS C 267 20.48 -13.29 0.01
N LEU C 268 20.57 -14.33 -0.82
CA LEU C 268 19.49 -14.58 -1.76
C LEU C 268 18.21 -14.99 -1.05
N ARG C 269 18.33 -15.60 0.14
CA ARG C 269 17.13 -15.93 0.89
C ARG C 269 16.33 -14.67 1.23
N GLU C 270 17.01 -13.54 1.39
CA GLU C 270 16.36 -12.27 1.67
C GLU C 270 15.96 -11.55 0.39
N THR C 271 16.87 -11.47 -0.59
CA THR C 271 16.55 -10.75 -1.82
C THR C 271 15.38 -11.39 -2.54
N LEU C 272 15.37 -12.72 -2.63
CA LEU C 272 14.30 -13.43 -3.31
C LEU C 272 12.99 -13.26 -2.53
N PRO C 273 11.85 -13.32 -3.21
CA PRO C 273 10.58 -13.27 -2.49
C PRO C 273 10.48 -14.41 -1.49
N LYS C 274 9.87 -14.13 -0.34
CA LYS C 274 9.76 -15.11 0.72
C LYS C 274 8.67 -16.12 0.35
N ILE C 275 9.09 -17.26 -0.16
CA ILE C 275 8.20 -18.31 -0.62
C ILE C 275 8.52 -19.57 0.18
N PRO C 276 7.74 -19.88 1.21
CA PRO C 276 8.20 -20.87 2.19
C PRO C 276 8.07 -22.33 1.74
N TYR C 277 8.02 -22.59 0.44
CA TYR C 277 8.23 -23.94 -0.07
C TYR C 277 9.43 -23.96 -1.00
N VAL C 278 9.90 -25.18 -1.31
CA VAL C 278 11.17 -25.38 -1.99
C VAL C 278 11.04 -25.02 -3.46
N LYS C 279 12.11 -24.44 -4.03
CA LYS C 279 12.13 -24.00 -5.41
C LYS C 279 13.39 -24.51 -6.11
N ALA C 280 13.38 -24.39 -7.44
CA ALA C 280 14.49 -24.87 -8.24
C ALA C 280 15.77 -24.12 -7.92
N ILE C 281 15.67 -22.81 -7.68
CA ILE C 281 16.84 -22.04 -7.30
C ILE C 281 17.43 -22.57 -6.01
N ASP C 282 16.57 -22.92 -5.06
CA ASP C 282 17.06 -23.49 -3.80
C ASP C 282 17.73 -24.83 -4.03
N MET C 283 17.15 -25.66 -4.92
CA MET C 283 17.80 -26.93 -5.22
C MET C 283 19.18 -26.73 -5.82
N TYR C 284 19.32 -25.75 -6.71
CA TYR C 284 20.63 -25.50 -7.31
C TYR C 284 21.63 -24.97 -6.29
N LEU C 285 21.21 -24.05 -5.42
CA LEU C 285 22.11 -23.57 -4.39
C LEU C 285 22.52 -24.69 -3.44
N MET C 286 21.58 -25.57 -3.10
CA MET C 286 21.94 -26.74 -2.29
C MET C 286 22.93 -27.63 -3.01
N GLY C 287 22.76 -27.83 -4.32
CA GLY C 287 23.70 -28.64 -5.05
C GLY C 287 25.11 -28.06 -5.01
N CYS C 288 25.22 -26.76 -5.25
CA CYS C 288 26.53 -26.12 -5.19
C CYS C 288 27.14 -26.23 -3.80
N PHE C 289 26.33 -26.02 -2.77
CA PHE C 289 26.83 -26.17 -1.41
C PHE C 289 27.33 -27.59 -1.16
N VAL C 290 26.59 -28.58 -1.63
CA VAL C 290 26.98 -29.97 -1.40
C VAL C 290 28.29 -30.27 -2.13
N PHE C 291 28.48 -29.68 -3.31
CA PHE C 291 29.75 -29.90 -4.00
C PHE C 291 30.91 -29.26 -3.26
N VAL C 292 30.74 -28.04 -2.74
CA VAL C 292 31.81 -27.44 -1.95
C VAL C 292 32.11 -28.31 -0.74
N PHE C 293 31.06 -28.81 -0.10
CA PHE C 293 31.20 -29.70 1.04
C PHE C 293 32.00 -30.95 0.67
N MET C 294 31.66 -31.57 -0.46
CA MET C 294 32.36 -32.78 -0.89
C MET C 294 33.82 -32.49 -1.22
N ALA C 295 34.09 -31.34 -1.83
CA ALA C 295 35.49 -31.00 -2.13
C ALA C 295 36.29 -30.86 -0.85
N LEU C 296 35.73 -30.19 0.16
CA LEU C 296 36.47 -30.01 1.40
C LEU C 296 36.64 -31.34 2.14
N LEU C 297 35.62 -32.21 2.10
CA LEU C 297 35.78 -33.53 2.68
C LEU C 297 36.83 -34.35 1.94
N GLU C 298 36.89 -34.21 0.62
CA GLU C 298 37.92 -34.90 -0.14
C GLU C 298 39.30 -34.45 0.31
N TYR C 299 39.47 -33.14 0.51
CA TYR C 299 40.75 -32.69 1.05
C TYR C 299 41.02 -33.29 2.42
N ALA C 300 40.00 -33.35 3.27
CA ALA C 300 40.20 -33.91 4.60
C ALA C 300 40.63 -35.36 4.52
N LEU C 301 40.01 -36.12 3.62
CA LEU C 301 40.41 -37.52 3.42
C LEU C 301 41.86 -37.60 2.95
N VAL C 302 42.22 -36.77 1.97
CA VAL C 302 43.59 -36.78 1.45
C VAL C 302 44.57 -36.50 2.57
N ASN C 303 44.27 -35.49 3.39
CA ASN C 303 45.17 -35.14 4.49
C ASN C 303 45.27 -36.26 5.51
N TYR C 304 44.15 -36.90 5.84
CA TYR C 304 44.18 -38.00 6.80
C TYR C 304 45.04 -39.15 6.28
N ILE C 305 44.77 -39.61 5.06
CA ILE C 305 45.38 -40.84 4.58
C ILE C 305 46.73 -40.59 3.93
N PHE C 306 47.17 -39.35 3.82
CA PHE C 306 48.46 -39.10 3.17
C PHE C 306 49.60 -39.88 3.77
N PHE C 307 49.96 -39.56 5.02
CA PHE C 307 51.24 -40.02 5.55
C PHE C 307 51.42 -41.52 5.40
N SER C 308 50.32 -42.29 5.47
CA SER C 308 50.43 -43.73 5.33
C SER C 308 50.69 -44.15 3.90
N GLN C 309 50.26 -43.37 2.92
CA GLN C 309 50.39 -43.80 1.52
C GLN C 309 50.24 -42.64 0.54
N PRO C 310 51.31 -41.86 0.35
CA PRO C 310 51.27 -40.78 -0.64
C PRO C 310 50.73 -41.22 -2.00
N ALA C 311 51.01 -42.46 -2.41
CA ALA C 311 50.55 -42.92 -3.72
C ALA C 311 49.03 -42.86 -3.80
N ARG C 312 48.34 -43.42 -2.80
CA ARG C 312 46.89 -43.37 -2.83
C ARG C 312 46.39 -41.95 -2.62
N ALA C 313 47.09 -41.16 -1.82
CA ALA C 313 46.71 -39.76 -1.67
C ALA C 313 46.68 -39.06 -3.04
N ALA C 314 47.77 -39.18 -3.79
CA ALA C 314 47.85 -38.52 -5.09
C ALA C 314 46.85 -39.10 -6.07
N ALA C 315 46.64 -40.42 -6.04
CA ALA C 315 45.66 -41.03 -6.94
C ALA C 315 44.26 -40.49 -6.66
N ILE C 316 43.90 -40.39 -5.37
CA ILE C 316 42.62 -39.80 -5.00
C ILE C 316 42.53 -38.37 -5.49
N ASP C 317 43.60 -37.60 -5.30
CA ASP C 317 43.58 -36.20 -5.72
C ASP C 317 43.34 -36.09 -7.21
N ARG C 318 44.05 -36.88 -8.01
CA ARG C 318 43.89 -36.81 -9.46
C ARG C 318 42.51 -37.28 -9.89
N TRP C 319 42.00 -38.36 -9.30
CA TRP C 319 40.66 -38.81 -9.64
C TRP C 319 39.62 -37.75 -9.34
N SER C 320 39.72 -37.12 -8.17
CA SER C 320 38.74 -36.08 -7.84
C SER C 320 38.89 -34.89 -8.77
N ARG C 321 40.14 -34.50 -9.07
CA ARG C 321 40.39 -33.44 -10.05
C ARG C 321 39.69 -33.72 -11.37
N ILE C 322 39.71 -34.97 -11.81
CA ILE C 322 39.11 -35.29 -13.11
C ILE C 322 37.61 -35.50 -13.02
N PHE C 323 37.08 -35.87 -11.85
CA PHE C 323 35.70 -36.34 -11.77
C PHE C 323 34.75 -35.45 -10.97
N PHE C 324 35.21 -34.37 -10.37
CA PHE C 324 34.22 -33.39 -9.90
C PHE C 324 33.73 -32.48 -11.01
N PRO C 325 34.58 -32.00 -11.92
CA PRO C 325 34.03 -31.29 -13.09
C PRO C 325 33.06 -32.15 -13.88
N VAL C 326 33.33 -33.45 -13.99
CA VAL C 326 32.43 -34.34 -14.70
C VAL C 326 31.07 -34.41 -14.00
N VAL C 327 31.09 -34.63 -12.69
CA VAL C 327 29.83 -34.74 -11.95
C VAL C 327 29.10 -33.41 -11.95
N PHE C 328 29.83 -32.31 -11.91
CA PHE C 328 29.18 -31.00 -11.94
C PHE C 328 28.52 -30.73 -13.28
N SER C 329 29.18 -31.09 -14.38
CA SER C 329 28.51 -30.96 -15.68
C SER C 329 27.30 -31.86 -15.75
N PHE C 330 27.40 -33.07 -15.21
CA PHE C 330 26.26 -33.98 -15.22
C PHE C 330 25.09 -33.42 -14.42
N PHE C 331 25.40 -32.87 -13.24
CA PHE C 331 24.37 -32.23 -12.40
C PHE C 331 23.74 -31.05 -13.12
N ASN C 332 24.57 -30.21 -13.75
CA ASN C 332 24.04 -29.06 -14.47
C ASN C 332 23.12 -29.50 -15.59
N ILE C 333 23.52 -30.53 -16.33
CA ILE C 333 22.69 -31.00 -17.45
C ILE C 333 21.36 -31.52 -16.93
N VAL C 334 21.40 -32.39 -15.93
CA VAL C 334 20.14 -32.96 -15.44
C VAL C 334 19.24 -31.85 -14.93
N TYR C 335 19.80 -30.92 -14.15
CA TYR C 335 18.98 -29.86 -13.56
C TYR C 335 18.37 -28.97 -14.63
N TRP C 336 19.18 -28.50 -15.58
CA TRP C 336 18.67 -27.57 -16.57
C TRP C 336 17.70 -28.25 -17.54
N LEU C 337 17.85 -29.56 -17.78
CA LEU C 337 16.88 -30.23 -18.63
C LEU C 337 15.62 -30.62 -17.88
N TYR C 338 15.71 -30.81 -16.56
CA TYR C 338 14.51 -31.11 -15.78
C TYR C 338 13.67 -29.86 -15.51
N TYR C 339 14.31 -28.70 -15.37
CA TYR C 339 13.59 -27.46 -15.11
C TYR C 339 13.36 -26.64 -16.37
N VAL C 340 13.49 -27.25 -17.55
CA VAL C 340 13.13 -26.60 -18.79
C VAL C 340 12.53 -27.62 -19.75
N ASP D 10 -48.44 -4.12 -20.22
CA ASP D 10 -48.34 -3.63 -18.85
C ASP D 10 -47.89 -4.75 -17.92
N ASN D 11 -46.75 -5.35 -18.23
CA ASN D 11 -46.18 -6.41 -17.41
C ASN D 11 -45.25 -5.90 -16.31
N THR D 12 -44.92 -4.60 -16.31
CA THR D 12 -44.13 -4.02 -15.24
C THR D 12 -44.93 -3.11 -14.33
N THR D 13 -46.15 -2.74 -14.70
CA THR D 13 -46.95 -1.92 -13.80
C THR D 13 -47.23 -2.66 -12.50
N VAL D 14 -47.59 -3.93 -12.58
CA VAL D 14 -47.81 -4.71 -11.37
C VAL D 14 -46.50 -4.85 -10.60
N PHE D 15 -45.39 -5.05 -11.30
CA PHE D 15 -44.13 -5.25 -10.63
C PHE D 15 -43.74 -4.00 -9.82
N THR D 16 -43.90 -2.83 -10.45
CA THR D 16 -43.58 -1.58 -9.75
C THR D 16 -44.59 -1.28 -8.64
N ARG D 17 -45.87 -1.61 -8.83
CA ARG D 17 -46.81 -1.43 -7.73
C ARG D 17 -46.39 -2.26 -6.52
N ILE D 18 -45.99 -3.50 -6.75
CA ILE D 18 -45.54 -4.34 -5.65
C ILE D 18 -44.32 -3.74 -4.99
N LEU D 19 -43.34 -3.32 -5.81
CA LEU D 19 -42.11 -2.79 -5.24
C LEU D 19 -42.36 -1.54 -4.41
N ASP D 20 -43.25 -0.66 -4.86
CA ASP D 20 -43.52 0.55 -4.11
C ASP D 20 -44.37 0.29 -2.87
N ARG D 21 -45.36 -0.59 -2.97
CA ARG D 21 -46.19 -0.88 -1.80
C ARG D 21 -45.49 -1.75 -0.78
N LEU D 22 -44.36 -2.35 -1.14
CA LEU D 22 -43.71 -3.29 -0.23
C LEU D 22 -43.32 -2.63 1.09
N LEU D 23 -42.77 -1.42 1.04
CA LEU D 23 -42.21 -0.77 2.21
C LEU D 23 -43.13 0.30 2.79
N ASP D 24 -44.44 0.10 2.71
CA ASP D 24 -45.39 1.02 3.31
C ASP D 24 -45.66 0.59 4.74
N GLY D 25 -45.48 1.52 5.68
CA GLY D 25 -45.66 1.18 7.08
C GLY D 25 -44.56 0.31 7.65
N TYR D 26 -43.38 0.31 7.03
CA TYR D 26 -42.25 -0.47 7.51
C TYR D 26 -41.36 0.38 8.39
N ASP D 27 -40.79 -0.24 9.42
CA ASP D 27 -39.87 0.40 10.35
C ASP D 27 -38.59 -0.41 10.39
N ASN D 28 -37.53 0.10 9.78
CA ASN D 28 -36.27 -0.62 9.73
C ASN D 28 -35.50 -0.56 11.03
N ARG D 29 -36.08 0.00 12.09
CA ARG D 29 -35.45 0.02 13.40
C ARG D 29 -35.92 -1.12 14.28
N LEU D 30 -36.96 -1.85 13.88
CA LEU D 30 -37.56 -2.91 14.67
C LEU D 30 -37.32 -4.24 13.96
N ARG D 31 -36.70 -5.18 14.66
CA ARG D 31 -36.48 -6.50 14.09
C ARG D 31 -37.83 -7.19 13.88
N PRO D 32 -37.92 -8.07 12.89
CA PRO D 32 -39.18 -8.79 12.67
C PRO D 32 -39.57 -9.58 13.92
N GLY D 33 -40.85 -9.50 14.28
CA GLY D 33 -41.32 -10.13 15.48
C GLY D 33 -40.65 -9.58 16.72
N LEU D 34 -40.88 -8.30 17.01
CA LEU D 34 -40.22 -7.67 18.15
C LEU D 34 -40.67 -8.30 19.47
N GLY D 35 -41.98 -8.36 19.70
CA GLY D 35 -42.48 -8.80 20.99
C GLY D 35 -43.06 -10.20 20.97
N GLU D 36 -42.95 -10.88 19.84
CA GLU D 36 -43.62 -12.16 19.64
C GLU D 36 -42.68 -13.34 19.46
N ARG D 37 -41.56 -13.16 18.79
CA ARG D 37 -40.69 -14.28 18.44
C ARG D 37 -39.24 -13.92 18.73
N VAL D 38 -38.37 -14.87 18.45
CA VAL D 38 -36.93 -14.64 18.42
C VAL D 38 -36.51 -14.75 16.97
N THR D 39 -36.03 -13.64 16.40
CA THR D 39 -35.62 -13.65 15.00
C THR D 39 -34.56 -14.70 14.77
N GLU D 40 -34.80 -15.65 13.88
CA GLU D 40 -33.83 -16.75 13.63
C GLU D 40 -33.14 -16.55 12.28
N VAL D 41 -31.98 -15.91 12.26
CA VAL D 41 -31.16 -15.68 11.03
C VAL D 41 -30.43 -16.98 10.76
N LYS D 42 -30.74 -17.68 9.67
CA LYS D 42 -30.07 -18.97 9.30
C LYS D 42 -28.83 -18.69 8.44
N THR D 43 -27.63 -18.67 9.01
CA THR D 43 -26.37 -18.34 8.32
C THR D 43 -25.88 -19.47 7.44
N ASP D 44 -24.89 -19.22 6.59
CA ASP D 44 -24.29 -20.19 5.65
C ASP D 44 -23.11 -19.46 5.02
N ILE D 45 -21.95 -20.06 4.88
CA ILE D 45 -20.70 -19.46 4.42
C ILE D 45 -20.07 -20.35 3.37
N PHE D 46 -19.72 -19.76 2.24
CA PHE D 46 -18.95 -20.44 1.21
C PHE D 46 -17.60 -19.72 1.10
N VAL D 47 -16.53 -20.38 1.53
CA VAL D 47 -15.22 -19.77 1.54
C VAL D 47 -14.64 -19.92 0.14
N THR D 48 -14.67 -18.84 -0.64
CA THR D 48 -14.15 -18.91 -2.01
C THR D 48 -12.66 -19.17 -2.00
N SER D 49 -11.93 -18.57 -1.06
CA SER D 49 -10.49 -18.76 -0.99
C SER D 49 -10.01 -18.46 0.42
N PHE D 50 -9.25 -19.38 1.00
CA PHE D 50 -8.67 -19.20 2.32
C PHE D 50 -7.35 -18.45 2.17
N GLY D 51 -7.43 -17.13 2.24
CA GLY D 51 -6.31 -16.28 1.91
C GLY D 51 -5.09 -16.53 2.75
N PRO D 52 -4.03 -15.77 2.51
CA PRO D 52 -2.75 -16.02 3.18
C PRO D 52 -2.86 -15.86 4.69
N VAL D 53 -2.17 -16.73 5.42
CA VAL D 53 -2.10 -16.64 6.87
C VAL D 53 -0.84 -15.88 7.22
N SER D 54 -1.00 -14.64 7.65
CA SER D 54 0.16 -13.79 7.96
C SER D 54 0.73 -14.22 9.30
N ASP D 55 1.87 -14.89 9.26
CA ASP D 55 2.43 -15.46 10.48
C ASP D 55 2.89 -14.39 11.45
N HIS D 56 3.41 -13.28 10.92
CA HIS D 56 3.90 -12.20 11.78
C HIS D 56 2.78 -11.59 12.60
N ASP D 57 1.60 -11.41 12.00
CA ASP D 57 0.52 -10.65 12.62
C ASP D 57 -0.51 -11.50 13.33
N MET D 58 -0.32 -12.82 13.39
CA MET D 58 -1.33 -13.72 13.94
C MET D 58 -2.71 -13.42 13.36
N GLU D 59 -2.76 -13.31 12.04
CA GLU D 59 -4.00 -13.03 11.34
C GLU D 59 -4.11 -13.95 10.14
N TYR D 60 -5.29 -14.00 9.57
CA TYR D 60 -5.53 -14.75 8.34
C TYR D 60 -6.70 -14.13 7.60
N THR D 61 -6.58 -14.08 6.28
CA THR D 61 -7.62 -13.54 5.42
C THR D 61 -8.46 -14.67 4.85
N ILE D 62 -9.77 -14.48 4.85
CA ILE D 62 -10.73 -15.44 4.31
C ILE D 62 -11.71 -14.67 3.43
N ASP D 63 -11.83 -15.07 2.18
CA ASP D 63 -12.77 -14.45 1.25
C ASP D 63 -14.01 -15.32 1.20
N VAL D 64 -15.17 -14.77 1.55
CA VAL D 64 -16.35 -15.59 1.75
C VAL D 64 -17.55 -14.99 1.05
N PHE D 65 -18.48 -15.87 0.71
CA PHE D 65 -19.86 -15.54 0.39
C PHE D 65 -20.68 -15.87 1.63
N PHE D 66 -21.22 -14.83 2.26
CA PHE D 66 -21.92 -14.94 3.52
C PHE D 66 -23.41 -14.76 3.26
N ARG D 67 -24.17 -15.84 3.40
CA ARG D 67 -25.61 -15.84 3.10
C ARG D 67 -26.39 -15.95 4.40
N GLN D 68 -27.30 -15.03 4.71
CA GLN D 68 -28.14 -15.04 5.91
C GLN D 68 -29.60 -14.98 5.48
N SER D 69 -30.45 -15.91 5.91
CA SER D 69 -31.89 -15.96 5.54
C SER D 69 -32.77 -15.92 6.78
N TRP D 70 -33.57 -14.87 6.96
CA TRP D 70 -34.51 -14.71 8.10
C TRP D 70 -35.94 -14.70 7.58
N LYS D 71 -36.92 -14.32 8.38
CA LYS D 71 -38.32 -14.25 8.02
C LYS D 71 -38.89 -12.93 8.53
N ASP D 72 -39.36 -12.11 7.60
CA ASP D 72 -39.98 -10.82 7.91
C ASP D 72 -41.44 -10.90 7.50
N GLU D 73 -42.33 -11.05 8.48
CA GLU D 73 -43.75 -11.14 8.19
C GLU D 73 -44.30 -9.84 7.59
N ARG D 74 -43.60 -8.72 7.78
CA ARG D 74 -44.07 -7.43 7.32
C ARG D 74 -43.88 -7.21 5.83
N LEU D 75 -43.17 -8.12 5.14
CA LEU D 75 -42.92 -8.00 3.72
C LEU D 75 -43.67 -9.05 2.91
N LYS D 76 -44.75 -9.61 3.47
CA LYS D 76 -45.57 -10.57 2.75
C LYS D 76 -46.31 -9.84 1.64
N PHE D 77 -45.92 -10.08 0.40
CA PHE D 77 -46.60 -9.51 -0.76
C PHE D 77 -47.28 -10.63 -1.55
N LYS D 78 -48.11 -10.22 -2.49
CA LYS D 78 -48.79 -11.15 -3.38
C LYS D 78 -48.86 -10.54 -4.77
N GLY D 79 -48.55 -11.34 -5.78
CA GLY D 79 -48.54 -10.86 -7.14
C GLY D 79 -48.11 -11.92 -8.12
N PRO D 80 -47.91 -11.52 -9.38
CA PRO D 80 -47.49 -12.50 -10.40
C PRO D 80 -46.12 -13.10 -10.16
N MET D 81 -45.35 -12.57 -9.23
CA MET D 81 -44.00 -13.03 -8.95
C MET D 81 -43.96 -13.79 -7.63
N THR D 82 -43.07 -14.77 -7.56
CA THR D 82 -42.86 -15.51 -6.32
C THR D 82 -41.60 -15.07 -5.58
N VAL D 83 -40.52 -14.79 -6.32
CA VAL D 83 -39.28 -14.26 -5.76
C VAL D 83 -39.05 -12.88 -6.34
N LEU D 84 -38.76 -11.92 -5.47
CA LEU D 84 -38.63 -10.52 -5.84
C LEU D 84 -37.27 -10.02 -5.39
N ARG D 85 -36.47 -9.55 -6.34
CA ARG D 85 -35.15 -9.02 -6.05
C ARG D 85 -35.24 -7.57 -5.63
N LEU D 86 -34.28 -7.13 -4.81
CA LEU D 86 -34.21 -5.75 -4.37
C LEU D 86 -32.85 -5.17 -4.69
N ASN D 87 -32.84 -3.93 -5.19
CA ASN D 87 -31.59 -3.22 -5.37
C ASN D 87 -31.04 -2.77 -4.02
N ASN D 88 -29.78 -2.34 -4.02
CA ASN D 88 -29.14 -1.96 -2.76
C ASN D 88 -29.83 -0.78 -2.09
N LEU D 89 -30.46 0.10 -2.87
CA LEU D 89 -31.16 1.23 -2.29
C LEU D 89 -32.35 0.77 -1.45
N MET D 90 -33.07 -0.24 -1.92
CA MET D 90 -34.14 -0.83 -1.14
C MET D 90 -33.62 -1.70 -0.02
N ALA D 91 -32.49 -2.37 -0.24
CA ALA D 91 -31.91 -3.23 0.79
C ALA D 91 -31.39 -2.42 1.97
N SER D 92 -31.17 -1.13 1.79
CA SER D 92 -30.80 -0.29 2.91
C SER D 92 -32.00 0.18 3.72
N LYS D 93 -33.22 -0.03 3.23
CA LYS D 93 -34.43 0.41 3.89
C LYS D 93 -35.10 -0.70 4.69
N ILE D 94 -34.55 -1.90 4.71
CA ILE D 94 -35.14 -3.03 5.41
C ILE D 94 -34.24 -3.40 6.58
N TRP D 95 -34.83 -4.05 7.58
CA TRP D 95 -34.05 -4.54 8.71
C TRP D 95 -33.24 -5.74 8.26
N THR D 96 -31.95 -5.72 8.54
CA THR D 96 -31.07 -6.84 8.27
C THR D 96 -30.21 -7.09 9.50
N PRO D 97 -29.89 -8.35 9.80
CA PRO D 97 -29.10 -8.63 11.00
C PRO D 97 -27.75 -7.93 10.92
N ASP D 98 -27.31 -7.40 12.05
CA ASP D 98 -26.05 -6.67 12.10
C ASP D 98 -24.91 -7.58 12.55
N THR D 99 -24.76 -8.67 11.81
CA THR D 99 -23.73 -9.64 12.13
C THR D 99 -22.35 -9.00 12.04
N PHE D 100 -21.46 -9.41 12.94
CA PHE D 100 -20.07 -9.00 12.88
C PHE D 100 -19.22 -10.20 13.25
N PHE D 101 -17.91 -10.03 13.13
CA PHE D 101 -16.96 -11.09 13.41
C PHE D 101 -16.22 -10.75 14.70
N HIS D 102 -16.40 -11.58 15.72
CA HIS D 102 -15.86 -11.24 17.04
C HIS D 102 -14.36 -11.00 16.98
N ASN D 103 -13.65 -11.79 16.21
CA ASN D 103 -12.21 -11.70 16.10
C ASN D 103 -11.76 -10.98 14.85
N GLY D 104 -12.68 -10.39 14.08
CA GLY D 104 -12.30 -9.70 12.87
C GLY D 104 -11.49 -8.45 13.19
N LYS D 105 -10.51 -8.17 12.33
CA LYS D 105 -9.69 -6.98 12.44
C LYS D 105 -10.12 -5.91 11.46
N LYS D 106 -10.13 -6.23 10.17
CA LYS D 106 -10.49 -5.24 9.15
C LYS D 106 -11.15 -6.00 8.00
N SER D 107 -12.48 -6.08 8.03
CA SER D 107 -13.23 -6.74 6.99
C SER D 107 -13.69 -5.74 5.96
N VAL D 108 -13.59 -6.13 4.69
CA VAL D 108 -13.94 -5.26 3.57
C VAL D 108 -15.04 -5.93 2.76
N ALA D 109 -16.14 -5.22 2.56
CA ALA D 109 -17.21 -5.68 1.69
C ALA D 109 -16.99 -5.04 0.32
N HIS D 110 -16.86 -5.86 -0.71
CA HIS D 110 -16.52 -5.35 -2.02
C HIS D 110 -17.74 -4.69 -2.67
N ASN D 111 -17.52 -3.53 -3.29
CA ASN D 111 -18.57 -2.85 -4.03
C ASN D 111 -18.10 -2.52 -5.43
N MET D 112 -17.58 -3.51 -6.14
CA MET D 112 -17.15 -3.31 -7.51
C MET D 112 -17.73 -4.41 -8.40
N THR D 113 -18.33 -4.04 -9.52
CA THR D 113 -18.55 -2.65 -9.96
C THR D 113 -19.74 -2.06 -9.24
N MET D 114 -20.63 -2.93 -8.77
CA MET D 114 -21.75 -2.56 -7.94
C MET D 114 -21.62 -3.30 -6.61
N PRO D 115 -22.29 -2.83 -5.55
CA PRO D 115 -22.18 -3.52 -4.26
C PRO D 115 -22.37 -5.01 -4.40
N ASN D 116 -21.41 -5.81 -3.96
CA ASN D 116 -21.51 -7.25 -4.09
C ASN D 116 -22.46 -7.80 -3.03
N LYS D 117 -23.70 -7.34 -3.09
CA LYS D 117 -24.76 -7.76 -2.21
C LYS D 117 -25.98 -8.11 -3.03
N LEU D 118 -26.84 -8.95 -2.46
CA LEU D 118 -28.09 -9.30 -3.11
C LEU D 118 -29.11 -9.58 -2.02
N LEU D 119 -30.33 -9.10 -2.21
CA LEU D 119 -31.40 -9.35 -1.25
C LEU D 119 -32.64 -9.77 -2.03
N ARG D 120 -33.18 -10.93 -1.69
CA ARG D 120 -34.39 -11.46 -2.31
C ARG D 120 -35.46 -11.63 -1.25
N ILE D 121 -36.71 -11.45 -1.67
CA ILE D 121 -37.88 -11.66 -0.81
C ILE D 121 -38.79 -12.66 -1.49
N THR D 122 -39.19 -13.68 -0.76
CA THR D 122 -40.16 -14.64 -1.24
C THR D 122 -41.55 -14.23 -0.74
N GLU D 123 -42.59 -14.77 -1.40
CA GLU D 123 -43.95 -14.39 -1.06
C GLU D 123 -44.21 -14.50 0.44
N ASP D 124 -43.81 -15.60 1.03
CA ASP D 124 -44.14 -15.81 2.44
C ASP D 124 -43.33 -14.95 3.37
N GLY D 125 -42.59 -13.96 2.89
CA GLY D 125 -41.85 -13.08 3.76
C GLY D 125 -40.47 -13.57 4.14
N THR D 126 -39.87 -14.46 3.36
CA THR D 126 -38.53 -14.95 3.65
C THR D 126 -37.52 -14.08 2.90
N LEU D 127 -36.55 -13.55 3.64
CA LEU D 127 -35.51 -12.70 3.07
C LEU D 127 -34.22 -13.47 3.02
N LEU D 128 -33.57 -13.44 1.86
CA LEU D 128 -32.24 -14.02 1.67
C LEU D 128 -31.28 -12.90 1.32
N TYR D 129 -30.20 -12.78 2.09
CA TYR D 129 -29.21 -11.72 1.95
C TYR D 129 -27.85 -12.35 1.72
N THR D 130 -27.30 -12.16 0.52
CA THR D 130 -25.99 -12.65 0.15
C THR D 130 -25.02 -11.48 0.12
N MET D 131 -23.86 -11.67 0.73
CA MET D 131 -22.80 -10.68 0.73
C MET D 131 -21.51 -11.36 0.30
N ARG D 132 -20.66 -10.63 -0.40
CA ARG D 132 -19.31 -11.10 -0.70
C ARG D 132 -18.36 -10.22 0.07
N LEU D 133 -17.53 -10.82 0.91
CA LEU D 133 -16.70 -9.98 1.76
C LEU D 133 -15.44 -10.72 2.17
N THR D 134 -14.38 -9.95 2.40
CA THR D 134 -13.08 -10.46 2.80
C THR D 134 -12.89 -10.12 4.27
N VAL D 135 -12.69 -11.14 5.10
CA VAL D 135 -12.58 -10.99 6.53
C VAL D 135 -11.14 -11.26 6.91
N ARG D 136 -10.49 -10.29 7.53
CA ARG D 136 -9.10 -10.39 7.97
C ARG D 136 -9.14 -10.58 9.47
N ALA D 137 -9.18 -11.84 9.90
CA ALA D 137 -9.47 -12.16 11.29
C ALA D 137 -8.20 -12.56 12.04
N GLU D 138 -8.34 -12.67 13.35
CA GLU D 138 -7.22 -12.99 14.24
C GLU D 138 -7.03 -14.49 14.36
N CYS D 139 -5.77 -14.93 14.23
CA CYS D 139 -5.40 -16.34 14.24
C CYS D 139 -4.32 -16.50 15.30
N PRO D 140 -4.71 -16.56 16.57
CA PRO D 140 -3.70 -16.65 17.64
C PRO D 140 -2.91 -17.94 17.53
N MET D 141 -1.59 -17.81 17.40
CA MET D 141 -0.71 -18.93 17.12
C MET D 141 0.19 -19.20 18.30
N HIS D 142 0.47 -20.48 18.55
CA HIS D 142 1.45 -20.90 19.54
C HIS D 142 2.55 -21.65 18.80
N LEU D 143 3.70 -21.01 18.64
CA LEU D 143 4.77 -21.51 17.79
C LEU D 143 5.80 -22.32 18.56
N GLU D 144 5.39 -22.98 19.65
CA GLU D 144 6.35 -23.77 20.41
C GLU D 144 6.93 -24.90 19.55
N ASP D 145 6.21 -25.35 18.54
CA ASP D 145 6.65 -26.44 17.68
C ASP D 145 7.10 -25.95 16.31
N PHE D 146 7.41 -24.67 16.19
CA PHE D 146 7.85 -24.14 14.91
C PHE D 146 9.09 -24.88 14.43
N PRO D 147 9.16 -25.30 13.16
CA PRO D 147 8.16 -25.16 12.10
C PRO D 147 7.20 -26.33 12.03
N MET D 148 7.18 -27.19 13.06
CA MET D 148 6.33 -28.37 13.07
C MET D 148 5.02 -28.14 13.82
N ASP D 149 4.49 -26.91 13.79
CA ASP D 149 3.30 -26.57 14.55
C ASP D 149 2.05 -26.78 13.72
N ALA D 150 0.94 -27.01 14.41
CA ALA D 150 -0.37 -27.09 13.80
C ALA D 150 -1.31 -26.17 14.55
N HIS D 151 -2.06 -25.36 13.80
CA HIS D 151 -2.95 -24.38 14.38
C HIS D 151 -4.40 -24.72 14.07
N ALA D 152 -5.30 -24.16 14.86
CA ALA D 152 -6.72 -24.45 14.78
C ALA D 152 -7.51 -23.14 14.83
N CYS D 153 -7.13 -22.20 13.97
CA CYS D 153 -7.59 -20.88 14.39
C CYS D 153 -8.95 -20.52 13.81
N PRO D 154 -9.66 -19.64 14.50
CA PRO D 154 -11.12 -19.55 14.33
C PRO D 154 -11.62 -18.48 13.39
N LEU D 155 -12.91 -18.58 13.10
CA LEU D 155 -13.73 -17.49 12.55
C LEU D 155 -15.00 -17.51 13.40
N LYS D 156 -15.07 -16.63 14.39
CA LYS D 156 -16.25 -16.50 15.22
C LYS D 156 -17.03 -15.27 14.81
N PHE D 157 -18.33 -15.42 14.62
CA PHE D 157 -19.18 -14.30 14.27
C PHE D 157 -20.50 -14.42 15.01
N GLY D 158 -21.23 -13.33 15.04
CA GLY D 158 -22.44 -13.29 15.82
C GLY D 158 -23.14 -11.98 15.60
N SER D 159 -24.04 -11.64 16.50
CA SER D 159 -24.80 -10.41 16.37
C SER D 159 -24.32 -9.38 17.39
N TYR D 160 -24.36 -8.13 16.98
CA TYR D 160 -24.10 -7.00 17.86
C TYR D 160 -25.45 -6.39 18.22
N ALA D 161 -25.63 -6.06 19.49
CA ALA D 161 -26.80 -5.34 19.96
C ALA D 161 -28.03 -6.21 20.13
N TYR D 162 -27.95 -7.51 19.85
CA TYR D 162 -29.12 -8.40 19.94
C TYR D 162 -28.74 -9.64 20.73
N THR D 163 -29.24 -9.73 21.95
CA THR D 163 -28.85 -10.80 22.84
C THR D 163 -29.48 -12.12 22.42
N ARG D 164 -29.21 -13.17 23.20
CA ARG D 164 -29.68 -14.50 22.86
C ARG D 164 -31.19 -14.60 22.84
N ALA D 165 -31.88 -13.64 23.45
CA ALA D 165 -33.34 -13.66 23.52
C ALA D 165 -34.00 -12.84 22.43
N GLU D 166 -33.23 -12.28 21.51
CA GLU D 166 -33.78 -11.45 20.44
C GLU D 166 -33.45 -11.99 19.07
N VAL D 167 -32.19 -12.30 18.80
CA VAL D 167 -31.75 -12.84 17.52
C VAL D 167 -30.90 -14.05 17.79
N VAL D 168 -31.30 -15.21 17.26
CA VAL D 168 -30.56 -16.48 17.46
C VAL D 168 -30.16 -17.04 16.11
N TYR D 169 -28.86 -17.14 15.81
CA TYR D 169 -28.35 -17.68 14.53
C TYR D 169 -28.46 -19.20 14.57
N GLU D 170 -28.70 -19.86 13.44
CA GLU D 170 -28.71 -21.34 13.36
C GLU D 170 -28.21 -21.73 11.98
N TRP D 171 -27.16 -22.53 11.88
CA TRP D 171 -26.55 -22.92 10.58
C TRP D 171 -27.67 -23.48 9.71
N THR D 172 -27.67 -23.21 8.39
CA THR D 172 -28.78 -23.59 7.48
C THR D 172 -29.00 -25.10 7.51
N ARG D 173 -28.00 -25.92 7.16
CA ARG D 173 -28.10 -27.40 7.17
C ARG D 173 -27.27 -27.88 8.35
N GLU D 174 -26.72 -29.08 8.31
CA GLU D 174 -26.02 -29.64 9.48
C GLU D 174 -24.77 -28.80 9.68
N PRO D 175 -24.43 -28.39 10.88
CA PRO D 175 -23.31 -27.49 11.04
C PRO D 175 -22.23 -27.68 9.97
N ALA D 176 -21.63 -28.84 9.81
CA ALA D 176 -20.44 -29.05 8.93
C ALA D 176 -20.73 -28.96 7.43
N ARG D 177 -21.97 -28.82 6.97
CA ARG D 177 -22.37 -28.66 5.54
C ARG D 177 -22.86 -27.24 5.36
N SER D 178 -22.71 -26.38 6.37
CA SER D 178 -23.11 -24.96 6.30
C SER D 178 -21.88 -24.09 6.09
N VAL D 179 -20.65 -24.59 6.23
CA VAL D 179 -19.41 -23.85 5.87
C VAL D 179 -18.71 -24.76 4.88
N VAL D 180 -18.38 -24.32 3.67
CA VAL D 180 -17.73 -25.10 2.63
C VAL D 180 -16.61 -24.27 2.03
N VAL D 181 -15.46 -24.92 1.80
CA VAL D 181 -14.31 -24.26 1.22
C VAL D 181 -14.19 -24.72 -0.23
N ALA D 182 -14.04 -23.77 -1.14
CA ALA D 182 -13.94 -24.11 -2.55
C ALA D 182 -12.73 -25.01 -2.78
N GLU D 183 -12.78 -25.75 -3.88
CA GLU D 183 -11.72 -26.72 -4.15
C GLU D 183 -10.38 -26.02 -4.32
N ASP D 184 -10.33 -25.01 -5.19
CA ASP D 184 -9.13 -24.23 -5.41
C ASP D 184 -9.03 -23.05 -4.45
N GLY D 185 -9.75 -23.09 -3.33
CA GLY D 185 -9.77 -21.97 -2.42
C GLY D 185 -8.54 -21.83 -1.56
N SER D 186 -7.73 -22.87 -1.45
CA SER D 186 -6.55 -22.81 -0.60
C SER D 186 -5.53 -21.88 -1.25
N ARG D 187 -5.44 -20.66 -0.72
CA ARG D 187 -4.45 -19.68 -1.16
C ARG D 187 -3.24 -19.64 -0.24
N LEU D 188 -3.01 -20.69 0.53
CA LEU D 188 -1.90 -20.78 1.47
C LEU D 188 -0.72 -21.45 0.77
N ASN D 189 0.42 -20.76 0.75
CA ASN D 189 1.64 -21.34 0.22
C ASN D 189 2.50 -21.98 1.30
N GLN D 190 2.21 -21.71 2.56
CA GLN D 190 3.03 -22.17 3.67
C GLN D 190 2.38 -23.25 4.51
N TYR D 191 1.07 -23.23 4.66
CA TYR D 191 0.34 -24.19 5.47
C TYR D 191 -0.39 -25.20 4.57
N ASP D 192 -1.10 -26.12 5.21
CA ASP D 192 -1.93 -27.10 4.51
C ASP D 192 -3.26 -27.17 5.25
N LEU D 193 -4.29 -26.53 4.69
CA LEU D 193 -5.61 -26.58 5.28
C LEU D 193 -6.09 -28.02 5.39
N LEU D 194 -6.17 -28.55 6.61
CA LEU D 194 -6.54 -29.94 6.80
C LEU D 194 -8.06 -30.11 6.85
N GLY D 195 -8.71 -29.43 7.77
CA GLY D 195 -10.15 -29.55 7.91
C GLY D 195 -10.76 -28.37 8.61
N GLN D 196 -11.99 -28.55 9.08
CA GLN D 196 -12.76 -27.44 9.62
C GLN D 196 -13.81 -28.00 10.56
N THR D 197 -14.02 -27.31 11.68
CA THR D 197 -15.00 -27.72 12.68
C THR D 197 -15.88 -26.54 12.99
N VAL D 198 -17.15 -26.63 12.65
CA VAL D 198 -18.11 -25.55 12.87
C VAL D 198 -18.93 -25.89 14.09
N ASP D 199 -19.29 -24.86 14.86
CA ASP D 199 -19.95 -25.06 16.13
C ASP D 199 -20.76 -23.81 16.46
N SER D 200 -21.68 -23.97 17.41
CA SER D 200 -22.47 -22.86 17.92
C SER D 200 -22.33 -22.82 19.43
N GLY D 201 -22.26 -21.61 19.98
CA GLY D 201 -22.11 -21.44 21.41
C GLY D 201 -22.78 -20.17 21.87
N ILE D 202 -22.69 -19.92 23.17
CA ILE D 202 -23.27 -18.73 23.79
C ILE D 202 -22.17 -18.03 24.56
N VAL D 203 -21.98 -16.74 24.29
CA VAL D 203 -20.98 -15.94 24.99
C VAL D 203 -21.70 -14.99 25.94
N GLN D 204 -21.21 -14.93 27.17
CA GLN D 204 -21.76 -14.05 28.20
C GLN D 204 -20.84 -12.86 28.35
N SER D 205 -21.39 -11.66 28.19
CA SER D 205 -20.62 -10.44 28.37
C SER D 205 -21.38 -9.53 29.31
N SER D 206 -20.78 -8.37 29.61
CA SER D 206 -21.39 -7.43 30.54
C SER D 206 -22.71 -6.89 30.04
N THR D 207 -23.00 -7.05 28.75
CA THR D 207 -24.22 -6.49 28.16
C THR D 207 -25.34 -7.50 28.01
N GLY D 208 -25.03 -8.79 28.03
CA GLY D 208 -26.05 -9.80 27.87
C GLY D 208 -25.43 -11.10 27.40
N GLU D 209 -26.29 -11.99 26.92
CA GLU D 209 -25.89 -13.28 26.37
C GLU D 209 -26.12 -13.26 24.87
N TYR D 210 -25.11 -13.67 24.11
CA TYR D 210 -25.15 -13.59 22.67
C TYR D 210 -24.89 -14.95 22.05
N VAL D 211 -25.51 -15.22 20.92
CA VAL D 211 -25.24 -16.42 20.16
C VAL D 211 -24.00 -16.18 19.31
N VAL D 212 -23.11 -17.17 19.28
CA VAL D 212 -21.86 -17.05 18.53
C VAL D 212 -21.67 -18.30 17.69
N MET D 213 -21.47 -18.12 16.39
CA MET D 213 -21.28 -19.23 15.45
C MET D 213 -19.79 -19.29 15.10
N THR D 214 -19.06 -20.30 15.54
CA THR D 214 -17.62 -20.42 15.38
C THR D 214 -17.30 -21.43 14.29
N THR D 215 -16.15 -21.24 13.66
CA THR D 215 -15.68 -22.17 12.63
C THR D 215 -14.17 -22.20 12.74
N HIS D 216 -13.61 -23.27 13.30
CA HIS D 216 -12.17 -23.40 13.41
C HIS D 216 -11.63 -24.03 12.14
N PHE D 217 -10.66 -23.38 11.51
CA PHE D 217 -9.95 -23.93 10.37
C PHE D 217 -8.63 -24.50 10.86
N HIS D 218 -8.33 -25.73 10.46
CA HIS D 218 -7.17 -26.46 10.97
C HIS D 218 -6.06 -26.39 9.93
N LEU D 219 -4.90 -25.89 10.34
CA LEU D 219 -3.76 -25.71 9.46
C LEU D 219 -2.56 -26.49 10.00
N LYS D 220 -1.76 -27.02 9.08
CA LYS D 220 -0.52 -27.71 9.38
C LYS D 220 0.58 -27.09 8.54
N ARG D 221 1.69 -26.75 9.17
CA ARG D 221 2.75 -26.06 8.47
C ARG D 221 3.59 -27.04 7.66
N LYS D 222 4.07 -26.58 6.51
CA LYS D 222 5.01 -27.35 5.72
C LYS D 222 6.41 -27.24 6.30
N ILE D 223 7.19 -28.31 6.14
CA ILE D 223 8.54 -28.38 6.67
C ILE D 223 9.61 -28.35 5.59
N GLY D 224 9.25 -28.70 4.34
CA GLY D 224 10.25 -28.90 3.31
C GLY D 224 11.13 -27.71 3.07
N TYR D 225 10.69 -26.51 3.44
CA TYR D 225 11.51 -25.33 3.21
C TYR D 225 12.54 -25.17 4.31
N PHE D 226 12.12 -25.29 5.57
CA PHE D 226 13.06 -25.16 6.67
C PHE D 226 14.05 -26.31 6.69
N VAL D 227 13.63 -27.50 6.24
CA VAL D 227 14.57 -28.62 6.15
C VAL D 227 15.78 -28.22 5.32
N ILE D 228 15.55 -27.87 4.05
CA ILE D 228 16.67 -27.59 3.16
C ILE D 228 17.24 -26.20 3.33
N GLN D 229 16.62 -25.34 4.12
CA GLN D 229 17.11 -23.97 4.23
C GLN D 229 17.82 -23.67 5.55
N THR D 230 17.48 -24.38 6.63
CA THR D 230 18.19 -24.24 7.90
C THR D 230 18.76 -25.56 8.39
N TYR D 231 17.97 -26.62 8.39
CA TYR D 231 18.39 -27.87 9.03
C TYR D 231 19.57 -28.50 8.30
N LEU D 232 19.49 -28.66 6.99
CA LEU D 232 20.62 -29.24 6.26
C LEU D 232 21.86 -28.37 6.32
N PRO D 233 21.80 -27.06 6.10
CA PRO D 233 23.01 -26.26 6.30
C PRO D 233 23.59 -26.38 7.69
N CYS D 234 22.75 -26.42 8.73
CA CYS D 234 23.26 -26.56 10.09
C CYS D 234 23.92 -27.91 10.28
N ILE D 235 23.28 -28.98 9.80
CA ILE D 235 23.85 -30.32 9.96
C ILE D 235 25.16 -30.43 9.21
N MET D 236 25.23 -29.91 7.99
CA MET D 236 26.49 -29.96 7.25
C MET D 236 27.56 -29.13 7.94
N THR D 237 27.18 -28.01 8.55
CA THR D 237 28.18 -27.23 9.28
C THR D 237 28.72 -28.00 10.47
N VAL D 238 27.85 -28.68 11.22
CA VAL D 238 28.35 -29.47 12.34
C VAL D 238 29.22 -30.63 11.86
N ILE D 239 28.80 -31.32 10.80
CA ILE D 239 29.63 -32.38 10.24
C ILE D 239 30.99 -31.84 9.83
N LEU D 240 31.02 -30.67 9.20
CA LEU D 240 32.28 -30.09 8.77
C LEU D 240 33.16 -29.74 9.97
N SER D 241 32.54 -29.22 11.04
CA SER D 241 33.32 -28.92 12.23
C SER D 241 33.93 -30.18 12.82
N GLN D 242 33.17 -31.28 12.84
CA GLN D 242 33.72 -32.53 13.38
C GLN D 242 34.82 -33.07 12.47
N VAL D 243 34.66 -32.96 11.16
CA VAL D 243 35.67 -33.47 10.24
C VAL D 243 37.05 -32.88 10.52
N SER D 244 37.12 -31.79 11.29
CA SER D 244 38.42 -31.23 11.63
C SER D 244 39.28 -32.20 12.43
N PHE D 245 38.67 -33.20 13.08
CA PHE D 245 39.45 -34.11 13.91
C PHE D 245 40.32 -35.02 13.07
N TRP D 246 39.93 -35.28 11.83
CA TRP D 246 40.68 -36.18 10.97
C TRP D 246 41.99 -35.56 10.48
N LEU D 247 42.13 -34.24 10.51
CA LEU D 247 43.39 -33.64 10.09
C LEU D 247 44.48 -33.90 11.11
N ASN D 248 45.71 -34.00 10.61
CA ASN D 248 46.85 -34.21 11.49
C ASN D 248 47.01 -33.03 12.43
N ARG D 249 47.56 -33.29 13.62
CA ARG D 249 47.61 -32.27 14.67
C ARG D 249 48.53 -31.10 14.34
N GLU D 250 49.65 -31.30 13.64
CA GLU D 250 50.55 -30.18 13.40
C GLU D 250 49.89 -29.05 12.63
N SER D 251 48.89 -29.36 11.80
CA SER D 251 48.26 -28.35 10.94
C SER D 251 47.37 -27.45 11.81
N VAL D 252 48.03 -26.74 12.73
CA VAL D 252 47.32 -25.86 13.65
C VAL D 252 46.57 -24.76 12.93
N PRO D 253 47.17 -24.03 11.98
CA PRO D 253 46.39 -23.02 11.26
C PRO D 253 45.18 -23.61 10.57
N ALA D 254 45.33 -24.78 9.96
CA ALA D 254 44.21 -25.40 9.24
C ALA D 254 43.06 -25.70 10.18
N ARG D 255 43.35 -26.34 11.31
CA ARG D 255 42.28 -26.72 12.22
C ARG D 255 41.68 -25.49 12.91
N THR D 256 42.51 -24.50 13.22
CA THR D 256 41.98 -23.26 13.76
C THR D 256 41.03 -22.58 12.79
N VAL D 257 41.36 -22.61 11.50
CA VAL D 257 40.51 -21.99 10.49
C VAL D 257 39.20 -22.76 10.38
N PHE D 258 39.24 -24.10 10.34
CA PHE D 258 37.97 -24.82 10.49
C PHE D 258 37.19 -24.30 11.67
N GLY D 259 37.76 -24.32 12.86
CA GLY D 259 37.01 -23.95 14.03
C GLY D 259 36.34 -22.60 13.86
N VAL D 260 37.13 -21.57 13.57
CA VAL D 260 36.60 -20.21 13.59
C VAL D 260 35.63 -19.98 12.43
N THR D 261 35.99 -20.43 11.22
CA THR D 261 35.13 -20.16 10.09
C THR D 261 33.84 -20.97 10.16
N THR D 262 33.87 -22.17 10.75
CA THR D 262 32.64 -22.90 10.97
C THR D 262 31.77 -22.19 12.01
N VAL D 263 32.39 -21.61 13.03
CA VAL D 263 31.62 -20.80 13.96
C VAL D 263 30.97 -19.63 13.23
N LEU D 264 31.69 -19.01 12.30
CA LEU D 264 31.11 -17.89 11.55
C LEU D 264 29.95 -18.36 10.66
N THR D 265 30.11 -19.51 10.00
CA THR D 265 29.02 -20.02 9.17
C THR D 265 27.79 -20.33 10.01
N MET D 266 27.98 -20.95 11.16
CA MET D 266 26.83 -21.25 12.02
C MET D 266 26.21 -19.97 12.55
N THR D 267 27.02 -18.96 12.86
CA THR D 267 26.47 -17.66 13.23
C THR D 267 25.56 -17.13 12.14
N THR D 268 26.04 -17.12 10.89
CA THR D 268 25.24 -16.60 9.80
C THR D 268 23.97 -17.41 9.63
N LEU D 269 24.07 -18.74 9.69
CA LEU D 269 22.90 -19.59 9.49
C LEU D 269 21.86 -19.35 10.57
N SER D 270 22.29 -19.25 11.83
CA SER D 270 21.35 -18.99 12.91
C SER D 270 20.71 -17.63 12.77
N ILE D 271 21.50 -16.62 12.40
CA ILE D 271 20.94 -15.28 12.22
C ILE D 271 19.87 -15.31 11.14
N SER D 272 20.16 -15.98 10.02
CA SER D 272 19.19 -16.02 8.93
C SER D 272 17.93 -16.77 9.34
N ALA D 273 18.07 -17.90 10.02
CA ALA D 273 16.89 -18.68 10.40
C ALA D 273 16.01 -17.89 11.37
N ARG D 274 16.62 -17.21 12.33
CA ARG D 274 15.80 -16.46 13.28
C ARG D 274 15.32 -15.14 12.69
N ASN D 275 15.93 -14.68 11.59
CA ASN D 275 15.34 -13.61 10.81
C ASN D 275 14.08 -14.09 10.11
N SER D 276 14.10 -15.32 9.60
CA SER D 276 12.91 -15.86 8.96
C SER D 276 11.77 -16.02 9.97
N LEU D 277 12.08 -16.53 11.15
CA LEU D 277 11.03 -16.66 12.17
C LEU D 277 10.55 -15.28 12.60
N PRO D 278 9.25 -15.10 12.89
CA PRO D 278 8.82 -13.90 13.60
C PRO D 278 9.54 -13.74 14.93
N LYS D 279 9.33 -12.57 15.55
CA LYS D 279 10.13 -12.15 16.70
C LYS D 279 9.43 -12.51 18.01
N VAL D 280 9.11 -13.80 18.14
CA VAL D 280 8.53 -14.33 19.37
C VAL D 280 9.54 -14.22 20.50
N ALA D 281 9.11 -14.44 21.73
CA ALA D 281 9.98 -14.32 22.89
C ALA D 281 10.09 -15.64 23.64
N TYR D 282 10.30 -16.73 22.91
CA TYR D 282 10.48 -18.04 23.52
C TYR D 282 11.09 -18.97 22.48
N ALA D 283 11.64 -20.08 22.96
CA ALA D 283 12.40 -20.97 22.11
C ALA D 283 11.49 -21.89 21.31
N THR D 284 11.75 -21.98 20.00
CA THR D 284 11.03 -22.87 19.12
C THR D 284 11.87 -24.13 18.89
N ALA D 285 11.28 -25.09 18.18
CA ALA D 285 12.02 -26.32 17.87
C ALA D 285 13.23 -26.01 17.02
N MET D 286 13.07 -25.16 16.00
CA MET D 286 14.22 -24.78 15.18
C MET D 286 15.25 -24.04 16.02
N ASP D 287 14.79 -23.27 17.01
CA ASP D 287 15.73 -22.57 17.87
C ASP D 287 16.54 -23.54 18.72
N TRP D 288 15.90 -24.58 19.24
CA TRP D 288 16.64 -25.59 19.99
C TRP D 288 17.65 -26.30 19.10
N PHE D 289 17.24 -26.66 17.89
CA PHE D 289 18.18 -27.28 16.96
C PHE D 289 19.39 -26.38 16.74
N ILE D 290 19.14 -25.10 16.48
CA ILE D 290 20.23 -24.16 16.23
C ILE D 290 21.14 -24.08 17.46
N ALA D 291 20.55 -24.00 18.65
CA ALA D 291 21.35 -23.87 19.86
C ALA D 291 22.26 -25.08 20.05
N VAL D 292 21.70 -26.28 19.90
CA VAL D 292 22.52 -27.48 20.09
C VAL D 292 23.61 -27.54 19.03
N CYS D 293 23.30 -27.18 17.79
CA CYS D 293 24.31 -27.22 16.74
C CYS D 293 25.45 -26.26 17.06
N TYR D 294 25.11 -25.05 17.50
CA TYR D 294 26.14 -24.07 17.84
C TYR D 294 26.99 -24.57 19.00
N ALA D 295 26.36 -25.21 19.98
CA ALA D 295 27.11 -25.80 21.09
C ALA D 295 28.06 -26.88 20.58
N PHE D 296 27.62 -27.67 19.61
CA PHE D 296 28.49 -28.71 19.05
C PHE D 296 29.72 -28.10 18.40
N VAL D 297 29.53 -27.04 17.61
CA VAL D 297 30.68 -26.42 16.95
C VAL D 297 31.64 -25.83 17.97
N PHE D 298 31.10 -25.17 18.99
CA PHE D 298 31.93 -24.65 20.06
C PHE D 298 32.72 -25.77 20.72
N SER D 299 32.07 -26.90 20.97
CA SER D 299 32.77 -28.04 21.56
C SER D 299 33.91 -28.51 20.66
N ALA D 300 33.67 -28.56 19.35
CA ALA D 300 34.72 -28.99 18.43
C ALA D 300 35.95 -28.11 18.55
N LEU D 301 35.74 -26.79 18.51
CA LEU D 301 36.91 -25.91 18.56
C LEU D 301 37.57 -25.97 19.93
N ILE D 302 36.81 -26.19 21.00
CA ILE D 302 37.43 -26.34 22.32
C ILE D 302 38.27 -27.61 22.39
N GLU D 303 37.79 -28.69 21.77
CA GLU D 303 38.58 -29.91 21.71
C GLU D 303 39.89 -29.66 20.99
N PHE D 304 39.84 -28.91 19.89
CA PHE D 304 41.11 -28.51 19.26
C PHE D 304 41.99 -27.72 20.21
N ALA D 305 41.41 -26.76 20.91
CA ALA D 305 42.22 -25.95 21.83
C ALA D 305 42.98 -26.85 22.81
N THR D 306 42.26 -27.78 23.44
CA THR D 306 42.90 -28.65 24.42
C THR D 306 43.94 -29.56 23.78
N VAL D 307 43.61 -30.15 22.61
CA VAL D 307 44.54 -31.06 21.97
C VAL D 307 45.82 -30.34 21.58
N ASN D 308 45.69 -29.12 21.06
CA ASN D 308 46.87 -28.33 20.75
C ASN D 308 47.66 -28.00 22.00
N TYR D 309 46.97 -27.63 23.08
CA TYR D 309 47.67 -27.32 24.32
C TYR D 309 48.50 -28.51 24.79
N PHE D 310 47.94 -29.71 24.72
CA PHE D 310 48.67 -30.89 25.18
C PHE D 310 49.73 -31.34 24.18
N THR D 311 49.53 -31.10 22.89
CA THR D 311 50.46 -31.58 21.89
C THR D 311 51.81 -30.89 22.07
N LYS D 312 52.87 -31.59 21.66
CA LYS D 312 54.25 -31.20 21.85
C LYS D 312 54.71 -31.37 23.29
N SER D 313 53.84 -31.80 24.20
CA SER D 313 54.23 -32.09 25.57
C SER D 313 53.72 -33.46 26.01
N GLN D 314 52.58 -33.90 25.47
CA GLN D 314 51.99 -35.19 25.83
C GLN D 314 51.25 -35.74 24.62
N PRO D 315 51.99 -36.14 23.58
CA PRO D 315 51.32 -36.64 22.37
C PRO D 315 50.43 -37.84 22.62
N ALA D 316 50.78 -38.69 23.58
CA ALA D 316 49.98 -39.88 23.83
C ALA D 316 48.55 -39.50 24.22
N ARG D 317 48.41 -38.65 25.23
CA ARG D 317 47.08 -38.25 25.65
C ARG D 317 46.41 -37.34 24.64
N ALA D 318 47.19 -36.50 23.95
CA ALA D 318 46.59 -35.70 22.88
C ALA D 318 45.91 -36.59 21.85
N ALA D 319 46.62 -37.59 21.34
CA ALA D 319 46.05 -38.47 20.34
C ALA D 319 44.89 -39.27 20.93
N LYS D 320 45.01 -39.68 22.19
CA LYS D 320 43.94 -40.44 22.83
C LYS D 320 42.64 -39.63 22.87
N ILE D 321 42.72 -38.39 23.35
CA ILE D 321 41.52 -37.56 23.41
C ILE D 321 40.99 -37.27 22.02
N ASP D 322 41.89 -37.07 21.05
CA ASP D 322 41.43 -36.82 19.68
C ASP D 322 40.65 -38.02 19.14
N ARG D 323 41.14 -39.23 19.41
CA ARG D 323 40.46 -40.42 18.91
C ARG D 323 39.09 -40.59 19.58
N LEU D 324 39.02 -40.38 20.90
CA LEU D 324 37.72 -40.48 21.54
C LEU D 324 36.77 -39.42 21.00
N SER D 325 37.25 -38.20 20.77
CA SER D 325 36.39 -37.17 20.21
C SER D 325 35.86 -37.60 18.84
N ARG D 326 36.76 -38.11 17.99
CA ARG D 326 36.33 -38.62 16.69
C ARG D 326 35.19 -39.62 16.85
N ILE D 327 35.39 -40.61 17.73
CA ILE D 327 34.40 -41.67 17.84
C ILE D 327 33.11 -41.17 18.47
N ALA D 328 33.18 -40.15 19.33
CA ALA D 328 32.05 -39.79 20.18
C ALA D 328 31.17 -38.70 19.57
N PHE D 329 31.77 -37.60 19.11
CA PHE D 329 30.96 -36.47 18.66
C PHE D 329 29.94 -36.86 17.60
N PRO D 330 30.31 -37.55 16.52
CA PRO D 330 29.28 -37.94 15.55
C PRO D 330 28.18 -38.80 16.15
N LEU D 331 28.53 -39.71 17.06
CA LEU D 331 27.52 -40.54 17.69
C LEU D 331 26.56 -39.71 18.51
N LEU D 332 27.09 -38.75 19.29
CA LEU D 332 26.23 -37.91 20.11
C LEU D 332 25.31 -37.06 19.24
N PHE D 333 25.85 -36.51 18.14
CA PHE D 333 25.01 -35.74 17.22
C PHE D 333 23.92 -36.60 16.62
N GLY D 334 24.25 -37.82 16.21
CA GLY D 334 23.25 -38.69 15.64
C GLY D 334 22.14 -39.03 16.61
N ILE D 335 22.50 -39.32 17.86
CA ILE D 335 21.47 -39.63 18.85
C ILE D 335 20.61 -38.40 19.12
N PHE D 336 21.23 -37.23 19.19
CA PHE D 336 20.44 -36.00 19.35
C PHE D 336 19.44 -35.85 18.22
N ASN D 337 19.90 -36.02 16.98
CA ASN D 337 19.00 -35.86 15.85
C ASN D 337 17.87 -36.85 15.91
N LEU D 338 18.18 -38.10 16.25
CA LEU D 338 17.13 -39.12 16.33
C LEU D 338 16.07 -38.74 17.36
N VAL D 339 16.50 -38.38 18.57
CA VAL D 339 15.53 -38.07 19.62
C VAL D 339 14.75 -36.81 19.25
N TYR D 340 15.42 -35.81 18.69
CA TYR D 340 14.76 -34.58 18.29
C TYR D 340 13.67 -34.84 17.27
N TRP D 341 14.01 -35.52 16.18
CA TRP D 341 13.03 -35.77 15.14
C TRP D 341 11.90 -36.64 15.67
N ALA D 342 12.20 -37.61 16.51
CA ALA D 342 11.13 -38.40 17.10
C ALA D 342 10.18 -37.52 17.89
N THR D 343 10.71 -36.73 18.83
CA THR D 343 9.85 -35.99 19.74
C THR D 343 9.05 -34.91 19.02
N TYR D 344 9.59 -34.33 17.94
CA TYR D 344 8.89 -33.26 17.24
C TYR D 344 8.16 -33.72 15.99
N LEU D 345 8.20 -35.01 15.66
CA LEU D 345 7.31 -35.55 14.64
C LEU D 345 6.18 -36.41 15.22
N ASN D 346 6.34 -36.94 16.44
CA ASN D 346 5.24 -37.68 17.04
C ASN D 346 4.02 -36.78 17.26
N ARG D 347 4.23 -35.55 17.70
CA ARG D 347 3.14 -34.64 17.98
C ARG D 347 2.25 -34.47 16.74
N GLY E 62 -45.33 -1.95 16.28
CA GLY E 62 -46.67 -1.47 16.56
C GLY E 62 -46.67 -0.27 17.48
N ASP E 63 -46.56 -0.53 18.78
CA ASP E 63 -46.44 0.56 19.74
C ASP E 63 -45.04 1.14 19.76
N VAL E 64 -44.02 0.33 19.47
CA VAL E 64 -42.65 0.81 19.57
C VAL E 64 -42.37 1.86 18.49
N THR E 65 -42.95 1.69 17.30
CA THR E 65 -42.76 2.71 16.28
C THR E 65 -43.33 4.04 16.71
N VAL E 66 -44.50 4.02 17.36
CA VAL E 66 -45.08 5.25 17.88
C VAL E 66 -44.19 5.83 18.98
N ILE E 67 -43.69 4.98 19.86
CA ILE E 67 -42.81 5.46 20.92
C ILE E 67 -41.61 6.17 20.32
N LEU E 68 -40.97 5.53 19.34
CA LEU E 68 -39.77 6.11 18.74
C LEU E 68 -40.09 7.41 18.00
N ASN E 69 -41.18 7.42 17.24
CA ASN E 69 -41.54 8.63 16.51
C ASN E 69 -41.80 9.78 17.47
N ASN E 70 -42.46 9.51 18.59
CA ASN E 70 -42.66 10.55 19.59
C ASN E 70 -41.32 10.99 20.17
N LEU E 71 -40.45 10.03 20.47
CA LEU E 71 -39.17 10.37 21.09
C LEU E 71 -38.38 11.33 20.22
N LEU E 72 -38.31 11.04 18.92
CA LEU E 72 -37.57 11.90 18.01
C LEU E 72 -38.36 13.10 17.54
N GLU E 73 -39.63 13.22 17.93
CA GLU E 73 -40.42 14.39 17.61
C GLU E 73 -40.12 15.50 18.61
N GLY E 74 -39.81 16.68 18.10
CA GLY E 74 -39.41 17.77 18.96
C GLY E 74 -38.09 17.53 19.65
N TYR E 75 -37.14 16.90 18.95
CA TYR E 75 -35.81 16.64 19.47
C TYR E 75 -34.83 17.55 18.77
N ASP E 76 -33.67 17.75 19.40
CA ASP E 76 -32.60 18.59 18.83
C ASP E 76 -31.28 17.96 19.23
N ASN E 77 -30.70 17.17 18.33
CA ASN E 77 -29.48 16.43 18.66
C ASN E 77 -28.25 17.32 18.72
N LYS E 78 -28.39 18.62 18.48
CA LYS E 78 -27.25 19.52 18.55
C LYS E 78 -26.95 19.96 19.97
N LEU E 79 -27.86 19.74 20.91
CA LEU E 79 -27.74 20.21 22.28
C LEU E 79 -27.58 19.03 23.21
N ARG E 80 -26.53 19.06 24.04
CA ARG E 80 -26.33 18.00 25.00
C ARG E 80 -27.46 18.02 26.02
N PRO E 81 -27.81 16.85 26.58
CA PRO E 81 -28.87 16.82 27.59
C PRO E 81 -28.57 17.76 28.74
N ASP E 82 -29.56 18.59 29.10
CA ASP E 82 -29.38 19.60 30.13
C ASP E 82 -28.23 20.54 29.75
N ILE E 83 -28.44 21.25 28.64
CA ILE E 83 -27.38 22.08 28.09
C ILE E 83 -27.01 23.20 29.06
N GLY E 84 -28.01 23.81 29.69
CA GLY E 84 -27.76 24.97 30.53
C GLY E 84 -27.88 24.71 32.02
N VAL E 85 -28.25 23.50 32.42
CA VAL E 85 -28.58 23.23 33.81
C VAL E 85 -27.36 22.71 34.57
N LYS E 86 -26.82 21.57 34.15
CA LYS E 86 -25.74 20.93 34.88
C LYS E 86 -24.92 20.12 33.90
N PRO E 87 -23.69 19.77 34.27
CA PRO E 87 -22.88 18.91 33.39
C PRO E 87 -23.50 17.54 33.19
N THR E 88 -23.30 16.99 32.01
CA THR E 88 -23.81 15.66 31.71
C THR E 88 -22.81 14.63 32.21
N LEU E 89 -23.29 13.72 33.06
CA LEU E 89 -22.44 12.69 33.65
C LEU E 89 -22.49 11.43 32.80
N ILE E 90 -21.33 10.97 32.37
CA ILE E 90 -21.21 9.83 31.47
C ILE E 90 -20.38 8.76 32.16
N HIS E 91 -20.96 7.58 32.33
CA HIS E 91 -20.26 6.44 32.91
C HIS E 91 -19.71 5.57 31.78
N THR E 92 -18.41 5.31 31.82
CA THR E 92 -17.72 4.65 30.72
C THR E 92 -17.23 3.28 31.14
N ASP E 93 -17.34 2.32 30.23
CA ASP E 93 -16.83 0.98 30.41
C ASP E 93 -16.03 0.57 29.19
N MET E 94 -15.05 -0.30 29.41
CA MET E 94 -14.28 -0.89 28.34
C MET E 94 -14.23 -2.40 28.54
N TYR E 95 -13.99 -3.12 27.45
CA TYR E 95 -13.81 -4.57 27.50
C TYR E 95 -12.72 -4.88 26.47
N VAL E 96 -11.48 -4.97 26.94
CA VAL E 96 -10.34 -5.10 26.04
C VAL E 96 -10.34 -6.48 25.40
N ASN E 97 -10.74 -6.55 24.12
CA ASN E 97 -10.63 -7.81 23.41
C ASN E 97 -9.19 -8.21 23.18
N SER E 98 -8.31 -7.24 22.94
CA SER E 98 -6.91 -7.64 22.81
C SER E 98 -6.02 -6.40 22.89
N ILE E 99 -4.72 -6.67 23.08
CA ILE E 99 -3.69 -5.65 23.04
C ILE E 99 -2.65 -6.15 22.06
N GLY E 100 -2.65 -5.60 20.85
CA GLY E 100 -1.83 -6.11 19.79
C GLY E 100 -0.36 -5.81 20.00
N PRO E 101 0.42 -5.83 18.92
CA PRO E 101 1.87 -5.70 19.06
C PRO E 101 2.25 -4.35 19.62
N VAL E 102 3.40 -4.32 20.30
CA VAL E 102 3.98 -3.07 20.76
C VAL E 102 5.29 -2.85 20.03
N ASN E 103 5.24 -2.14 18.90
CA ASN E 103 6.42 -1.94 18.07
C ASN E 103 7.17 -0.71 18.59
N ALA E 104 8.32 -0.95 19.21
CA ALA E 104 9.11 0.15 19.76
C ALA E 104 9.63 1.08 18.68
N ILE E 105 9.63 0.67 17.42
CA ILE E 105 10.15 1.54 16.36
C ILE E 105 9.30 2.80 16.25
N ASN E 106 7.97 2.63 16.24
CA ASN E 106 7.07 3.76 16.14
C ASN E 106 6.54 4.23 17.48
N MET E 107 6.80 3.49 18.56
CA MET E 107 6.32 3.85 19.89
C MET E 107 4.79 3.86 19.94
N GLU E 108 4.19 2.79 19.44
CA GLU E 108 2.74 2.68 19.39
C GLU E 108 2.34 1.25 19.76
N TYR E 109 1.14 1.12 20.31
CA TYR E 109 0.57 -0.19 20.65
C TYR E 109 -0.88 -0.21 20.21
N THR E 110 -1.28 -1.28 19.52
CA THR E 110 -2.66 -1.46 19.11
C THR E 110 -3.48 -2.03 20.25
N ILE E 111 -4.77 -1.72 20.26
CA ILE E 111 -5.67 -2.28 21.27
C ILE E 111 -7.08 -2.33 20.71
N ASP E 112 -7.75 -3.47 20.89
CA ASP E 112 -9.12 -3.67 20.41
C ASP E 112 -10.04 -3.78 21.61
N ILE E 113 -11.04 -2.90 21.67
CA ILE E 113 -11.90 -2.72 22.84
C ILE E 113 -13.36 -2.59 22.42
N PHE E 114 -14.24 -2.72 23.40
CA PHE E 114 -15.67 -2.44 23.28
C PHE E 114 -15.96 -1.25 24.18
N PHE E 115 -16.06 -0.06 23.60
CA PHE E 115 -16.25 1.16 24.38
C PHE E 115 -17.74 1.38 24.60
N ALA E 116 -18.16 1.51 25.86
CA ALA E 116 -19.55 1.74 26.20
C ALA E 116 -19.68 2.99 27.04
N GLN E 117 -20.62 3.86 26.68
CA GLN E 117 -20.89 5.06 27.47
C GLN E 117 -22.37 5.11 27.82
N THR E 118 -22.66 5.44 29.07
CA THR E 118 -24.02 5.51 29.56
C THR E 118 -24.26 6.89 30.14
N TRP E 119 -25.30 7.56 29.68
CA TRP E 119 -25.66 8.88 30.20
C TRP E 119 -27.16 8.95 30.35
N TYR E 120 -27.65 10.11 30.76
CA TYR E 120 -29.07 10.30 31.02
C TYR E 120 -29.58 11.44 30.15
N ASP E 121 -30.67 11.20 29.44
CA ASP E 121 -31.29 12.19 28.57
C ASP E 121 -32.78 12.22 28.87
N ARG E 122 -33.23 13.25 29.59
CA ARG E 122 -34.65 13.31 29.95
C ARG E 122 -35.55 13.57 28.75
N ARG E 123 -35.00 13.94 27.60
CA ARG E 123 -35.84 14.04 26.42
C ARG E 123 -36.22 12.66 25.90
N LEU E 124 -35.38 11.66 26.14
CA LEU E 124 -35.68 10.28 25.75
C LEU E 124 -36.27 9.48 26.91
N LYS E 125 -37.32 10.00 27.55
CA LYS E 125 -38.04 9.27 28.57
C LYS E 125 -39.45 8.98 28.05
N PHE E 126 -39.84 7.72 28.12
CA PHE E 126 -41.15 7.27 27.65
C PHE E 126 -41.78 6.40 28.73
N ASN E 127 -43.09 6.28 28.66
CA ASN E 127 -43.83 5.37 29.53
C ASN E 127 -44.51 4.33 28.67
N SER E 128 -44.30 3.06 29.01
CA SER E 128 -44.95 1.97 28.30
C SER E 128 -44.60 0.67 29.01
N THR E 129 -45.35 -0.38 28.69
CA THR E 129 -45.13 -1.67 29.33
C THR E 129 -43.75 -2.24 29.04
N ILE E 130 -43.09 -1.78 27.98
CA ILE E 130 -41.75 -2.23 27.64
C ILE E 130 -40.74 -1.42 28.42
N LYS E 131 -39.87 -2.10 29.16
CA LYS E 131 -38.94 -1.41 30.05
C LYS E 131 -37.70 -0.90 29.35
N VAL E 132 -37.38 -1.39 28.16
CA VAL E 132 -36.15 -1.03 27.49
C VAL E 132 -36.34 -1.17 25.99
N LEU E 133 -35.77 -0.23 25.24
CA LEU E 133 -35.72 -0.27 23.78
C LEU E 133 -34.30 -0.61 23.38
N ARG E 134 -34.17 -1.61 22.51
CA ARG E 134 -32.88 -2.22 22.17
C ARG E 134 -32.73 -2.10 20.66
N LEU E 135 -31.89 -1.19 20.20
CA LEU E 135 -31.89 -0.76 18.82
C LEU E 135 -30.55 -1.06 18.15
N ASN E 136 -30.50 -0.78 16.85
CA ASN E 136 -29.30 -0.95 16.04
C ASN E 136 -28.50 0.35 16.06
N SER E 137 -27.52 0.45 15.16
CA SER E 137 -26.85 1.72 14.91
C SER E 137 -27.76 2.74 14.24
N ASN E 138 -28.93 2.29 13.76
CA ASN E 138 -29.77 3.16 12.94
C ASN E 138 -30.11 4.45 13.64
N MET E 139 -30.43 4.40 14.92
CA MET E 139 -30.85 5.59 15.65
C MET E 139 -29.67 6.43 16.13
N VAL E 140 -28.45 5.89 16.07
CA VAL E 140 -27.32 6.57 16.69
C VAL E 140 -27.12 7.96 16.13
N GLY E 141 -27.42 8.15 14.86
CA GLY E 141 -27.19 9.43 14.22
C GLY E 141 -28.26 10.47 14.47
N LYS E 142 -29.33 10.12 15.18
CA LYS E 142 -30.44 11.04 15.39
C LYS E 142 -30.52 11.61 16.79
N ILE E 143 -29.93 10.94 17.77
CA ILE E 143 -29.93 11.42 19.14
C ILE E 143 -28.55 11.98 19.45
N TRP E 144 -28.45 12.73 20.54
CA TRP E 144 -27.16 13.27 20.94
C TRP E 144 -26.23 12.16 21.40
N ILE E 145 -25.00 12.19 20.89
CA ILE E 145 -23.95 11.25 21.29
C ILE E 145 -22.76 12.09 21.74
N PRO E 146 -22.13 11.78 22.87
CA PRO E 146 -20.96 12.54 23.28
C PRO E 146 -19.84 12.40 22.27
N ASP E 147 -19.04 13.45 22.16
CA ASP E 147 -17.92 13.45 21.22
C ASP E 147 -16.64 12.96 21.90
N THR E 148 -16.71 11.80 22.53
CA THR E 148 -15.54 11.22 23.16
C THR E 148 -14.50 10.87 22.11
N PHE E 149 -13.24 11.12 22.43
CA PHE E 149 -12.13 10.80 21.54
C PHE E 149 -10.92 10.47 22.39
N PHE E 150 -10.02 9.69 21.81
CA PHE E 150 -8.88 9.13 22.52
C PHE E 150 -7.67 10.03 22.26
N ARG E 151 -7.20 10.70 23.31
CA ARG E 151 -6.23 11.77 23.15
C ARG E 151 -4.85 11.27 22.77
N ASN E 152 -4.58 9.97 22.88
CA ASN E 152 -3.27 9.42 22.58
C ASN E 152 -3.34 8.36 21.50
N SER E 153 -4.22 8.55 20.53
CA SER E 153 -4.42 7.60 19.44
C SER E 153 -3.83 8.20 18.16
N LYS E 154 -2.86 7.50 17.57
CA LYS E 154 -2.33 7.95 16.29
C LYS E 154 -3.31 7.68 15.17
N LYS E 155 -4.05 6.58 15.24
CA LYS E 155 -5.05 6.27 14.22
C LYS E 155 -6.01 5.24 14.80
N ALA E 156 -7.26 5.62 14.97
CA ALA E 156 -8.30 4.73 15.47
C ALA E 156 -9.41 4.61 14.44
N ASP E 157 -10.13 3.50 14.48
CA ASP E 157 -11.23 3.28 13.55
C ASP E 157 -12.24 2.33 14.15
N ALA E 158 -13.52 2.62 13.93
CA ALA E 158 -14.58 1.70 14.29
C ALA E 158 -14.70 0.62 13.21
N HIS E 159 -15.62 -0.31 13.41
CA HIS E 159 -15.82 -1.42 12.49
C HIS E 159 -17.21 -1.34 11.86
N TRP E 160 -17.29 -1.71 10.57
CA TRP E 160 -18.48 -1.44 9.78
C TRP E 160 -18.96 -2.66 9.00
N ILE E 161 -18.63 -3.88 9.44
CA ILE E 161 -18.98 -5.09 8.72
C ILE E 161 -19.65 -6.04 9.70
N THR E 162 -20.77 -6.65 9.30
CA THR E 162 -21.46 -6.41 8.03
C THR E 162 -22.24 -5.12 8.08
N THR E 163 -22.67 -4.75 9.27
CA THR E 163 -23.41 -3.53 9.54
C THR E 163 -22.71 -2.78 10.66
N PRO E 164 -22.77 -1.44 10.68
CA PRO E 164 -22.10 -0.69 11.76
C PRO E 164 -22.19 -1.38 13.11
N ASN E 165 -21.07 -1.46 13.82
CA ASN E 165 -20.96 -2.24 15.03
C ASN E 165 -21.39 -1.45 16.26
N ARG E 166 -22.29 -0.49 16.10
CA ARG E 166 -22.79 0.27 17.24
C ARG E 166 -23.93 -0.45 17.92
N MET E 167 -24.42 0.14 19.00
CA MET E 167 -25.49 -0.44 19.80
C MET E 167 -26.08 0.67 20.64
N LEU E 168 -27.40 0.80 20.61
CA LEU E 168 -28.10 1.81 21.39
C LEU E 168 -29.18 1.14 22.21
N ARG E 169 -29.33 1.59 23.46
CA ARG E 169 -30.38 1.07 24.31
C ARG E 169 -30.90 2.20 25.18
N ILE E 170 -32.21 2.38 25.19
CA ILE E 170 -32.86 3.46 25.91
C ILE E 170 -33.83 2.89 26.92
N TRP E 171 -33.72 3.32 28.17
CA TRP E 171 -34.56 2.77 29.21
C TRP E 171 -35.78 3.66 29.42
N ASN E 172 -36.60 3.32 30.41
CA ASN E 172 -37.81 4.11 30.67
C ASN E 172 -37.45 5.53 31.10
N ASP E 173 -36.49 5.67 31.99
CA ASP E 173 -36.24 6.94 32.67
C ASP E 173 -35.29 7.84 31.91
N GLY E 174 -34.93 7.49 30.69
CA GLY E 174 -34.06 8.31 29.88
C GLY E 174 -32.62 7.90 29.89
N ARG E 175 -32.27 6.82 30.57
CA ARG E 175 -30.90 6.33 30.56
C ARG E 175 -30.59 5.74 29.21
N VAL E 176 -29.57 6.27 28.55
CA VAL E 176 -29.11 5.78 27.26
C VAL E 176 -27.77 5.09 27.46
N LEU E 177 -27.62 3.92 26.85
CA LEU E 177 -26.37 3.20 26.79
C LEU E 177 -25.98 3.04 25.33
N TYR E 178 -24.74 3.40 25.00
CA TYR E 178 -24.28 3.44 23.63
C TYR E 178 -22.93 2.74 23.57
N THR E 179 -22.86 1.65 22.83
CA THR E 179 -21.66 0.83 22.77
C THR E 179 -21.17 0.74 21.34
N LEU E 180 -19.85 0.74 21.16
CA LEU E 180 -19.26 0.55 19.85
C LEU E 180 -17.97 -0.22 20.01
N ARG E 181 -17.46 -0.73 18.90
CA ARG E 181 -16.26 -1.55 18.89
C ARG E 181 -15.14 -0.79 18.21
N LEU E 182 -14.00 -0.65 18.88
CA LEU E 182 -12.93 0.18 18.38
C LEU E 182 -11.62 -0.58 18.34
N THR E 183 -10.78 -0.19 17.40
CA THR E 183 -9.39 -0.63 17.31
C THR E 183 -8.54 0.63 17.29
N ILE E 184 -7.79 0.87 18.37
CA ILE E 184 -7.07 2.13 18.57
C ILE E 184 -5.59 1.85 18.54
N ASP E 185 -4.85 2.57 17.71
CA ASP E 185 -3.39 2.52 17.71
C ASP E 185 -2.85 3.60 18.63
N ALA E 186 -2.91 3.31 19.93
CA ALA E 186 -2.50 4.30 20.90
C ALA E 186 -0.99 4.51 20.82
N GLU E 187 -0.54 5.69 21.23
CA GLU E 187 0.88 6.01 21.24
C GLU E 187 1.37 6.06 22.68
N CYS E 188 2.53 5.46 22.91
CA CYS E 188 3.21 5.60 24.19
C CYS E 188 4.71 5.61 23.93
N GLN E 189 5.38 6.66 24.39
CA GLN E 189 6.81 6.85 24.14
C GLN E 189 7.60 5.97 25.09
N LEU E 190 7.99 4.80 24.58
CA LEU E 190 8.76 3.85 25.38
C LEU E 190 10.12 4.44 25.73
N GLN E 191 10.46 4.38 27.01
CA GLN E 191 11.79 4.77 27.48
C GLN E 191 12.69 3.54 27.40
N LEU E 192 13.45 3.43 26.31
CA LEU E 192 14.13 2.19 25.96
C LEU E 192 15.49 2.06 26.63
N HIS E 193 15.52 2.26 27.95
CA HIS E 193 16.65 1.88 28.78
C HIS E 193 16.36 0.54 29.43
N ASN E 194 17.43 -0.16 29.81
CA ASN E 194 17.34 -1.52 30.31
C ASN E 194 16.90 -2.50 29.23
N PHE E 195 17.00 -2.10 27.97
CA PHE E 195 16.65 -3.01 26.89
C PHE E 195 17.55 -4.24 26.92
N PRO E 196 17.01 -5.45 26.87
CA PRO E 196 15.60 -5.83 26.76
C PRO E 196 14.90 -6.03 28.09
N MET E 197 15.56 -5.69 29.19
CA MET E 197 14.98 -5.85 30.53
C MET E 197 14.22 -4.59 30.96
N ASP E 198 13.26 -4.15 30.14
CA ASP E 198 12.53 -2.93 30.38
C ASP E 198 11.05 -3.23 30.64
N GLU E 199 10.43 -2.38 31.45
CA GLU E 199 9.01 -2.48 31.78
C GLU E 199 8.35 -1.14 31.54
N HIS E 200 7.19 -1.14 30.89
CA HIS E 200 6.50 0.07 30.50
C HIS E 200 5.07 0.08 31.03
N SER E 201 4.44 1.26 30.96
CA SER E 201 3.04 1.44 31.33
C SER E 201 2.42 2.38 30.33
N CYS E 202 1.74 1.82 29.32
CA CYS E 202 1.25 2.59 28.20
C CYS E 202 -0.22 2.92 28.40
N PRO E 203 -0.66 4.18 28.23
CA PRO E 203 -2.05 4.55 28.51
C PRO E 203 -2.98 4.53 27.32
N LEU E 204 -4.26 4.34 27.58
CA LEU E 204 -5.33 4.69 26.66
C LEU E 204 -6.15 5.79 27.35
N GLU E 205 -5.97 7.02 26.91
CA GLU E 205 -6.67 8.17 27.45
C GLU E 205 -7.79 8.61 26.53
N PHE E 206 -8.89 9.09 27.11
CA PHE E 206 -10.01 9.58 26.33
C PHE E 206 -10.73 10.69 27.08
N SER E 207 -11.27 11.63 26.32
CA SER E 207 -12.03 12.73 26.89
C SER E 207 -12.96 13.28 25.82
N SER E 208 -13.87 14.15 26.23
CA SER E 208 -14.67 14.87 25.27
C SER E 208 -13.79 15.79 24.46
N TYR E 209 -14.23 16.12 23.25
CA TYR E 209 -13.40 16.98 22.41
C TYR E 209 -13.77 18.44 22.53
N GLY E 210 -15.06 18.75 22.64
CA GLY E 210 -15.49 20.14 22.65
C GLY E 210 -16.13 20.59 23.94
N TYR E 211 -16.50 19.64 24.81
CA TYR E 211 -17.23 19.97 26.02
C TYR E 211 -16.27 20.05 27.19
N PRO E 212 -16.11 21.20 27.84
CA PRO E 212 -15.17 21.29 28.95
C PRO E 212 -15.70 20.67 30.23
N ARG E 213 -14.95 20.82 31.32
CA ARG E 213 -15.30 20.15 32.56
C ARG E 213 -16.68 20.53 33.06
N GLU E 214 -17.13 21.75 32.81
CA GLU E 214 -18.41 22.21 33.29
C GLU E 214 -19.56 21.86 32.34
N GLU E 215 -19.33 20.98 31.38
CA GLU E 215 -20.39 20.56 30.47
C GLU E 215 -20.50 19.05 30.35
N ILE E 216 -19.39 18.32 30.39
CA ILE E 216 -19.41 16.86 30.39
C ILE E 216 -18.39 16.36 31.39
N VAL E 217 -18.81 15.44 32.25
CA VAL E 217 -17.95 14.83 33.25
C VAL E 217 -18.03 13.32 33.07
N TYR E 218 -16.87 12.68 32.95
CA TYR E 218 -16.79 11.23 32.83
C TYR E 218 -16.61 10.62 34.21
N GLN E 219 -17.02 9.37 34.34
CA GLN E 219 -16.91 8.69 35.64
C GLN E 219 -16.84 7.19 35.39
N TRP E 220 -15.81 6.55 35.93
CA TRP E 220 -15.64 5.12 35.78
C TRP E 220 -16.75 4.38 36.52
N LYS E 221 -16.73 3.06 36.43
CA LYS E 221 -17.65 2.18 37.14
C LYS E 221 -16.87 1.23 38.06
N ARG E 222 -17.59 0.30 38.70
CA ARG E 222 -16.94 -0.73 39.51
C ARG E 222 -16.12 -1.71 38.68
N SER E 223 -16.71 -2.27 37.63
CA SER E 223 -16.00 -3.24 36.80
C SER E 223 -15.87 -2.67 35.40
N SER E 224 -15.43 -1.41 35.33
CA SER E 224 -15.38 -0.70 34.06
C SER E 224 -14.52 -1.43 33.04
N VAL E 225 -13.22 -1.52 33.30
CA VAL E 225 -12.27 -2.08 32.33
C VAL E 225 -11.94 -3.50 32.77
N GLU E 226 -12.15 -4.46 31.87
CA GLU E 226 -11.89 -5.86 32.15
C GLU E 226 -11.28 -6.52 30.93
N VAL E 227 -10.24 -7.32 31.14
CA VAL E 227 -9.55 -7.97 30.05
C VAL E 227 -10.25 -9.29 29.72
N GLY E 228 -9.88 -9.86 28.58
CA GLY E 228 -10.44 -11.13 28.15
C GLY E 228 -9.60 -12.32 28.57
N ASP E 229 -9.25 -13.18 27.61
CA ASP E 229 -8.44 -14.34 27.94
C ASP E 229 -7.04 -13.95 28.35
N THR E 230 -6.46 -12.96 27.68
CA THR E 230 -5.08 -12.54 27.87
C THR E 230 -4.09 -13.58 27.36
N ARG E 231 -4.58 -14.65 26.73
CA ARG E 231 -3.74 -15.65 26.09
C ARG E 231 -3.80 -15.60 24.58
N SER E 232 -4.94 -15.23 24.01
CA SER E 232 -5.08 -15.02 22.57
C SER E 232 -4.53 -13.67 22.13
N TRP E 233 -4.11 -12.83 23.08
CA TRP E 233 -3.58 -11.53 22.74
C TRP E 233 -2.33 -11.67 21.89
N ARG E 234 -2.14 -10.73 20.97
CA ARG E 234 -1.06 -10.81 20.01
C ARG E 234 0.24 -10.24 20.55
N LEU E 235 0.39 -10.18 21.87
CA LEU E 235 1.64 -9.74 22.47
C LEU E 235 2.76 -10.72 22.10
N TYR E 236 3.84 -10.19 21.53
CA TYR E 236 4.96 -11.01 21.12
C TYR E 236 6.08 -11.04 22.16
N GLN E 237 6.68 -9.88 22.44
CA GLN E 237 7.82 -9.81 23.33
C GLN E 237 7.48 -9.29 24.72
N PHE E 238 6.33 -8.66 24.88
CA PHE E 238 5.89 -8.16 26.17
C PHE E 238 4.95 -9.16 26.82
N SER E 239 4.60 -8.89 28.08
CA SER E 239 3.70 -9.75 28.83
C SER E 239 2.81 -8.89 29.70
N PHE E 240 1.51 -9.19 29.70
CA PHE E 240 0.54 -8.39 30.43
C PHE E 240 0.62 -8.68 31.92
N VAL E 241 0.67 -7.63 32.73
CA VAL E 241 0.82 -7.80 34.17
C VAL E 241 -0.34 -7.17 34.94
N GLY E 242 -0.94 -6.12 34.40
CA GLY E 242 -2.04 -5.49 35.07
C GLY E 242 -2.45 -4.19 34.41
N LEU E 243 -3.50 -3.58 34.96
CA LEU E 243 -3.98 -2.30 34.47
C LEU E 243 -4.57 -1.50 35.61
N ARG E 244 -4.71 -0.19 35.36
CA ARG E 244 -5.24 0.73 36.34
C ARG E 244 -6.13 1.74 35.61
N ASN E 245 -7.17 2.22 36.30
CA ASN E 245 -8.01 3.30 35.77
C ASN E 245 -7.72 4.57 36.55
N THR E 246 -7.83 5.72 35.89
CA THR E 246 -7.49 6.99 36.50
C THR E 246 -8.36 8.08 35.90
N THR E 247 -8.53 9.18 36.63
CA THR E 247 -9.25 10.34 36.14
C THR E 247 -8.49 11.60 36.51
N GLU E 248 -8.44 12.58 35.60
CA GLU E 248 -7.75 13.82 35.87
C GLU E 248 -8.46 14.93 35.12
N VAL E 249 -8.00 16.16 35.34
CA VAL E 249 -8.52 17.32 34.62
C VAL E 249 -7.33 18.05 34.01
N VAL E 250 -7.36 18.23 32.69
CA VAL E 250 -6.25 18.84 31.97
C VAL E 250 -6.68 20.21 31.49
N LYS E 251 -5.70 21.10 31.36
CA LYS E 251 -5.91 22.46 30.87
C LYS E 251 -5.57 22.51 29.40
N THR E 252 -6.51 23.00 28.59
CA THR E 252 -6.36 23.06 27.15
C THR E 252 -6.63 24.48 26.69
N THR E 253 -6.28 24.75 25.42
CA THR E 253 -6.58 26.06 24.85
C THR E 253 -8.06 26.39 24.97
N SER E 254 -8.92 25.38 24.94
CA SER E 254 -10.36 25.58 24.98
C SER E 254 -10.89 25.70 26.40
N GLY E 255 -10.35 24.91 27.33
CA GLY E 255 -10.85 24.92 28.69
C GLY E 255 -10.29 23.77 29.47
N ASP E 256 -11.01 23.39 30.53
CA ASP E 256 -10.61 22.29 31.40
C ASP E 256 -11.39 21.04 31.03
N TYR E 257 -10.68 20.00 30.64
CA TYR E 257 -11.30 18.78 30.11
C TYR E 257 -11.03 17.62 31.05
N VAL E 258 -12.07 16.87 31.37
CA VAL E 258 -11.93 15.66 32.17
C VAL E 258 -11.33 14.57 31.28
N VAL E 259 -10.13 14.12 31.63
CA VAL E 259 -9.41 13.13 30.86
C VAL E 259 -9.39 11.84 31.68
N MET E 260 -9.92 10.77 31.11
CA MET E 260 -9.93 9.47 31.75
C MET E 260 -8.82 8.62 31.15
N SER E 261 -8.17 7.81 31.96
CA SER E 261 -7.02 7.03 31.52
C SER E 261 -7.17 5.58 31.94
N VAL E 262 -6.68 4.69 31.09
CA VAL E 262 -6.57 3.28 31.44
C VAL E 262 -5.14 2.82 31.18
N TYR E 263 -4.30 2.89 32.20
CA TYR E 263 -2.93 2.45 32.05
C TYR E 263 -2.86 0.94 31.96
N PHE E 264 -2.10 0.43 30.99
CA PHE E 264 -1.81 -0.98 30.85
C PHE E 264 -0.32 -1.19 31.08
N ASP E 265 0.03 -2.09 32.00
CA ASP E 265 1.41 -2.34 32.39
C ASP E 265 1.94 -3.55 31.63
N LEU E 266 3.09 -3.40 31.00
CA LEU E 266 3.69 -4.43 30.16
C LEU E 266 5.15 -4.62 30.56
N SER E 267 5.63 -5.86 30.44
CA SER E 267 7.02 -6.19 30.71
C SER E 267 7.59 -6.93 29.51
N ARG E 268 8.70 -6.44 28.98
CA ARG E 268 9.38 -7.15 27.90
C ARG E 268 9.89 -8.49 28.40
N ARG E 269 9.96 -9.47 27.50
CA ARG E 269 10.41 -10.81 27.83
C ARG E 269 11.69 -11.10 27.07
N MET E 270 12.70 -11.60 27.80
CA MET E 270 14.06 -11.71 27.29
C MET E 270 14.37 -13.06 26.68
N GLY E 271 13.39 -13.97 26.61
CA GLY E 271 13.67 -15.30 26.09
C GLY E 271 14.23 -15.29 24.69
N TYR E 272 14.02 -14.21 23.95
CA TYR E 272 14.51 -14.10 22.57
C TYR E 272 15.90 -13.47 22.52
N PHE E 273 16.09 -12.35 23.21
CA PHE E 273 17.36 -11.64 23.12
C PHE E 273 18.48 -12.42 23.78
N THR E 274 18.15 -13.27 24.76
CA THR E 274 19.15 -14.14 25.35
C THR E 274 19.81 -15.00 24.29
N ILE E 275 19.01 -15.80 23.60
CA ILE E 275 19.55 -16.70 22.58
C ILE E 275 20.14 -15.91 21.41
N GLN E 276 19.54 -14.76 21.08
CA GLN E 276 20.01 -14.03 19.90
C GLN E 276 21.36 -13.37 20.13
N THR E 277 21.52 -12.65 21.23
CA THR E 277 22.71 -11.82 21.43
C THR E 277 23.56 -12.28 22.61
N TYR E 278 22.97 -12.42 23.80
CA TYR E 278 23.79 -12.72 24.97
C TYR E 278 24.58 -14.01 24.79
N ILE E 279 23.90 -15.10 24.43
CA ILE E 279 24.58 -16.39 24.29
C ILE E 279 25.63 -16.33 23.17
N PRO E 280 25.31 -15.91 21.95
CA PRO E 280 26.35 -15.93 20.90
C PRO E 280 27.51 -14.99 21.19
N CYS E 281 27.26 -13.79 21.70
CA CYS E 281 28.37 -12.90 22.04
C CYS E 281 29.24 -13.49 23.14
N THR E 282 28.63 -14.08 24.17
CA THR E 282 29.42 -14.69 25.24
C THR E 282 30.27 -15.82 24.70
N LEU E 283 29.68 -16.69 23.88
CA LEU E 283 30.45 -17.80 23.32
C LEU E 283 31.54 -17.29 22.39
N ILE E 284 31.30 -16.23 21.64
CA ILE E 284 32.35 -15.71 20.76
C ILE E 284 33.50 -15.16 21.57
N VAL E 285 33.22 -14.50 22.69
CA VAL E 285 34.31 -14.00 23.54
C VAL E 285 35.10 -15.17 24.12
N VAL E 286 34.41 -16.13 24.72
CA VAL E 286 35.09 -17.29 25.29
C VAL E 286 35.83 -18.07 24.21
N LEU E 287 35.40 -17.95 22.96
CA LEU E 287 36.10 -18.58 21.86
C LEU E 287 37.37 -17.82 21.50
N SER E 288 37.28 -16.48 21.52
CA SER E 288 38.44 -15.66 21.24
C SER E 288 39.53 -15.88 22.28
N TRP E 289 39.15 -16.22 23.51
CA TRP E 289 40.17 -16.51 24.52
C TRP E 289 41.09 -17.65 24.10
N VAL E 290 40.65 -18.52 23.18
CA VAL E 290 41.45 -19.70 22.84
C VAL E 290 42.82 -19.30 22.35
N SER E 291 42.96 -18.10 21.80
CA SER E 291 44.27 -17.66 21.32
C SER E 291 45.30 -17.73 22.43
N PHE E 292 44.89 -17.45 23.66
CA PHE E 292 45.85 -17.47 24.77
C PHE E 292 46.44 -18.86 24.95
N TRP E 293 45.60 -19.89 24.91
CA TRP E 293 46.09 -21.26 25.06
C TRP E 293 46.79 -21.77 23.80
N ILE E 294 46.51 -21.21 22.64
CA ILE E 294 47.27 -21.58 21.45
C ILE E 294 48.71 -21.08 21.61
N ASN E 295 49.66 -21.92 21.23
CA ASN E 295 51.07 -21.59 21.42
C ASN E 295 51.41 -20.25 20.78
N LYS E 296 52.47 -19.61 21.27
CA LYS E 296 52.84 -18.29 20.78
C LYS E 296 53.49 -18.34 19.40
N ASP E 297 53.93 -19.52 18.96
CA ASP E 297 54.57 -19.64 17.66
C ASP E 297 53.57 -19.77 16.51
N ALA E 298 52.34 -20.19 16.80
CA ALA E 298 51.31 -20.33 15.77
C ALA E 298 50.76 -18.93 15.44
N VAL E 299 51.62 -18.16 14.78
CA VAL E 299 51.34 -16.74 14.50
C VAL E 299 50.14 -16.60 13.57
N PRO E 300 50.17 -17.20 12.38
CA PRO E 300 48.99 -17.07 11.50
C PRO E 300 47.73 -17.63 12.12
N ALA E 301 47.85 -18.74 12.86
CA ALA E 301 46.68 -19.31 13.50
C ALA E 301 46.04 -18.34 14.48
N ARG E 302 46.85 -17.75 15.37
CA ARG E 302 46.30 -16.84 16.36
C ARG E 302 45.76 -15.57 15.70
N THR E 303 46.47 -15.06 14.68
CA THR E 303 45.99 -13.86 14.00
C THR E 303 44.64 -14.10 13.34
N SER E 304 44.52 -15.21 12.61
CA SER E 304 43.26 -15.55 11.96
C SER E 304 42.16 -15.76 12.99
N LEU E 305 42.47 -16.47 14.08
CA LEU E 305 41.48 -16.65 15.14
C LEU E 305 40.95 -15.31 15.62
N GLY E 306 41.85 -14.41 16.00
CA GLY E 306 41.41 -13.12 16.51
C GLY E 306 40.56 -12.37 15.51
N ILE E 307 41.05 -12.25 14.28
CA ILE E 307 40.36 -11.39 13.32
C ILE E 307 39.02 -12.00 12.90
N THR E 308 38.96 -13.32 12.77
CA THR E 308 37.70 -13.97 12.45
C THR E 308 36.68 -13.77 13.57
N THR E 309 37.14 -13.85 14.83
CA THR E 309 36.24 -13.56 15.93
C THR E 309 35.76 -12.11 15.87
N VAL E 310 36.63 -11.19 15.46
CA VAL E 310 36.19 -9.81 15.29
C VAL E 310 35.07 -9.73 14.25
N LEU E 311 35.27 -10.39 13.11
CA LEU E 311 34.27 -10.34 12.04
C LEU E 311 32.94 -10.90 12.53
N THR E 312 32.99 -12.04 13.22
CA THR E 312 31.76 -12.61 13.76
C THR E 312 31.10 -11.66 14.75
N MET E 313 31.90 -11.01 15.58
CA MET E 313 31.34 -10.11 16.59
C MET E 313 30.65 -8.92 15.95
N THR E 314 31.22 -8.38 14.87
CA THR E 314 30.53 -7.31 14.15
C THR E 314 29.23 -7.80 13.53
N THR E 315 29.26 -9.01 12.95
CA THR E 315 28.02 -9.59 12.43
C THR E 315 26.95 -9.64 13.50
N LEU E 316 27.33 -10.00 14.72
CA LEU E 316 26.37 -10.07 15.82
C LEU E 316 25.91 -8.67 16.25
N SER E 317 26.85 -7.72 16.28
CA SER E 317 26.52 -6.37 16.72
C SER E 317 25.50 -5.72 15.79
N THR E 318 25.49 -6.11 14.52
CA THR E 318 24.44 -5.64 13.63
C THR E 318 23.06 -6.06 14.16
N ILE E 319 22.82 -7.37 14.21
CA ILE E 319 21.52 -7.88 14.63
C ILE E 319 21.14 -7.36 16.00
N ALA E 320 22.14 -7.04 16.83
CA ALA E 320 21.85 -6.46 18.14
C ALA E 320 20.89 -5.28 18.00
N ARG E 321 21.33 -4.22 17.33
CA ARG E 321 20.53 -3.00 17.21
C ARG E 321 19.45 -3.10 16.15
N LYS E 322 19.52 -4.07 15.23
CA LYS E 322 18.53 -4.13 14.16
C LYS E 322 17.10 -3.94 14.67
N SER E 323 16.81 -4.36 15.90
CA SER E 323 15.44 -4.38 16.38
C SER E 323 14.91 -3.00 16.78
N LEU E 324 15.76 -2.15 17.34
CA LEU E 324 15.29 -0.96 18.03
C LEU E 324 15.25 0.24 17.09
N PRO E 325 14.48 1.29 17.44
CA PRO E 325 14.55 2.54 16.67
C PRO E 325 15.89 3.23 16.89
N LYS E 326 16.09 4.38 16.25
CA LYS E 326 17.36 5.07 16.31
C LYS E 326 17.47 5.90 17.58
N VAL E 327 17.20 5.28 18.73
CA VAL E 327 17.38 5.98 20.00
C VAL E 327 18.85 6.34 20.16
N SER E 328 19.11 7.60 20.50
CA SER E 328 20.48 8.09 20.60
C SER E 328 21.03 7.97 22.02
N TYR E 329 20.95 6.78 22.61
CA TYR E 329 21.57 6.54 23.90
C TYR E 329 21.91 5.06 24.01
N VAL E 330 22.77 4.75 24.97
CA VAL E 330 23.33 3.41 25.10
C VAL E 330 22.33 2.56 25.89
N THR E 331 21.60 1.71 25.17
CA THR E 331 20.71 0.76 25.83
C THR E 331 21.54 -0.34 26.47
N ALA E 332 20.90 -1.18 27.28
CA ALA E 332 21.65 -2.16 28.05
C ALA E 332 22.25 -3.24 27.15
N MET E 333 21.44 -3.82 26.26
CA MET E 333 21.96 -4.87 25.39
C MET E 333 23.02 -4.31 24.46
N ASP E 334 22.85 -3.07 24.02
CA ASP E 334 23.85 -2.46 23.14
C ASP E 334 25.15 -2.21 23.89
N LEU E 335 25.06 -1.80 25.16
CA LEU E 335 26.26 -1.73 26.00
C LEU E 335 26.94 -3.09 26.11
N PHE E 336 26.15 -4.14 26.30
CA PHE E 336 26.71 -5.48 26.43
C PHE E 336 27.47 -5.88 25.18
N VAL E 337 26.86 -5.67 24.01
CA VAL E 337 27.51 -6.08 22.78
C VAL E 337 28.74 -5.22 22.51
N SER E 338 28.68 -3.93 22.84
CA SER E 338 29.86 -3.08 22.70
C SER E 338 31.00 -3.59 23.59
N VAL E 339 30.68 -3.98 24.83
CA VAL E 339 31.72 -4.46 25.73
C VAL E 339 32.32 -5.76 25.20
N CYS E 340 31.49 -6.65 24.67
CA CYS E 340 32.02 -7.88 24.10
C CYS E 340 32.95 -7.59 22.92
N PHE E 341 32.56 -6.65 22.07
CA PHE E 341 33.42 -6.29 20.95
C PHE E 341 34.73 -5.71 21.43
N ILE E 342 34.68 -4.90 22.49
CA ILE E 342 35.90 -4.34 23.06
C ILE E 342 36.78 -5.44 23.63
N PHE E 343 36.18 -6.46 24.23
CA PHE E 343 36.97 -7.59 24.74
C PHE E 343 37.68 -8.31 23.60
N VAL E 344 36.98 -8.55 22.49
CA VAL E 344 37.63 -9.22 21.37
C VAL E 344 38.75 -8.36 20.80
N PHE E 345 38.48 -7.06 20.64
CA PHE E 345 39.50 -6.12 20.22
C PHE E 345 40.72 -6.20 21.12
N SER E 346 40.50 -6.20 22.42
CA SER E 346 41.60 -6.23 23.38
C SER E 346 42.37 -7.53 23.27
N ALA E 347 41.69 -8.65 23.08
CA ALA E 347 42.40 -9.92 22.92
C ALA E 347 43.32 -9.89 21.71
N LEU E 348 42.81 -9.40 20.58
CA LEU E 348 43.64 -9.37 19.38
C LEU E 348 44.84 -8.45 19.56
N VAL E 349 44.62 -7.25 20.10
CA VAL E 349 45.73 -6.32 20.27
C VAL E 349 46.71 -6.83 21.32
N GLU E 350 46.21 -7.58 22.32
CA GLU E 350 47.09 -8.19 23.30
C GLU E 350 48.01 -9.20 22.65
N TYR E 351 47.46 -10.05 21.77
CA TYR E 351 48.34 -10.98 21.07
C TYR E 351 49.33 -10.24 20.20
N GLY E 352 48.89 -9.16 19.54
CA GLY E 352 49.80 -8.38 18.73
C GLY E 352 50.97 -7.85 19.54
N THR E 353 50.67 -7.29 20.72
CA THR E 353 51.73 -6.76 21.58
C THR E 353 52.65 -7.87 22.08
N LEU E 354 52.08 -9.02 22.44
CA LEU E 354 52.92 -10.15 22.81
C LEU E 354 53.88 -10.53 21.70
N HIS E 355 53.35 -10.66 20.48
CA HIS E 355 54.17 -11.03 19.34
C HIS E 355 55.27 -10.00 19.12
N TYR E 356 54.94 -8.72 19.26
CA TYR E 356 55.96 -7.68 19.09
C TYR E 356 57.04 -7.79 20.16
N PHE E 357 56.65 -8.07 21.41
CA PHE E 357 57.63 -8.17 22.48
C PHE E 357 58.49 -9.43 22.37
N VAL E 358 58.05 -10.44 21.62
CA VAL E 358 58.83 -11.67 21.50
C VAL E 358 60.28 -11.35 21.15
N SER E 359 60.49 -10.67 20.01
CA SER E 359 61.84 -10.49 19.49
C SER E 359 62.73 -9.67 20.41
N SER E 360 62.13 -8.85 21.28
CA SER E 360 62.91 -7.99 22.17
C SER E 360 63.19 -8.66 23.51
N GLN E 361 62.13 -9.00 24.25
CA GLN E 361 62.26 -9.58 25.59
C GLN E 361 61.39 -10.82 25.70
N PRO E 362 61.89 -11.98 25.27
CA PRO E 362 61.09 -13.20 25.40
C PRO E 362 60.70 -13.52 26.84
N ALA E 363 61.57 -13.24 27.81
CA ALA E 363 61.23 -13.48 29.21
C ALA E 363 60.03 -12.63 29.62
N ARG E 364 60.02 -11.37 29.19
CA ARG E 364 58.90 -10.48 29.47
C ARG E 364 57.63 -10.97 28.78
N ALA E 365 57.75 -11.45 27.55
CA ALA E 365 56.59 -11.97 26.84
C ALA E 365 56.06 -13.25 27.46
N ALA E 366 56.91 -14.02 28.13
CA ALA E 366 56.48 -15.31 28.66
C ALA E 366 55.37 -15.13 29.69
N LYS E 367 55.48 -14.15 30.58
CA LYS E 367 54.51 -13.99 31.64
C LYS E 367 53.24 -13.28 31.18
N MET E 368 53.28 -12.60 30.03
CA MET E 368 52.10 -11.88 29.56
C MET E 368 50.96 -12.84 29.24
N ASP E 369 51.26 -13.97 28.60
CA ASP E 369 50.21 -14.91 28.27
C ASP E 369 49.57 -15.50 29.53
N SER E 370 50.40 -15.86 30.51
CA SER E 370 49.88 -16.40 31.75
C SER E 370 49.07 -15.36 32.52
N TYR E 371 49.45 -14.08 32.42
CA TYR E 371 48.64 -13.03 33.04
C TYR E 371 47.30 -12.87 32.34
N ALA E 372 47.33 -12.81 31.01
CA ALA E 372 46.09 -12.58 30.26
C ALA E 372 45.11 -13.74 30.44
N ARG E 373 45.62 -14.98 30.45
CA ARG E 373 44.75 -16.14 30.56
C ARG E 373 43.80 -16.02 31.74
N ILE E 374 44.25 -15.41 32.83
CA ILE E 374 43.42 -15.25 34.02
C ILE E 374 42.81 -13.86 34.14
N PHE E 375 43.43 -12.84 33.55
CA PHE E 375 42.87 -11.49 33.65
C PHE E 375 41.67 -11.30 32.73
N PHE E 376 41.64 -11.97 31.58
CA PHE E 376 40.52 -11.75 30.68
C PHE E 376 39.28 -12.47 31.18
N PRO E 377 39.35 -13.77 31.47
CA PRO E 377 38.15 -14.43 32.01
C PRO E 377 37.65 -13.81 33.30
N THR E 378 38.55 -13.48 34.23
CA THR E 378 38.11 -12.89 35.49
C THR E 378 37.49 -11.52 35.26
N ALA E 379 38.08 -10.73 34.36
CA ALA E 379 37.51 -9.42 34.04
C ALA E 379 36.12 -9.56 33.44
N PHE E 380 35.95 -10.51 32.52
CA PHE E 380 34.63 -10.69 31.90
C PHE E 380 33.61 -11.16 32.93
N CYS E 381 33.99 -12.08 33.82
CA CYS E 381 33.05 -12.50 34.86
C CYS E 381 32.68 -11.34 35.78
N LEU E 382 33.65 -10.51 36.15
CA LEU E 382 33.33 -9.35 36.98
C LEU E 382 32.37 -8.43 36.26
N PHE E 383 32.63 -8.14 34.99
CA PHE E 383 31.75 -7.28 34.22
C PHE E 383 30.36 -7.87 34.13
N ASN E 384 30.26 -9.18 33.87
CA ASN E 384 28.95 -9.81 33.76
C ASN E 384 28.19 -9.75 35.07
N LEU E 385 28.87 -10.03 36.19
CA LEU E 385 28.19 -9.95 37.48
C LEU E 385 27.68 -8.56 37.74
N VAL E 386 28.55 -7.55 37.63
CA VAL E 386 28.13 -6.17 37.87
C VAL E 386 26.96 -5.81 36.96
N TYR E 387 27.07 -6.17 35.68
CA TYR E 387 26.04 -5.85 34.70
C TYR E 387 24.69 -6.47 35.07
N TRP E 388 24.65 -7.80 35.14
CA TRP E 388 23.40 -8.49 35.37
C TRP E 388 22.80 -8.18 36.74
N VAL E 389 23.63 -7.78 37.70
CA VAL E 389 23.08 -7.40 39.00
C VAL E 389 22.52 -5.98 38.95
N SER E 390 23.21 -5.06 38.28
CA SER E 390 22.75 -3.68 38.24
C SER E 390 21.48 -3.53 37.40
N TYR E 391 21.40 -4.24 36.27
CA TYR E 391 20.26 -4.05 35.38
C TYR E 391 19.02 -4.83 35.80
N LEU E 392 19.14 -5.78 36.72
CA LEU E 392 17.98 -6.46 37.27
C LEU E 392 17.53 -5.87 38.60
N TYR E 393 18.35 -5.03 39.24
CA TYR E 393 17.92 -4.30 40.42
C TYR E 393 17.08 -3.06 40.08
N LEU E 394 16.90 -2.75 38.80
CA LEU E 394 16.01 -1.68 38.39
C LEU E 394 14.61 -2.22 38.14
N VAL F 3 -10.94 48.21 -25.89
CA VAL F 3 -11.09 49.64 -26.09
C VAL F 3 -10.38 50.41 -24.98
N LEU F 4 -10.59 50.01 -23.73
CA LEU F 4 -9.92 50.60 -22.59
C LEU F 4 -10.06 52.12 -22.58
N THR F 5 -11.31 52.55 -22.42
CA THR F 5 -11.59 53.98 -22.38
C THR F 5 -11.14 54.57 -21.05
N GLN F 6 -10.42 55.68 -21.11
CA GLN F 6 -10.03 56.44 -19.94
C GLN F 6 -10.14 57.92 -20.26
N PRO F 7 -10.23 58.77 -19.25
CA PRO F 7 -10.45 60.20 -19.50
C PRO F 7 -9.42 60.74 -20.49
N PRO F 8 -9.85 61.54 -21.47
CA PRO F 8 -8.87 62.11 -22.40
C PRO F 8 -7.78 62.90 -21.72
N SER F 9 -8.08 63.55 -20.61
CA SER F 9 -7.08 64.32 -19.89
C SER F 9 -7.52 64.48 -18.45
N ALA F 10 -6.59 64.94 -17.62
CA ALA F 10 -6.84 65.14 -16.20
C ALA F 10 -6.17 66.44 -15.75
N SER F 11 -6.68 67.00 -14.66
CA SER F 11 -6.18 68.24 -14.11
C SER F 11 -5.79 68.03 -12.65
N GLY F 12 -4.75 68.73 -12.22
CA GLY F 12 -4.33 68.67 -10.84
C GLY F 12 -3.36 69.76 -10.46
N THR F 13 -3.56 70.37 -9.31
CA THR F 13 -2.60 71.32 -8.78
C THR F 13 -1.68 70.63 -7.78
N PRO F 14 -0.44 71.10 -7.63
CA PRO F 14 0.51 70.37 -6.77
C PRO F 14 -0.04 70.13 -5.38
N GLY F 15 0.21 68.94 -4.85
CA GLY F 15 -0.19 68.57 -3.52
C GLY F 15 -1.54 67.91 -3.40
N GLN F 16 -2.31 67.84 -4.47
CA GLN F 16 -3.65 67.25 -4.44
C GLN F 16 -3.61 65.88 -5.09
N ARG F 17 -4.10 64.88 -4.38
CA ARG F 17 -4.22 63.54 -4.95
C ARG F 17 -5.24 63.57 -6.08
N VAL F 18 -4.84 63.05 -7.24
CA VAL F 18 -5.71 62.93 -8.39
C VAL F 18 -5.65 61.49 -8.89
N THR F 19 -6.72 61.05 -9.55
CA THR F 19 -6.84 59.66 -9.97
C THR F 19 -7.14 59.59 -11.45
N ILE F 20 -6.45 58.69 -12.15
CA ILE F 20 -6.78 58.30 -13.51
C ILE F 20 -7.53 56.99 -13.42
N SER F 21 -8.63 56.88 -14.17
CA SER F 21 -9.46 55.69 -14.16
C SER F 21 -9.63 55.17 -15.57
N CYS F 22 -9.67 53.85 -15.71
CA CYS F 22 -9.87 53.19 -16.98
C CYS F 22 -10.96 52.14 -16.84
N SER F 23 -11.71 51.93 -17.92
CA SER F 23 -12.81 50.99 -17.92
C SER F 23 -12.66 50.04 -19.10
N GLY F 24 -13.12 48.82 -18.91
CA GLY F 24 -13.06 47.81 -19.95
C GLY F 24 -14.01 46.69 -19.64
N SER F 25 -14.16 45.78 -20.61
CA SER F 25 -15.08 44.69 -20.46
C SER F 25 -14.58 43.73 -19.39
N SER F 26 -15.34 42.66 -19.15
CA SER F 26 -14.94 41.65 -18.19
C SER F 26 -13.90 40.70 -18.74
N SER F 27 -13.61 40.75 -20.03
CA SER F 27 -12.65 39.84 -20.63
C SER F 27 -11.21 40.32 -20.54
N ASN F 28 -10.99 41.60 -20.25
CA ASN F 28 -9.64 42.14 -20.16
C ASN F 28 -9.28 42.63 -18.77
N ILE F 29 -10.05 43.54 -18.18
CA ILE F 29 -9.73 44.01 -16.84
C ILE F 29 -10.42 43.17 -15.77
N GLY F 30 -11.58 42.60 -16.08
CA GLY F 30 -12.25 41.75 -15.11
C GLY F 30 -11.46 40.49 -14.81
N SER F 31 -10.90 39.86 -15.85
CA SER F 31 -10.21 38.60 -15.69
C SER F 31 -8.72 38.77 -15.38
N ASN F 32 -8.07 39.73 -16.02
CA ASN F 32 -6.63 39.90 -15.94
C ASN F 32 -6.29 41.10 -15.06
N THR F 33 -5.00 41.42 -15.00
CA THR F 33 -4.49 42.51 -14.19
C THR F 33 -3.99 43.63 -15.08
N VAL F 34 -4.32 44.87 -14.72
CA VAL F 34 -3.89 46.03 -15.50
C VAL F 34 -2.46 46.40 -15.15
N SER F 35 -1.86 47.28 -15.94
CA SER F 35 -0.52 47.78 -15.67
C SER F 35 -0.39 49.13 -16.33
N TRP F 36 -0.01 50.15 -15.57
CA TRP F 36 0.00 51.51 -16.07
C TRP F 36 1.38 51.89 -16.58
N TYR F 37 1.40 52.70 -17.64
CA TYR F 37 2.63 53.10 -18.30
C TYR F 37 2.67 54.61 -18.40
N GLN F 38 3.65 55.21 -17.74
CA GLN F 38 3.90 56.64 -17.88
C GLN F 38 4.66 56.91 -19.17
N GLN F 39 4.55 58.14 -19.66
CA GLN F 39 5.30 58.54 -20.86
C GLN F 39 5.57 60.04 -20.75
N LEU F 40 6.74 60.39 -20.21
CA LEU F 40 7.11 61.79 -20.13
C LEU F 40 7.19 62.37 -21.53
N PRO F 41 6.70 63.59 -21.75
CA PRO F 41 6.70 64.14 -23.11
C PRO F 41 8.09 64.13 -23.72
N GLY F 42 8.17 63.70 -24.98
CA GLY F 42 9.42 63.72 -25.70
C GLY F 42 10.31 62.51 -25.51
N THR F 43 9.83 61.46 -24.85
CA THR F 43 10.61 60.24 -24.68
C THR F 43 9.70 59.04 -24.92
N ALA F 44 10.20 57.85 -24.60
CA ALA F 44 9.44 56.62 -24.74
C ALA F 44 8.74 56.27 -23.43
N PRO F 45 7.58 55.64 -23.49
CA PRO F 45 6.88 55.27 -22.26
C PRO F 45 7.66 54.23 -21.47
N LYS F 46 7.53 54.32 -20.14
CA LYS F 46 8.20 53.41 -19.24
C LYS F 46 7.20 52.83 -18.26
N LEU F 47 7.48 51.62 -17.80
CA LEU F 47 6.57 50.94 -16.89
C LEU F 47 6.40 51.75 -15.61
N LEU F 48 5.15 51.86 -15.15
CA LEU F 48 4.84 52.55 -13.91
C LEU F 48 4.28 51.61 -12.86
N ILE F 49 3.21 50.89 -13.17
CA ILE F 49 2.56 49.97 -12.24
C ILE F 49 2.32 48.66 -12.97
N TYR F 50 2.63 47.54 -12.31
CA TYR F 50 2.43 46.23 -12.89
C TYR F 50 1.71 45.34 -11.89
N SER F 51 0.83 44.49 -12.40
CA SER F 51 -0.01 43.61 -11.57
C SER F 51 -0.97 44.39 -10.68
N THR F 52 -1.27 45.62 -11.06
CA THR F 52 -2.33 46.47 -10.48
C THR F 52 -2.00 47.03 -9.10
N ASN F 53 -0.99 46.48 -8.42
CA ASN F 53 -0.55 47.07 -7.17
C ASN F 53 0.94 47.32 -7.17
N GLN F 54 1.71 46.29 -7.48
CA GLN F 54 3.15 46.35 -7.30
C GLN F 54 3.74 47.48 -8.12
N ARG F 55 4.97 47.82 -7.80
CA ARG F 55 5.61 48.99 -8.31
C ARG F 55 7.07 48.63 -8.55
N PRO F 56 7.63 48.96 -9.71
CA PRO F 56 9.00 48.56 -10.00
C PRO F 56 10.01 49.38 -9.20
N SER F 57 11.24 48.90 -9.21
CA SER F 57 12.33 49.59 -8.54
C SER F 57 12.60 50.90 -9.26
N GLY F 58 12.29 52.02 -8.61
CA GLY F 58 12.52 53.32 -9.19
C GLY F 58 11.33 54.26 -9.09
N VAL F 59 10.13 53.69 -9.12
CA VAL F 59 8.92 54.51 -9.00
C VAL F 59 8.65 54.76 -7.52
N PRO F 60 8.39 56.00 -7.11
CA PRO F 60 8.17 56.27 -5.69
C PRO F 60 6.85 55.70 -5.20
N ASP F 61 6.78 55.48 -3.89
CA ASP F 61 5.52 55.07 -3.26
C ASP F 61 4.41 56.08 -3.54
N ARG F 62 4.78 57.29 -3.96
CA ARG F 62 3.87 58.30 -4.46
C ARG F 62 2.75 57.76 -5.37
N PHE F 63 3.07 56.78 -6.21
CA PHE F 63 2.10 56.20 -7.13
C PHE F 63 1.52 54.91 -6.56
N SER F 64 0.25 54.67 -6.87
CA SER F 64 -0.41 53.45 -6.46
C SER F 64 -1.45 53.08 -7.50
N GLY F 65 -1.81 51.79 -7.52
CA GLY F 65 -2.82 51.31 -8.43
C GLY F 65 -3.90 50.55 -7.67
N SER F 66 -5.05 50.43 -8.31
CA SER F 66 -6.17 49.71 -7.73
C SER F 66 -7.03 49.15 -8.85
N LYS F 67 -7.86 48.19 -8.49
CA LYS F 67 -8.72 47.52 -9.47
C LYS F 67 -10.01 47.11 -8.75
N SER F 68 -11.14 47.53 -9.30
CA SER F 68 -12.45 47.22 -8.75
C SER F 68 -13.31 46.64 -9.87
N GLY F 69 -13.53 45.33 -9.82
CA GLY F 69 -14.39 44.71 -10.81
C GLY F 69 -13.81 44.84 -12.20
N THR F 70 -14.43 45.69 -13.03
CA THR F 70 -14.02 45.89 -14.41
C THR F 70 -13.40 47.25 -14.64
N SER F 71 -12.89 47.89 -13.60
CA SER F 71 -12.26 49.20 -13.71
C SER F 71 -11.01 49.25 -12.86
N ALA F 72 -10.03 50.02 -13.32
CA ALA F 72 -8.77 50.21 -12.60
C ALA F 72 -8.50 51.70 -12.49
N SER F 73 -7.85 52.09 -11.39
CA SER F 73 -7.60 53.48 -11.09
C SER F 73 -6.15 53.66 -10.66
N LEU F 74 -5.52 54.70 -11.19
CA LEU F 74 -4.15 55.08 -10.83
C LEU F 74 -4.24 56.35 -9.98
N ALA F 75 -3.91 56.23 -8.71
CA ALA F 75 -3.92 57.37 -7.80
C ALA F 75 -2.53 57.99 -7.73
N ILE F 76 -2.43 59.25 -8.12
CA ILE F 76 -1.16 59.97 -8.08
C ILE F 76 -1.23 60.89 -6.88
N GLY F 77 -0.73 60.42 -5.74
CA GLY F 77 -0.67 61.24 -4.56
C GLY F 77 0.54 62.16 -4.57
N GLY F 78 0.43 63.25 -3.82
CA GLY F 78 1.55 64.19 -3.75
C GLY F 78 1.96 64.72 -5.10
N LEU F 79 1.00 65.10 -5.93
CA LEU F 79 1.28 65.47 -7.31
C LEU F 79 2.31 66.60 -7.37
N GLN F 80 3.28 66.44 -8.25
CA GLN F 80 4.38 67.39 -8.40
C GLN F 80 4.45 67.87 -9.85
N SER F 81 5.43 68.72 -10.13
CA SER F 81 5.58 69.26 -11.48
C SER F 81 5.98 68.18 -12.47
N GLU F 82 6.91 67.30 -12.08
CA GLU F 82 7.44 66.29 -12.99
C GLU F 82 6.48 65.11 -13.18
N ASP F 83 5.24 65.24 -12.75
CA ASP F 83 4.21 64.24 -13.03
C ASP F 83 3.37 64.60 -14.25
N GLU F 84 3.82 65.58 -15.02
CA GLU F 84 3.10 65.99 -16.23
C GLU F 84 3.48 65.05 -17.37
N ALA F 85 2.56 64.19 -17.76
CA ALA F 85 2.84 63.21 -18.80
C ALA F 85 1.53 62.59 -19.24
N ASP F 86 1.62 61.61 -20.14
CA ASP F 86 0.49 60.79 -20.55
C ASP F 86 0.61 59.44 -19.87
N TYR F 87 -0.50 58.96 -19.30
CA TYR F 87 -0.53 57.69 -18.59
C TYR F 87 -1.45 56.74 -19.33
N TYR F 88 -0.91 55.59 -19.71
CA TYR F 88 -1.65 54.56 -20.42
C TYR F 88 -1.76 53.31 -19.54
N CYS F 89 -2.84 52.58 -19.72
CA CYS F 89 -3.08 51.32 -19.03
C CYS F 89 -3.22 50.22 -20.06
N ALA F 90 -2.62 49.08 -19.78
CA ALA F 90 -2.70 47.91 -20.63
C ALA F 90 -3.38 46.78 -19.87
N ALA F 91 -4.05 45.90 -20.60
CA ALA F 91 -4.76 44.80 -19.96
C ALA F 91 -4.89 43.66 -20.96
N TRP F 92 -4.04 42.65 -20.82
CA TRP F 92 -4.19 41.37 -21.50
C TRP F 92 -5.64 40.90 -21.53
N ASP F 93 -6.13 40.67 -22.73
CA ASP F 93 -7.50 40.24 -22.96
C ASP F 93 -7.51 38.76 -23.33
N ASP F 94 -8.60 38.08 -22.96
CA ASP F 94 -8.72 36.64 -23.13
C ASP F 94 -9.56 36.27 -24.33
N SER F 95 -9.95 37.23 -25.16
CA SER F 95 -10.72 36.90 -26.35
C SER F 95 -9.91 36.01 -27.28
N LEU F 96 -8.62 36.30 -27.45
CA LEU F 96 -7.73 35.51 -28.28
C LEU F 96 -6.62 34.91 -27.43
N LYS F 97 -5.71 34.12 -27.93
CA LYS F 97 -4.70 33.49 -27.04
C LYS F 97 -3.67 34.55 -26.65
N ARG F 98 -3.37 35.54 -27.52
CA ARG F 98 -2.45 36.68 -27.26
C ARG F 98 -3.12 37.96 -27.71
N LEU F 99 -3.44 38.84 -26.78
CA LEU F 99 -4.03 40.14 -27.09
C LEU F 99 -3.91 41.05 -25.88
N VAL F 100 -3.39 42.27 -26.08
CA VAL F 100 -3.44 43.31 -25.07
C VAL F 100 -4.26 44.46 -25.63
N VAL F 101 -4.65 45.36 -24.74
CA VAL F 101 -5.45 46.51 -25.11
C VAL F 101 -4.93 47.72 -24.34
N PHE F 102 -4.43 48.71 -25.06
CA PHE F 102 -3.94 49.93 -24.44
C PHE F 102 -5.06 50.95 -24.37
N GLY F 103 -5.10 51.70 -23.28
CA GLY F 103 -6.08 52.75 -23.15
C GLY F 103 -5.77 53.90 -24.08
N GLY F 104 -6.75 54.80 -24.21
CA GLY F 104 -6.56 55.94 -25.08
C GLY F 104 -5.41 56.83 -24.63
N GLY F 105 -5.22 56.95 -23.34
CA GLY F 105 -4.22 57.84 -22.78
C GLY F 105 -4.86 59.03 -22.09
N THR F 106 -4.18 59.54 -21.07
CA THR F 106 -4.69 60.64 -20.25
C THR F 106 -3.58 61.66 -20.08
N ARG F 107 -3.76 62.85 -20.65
CA ARG F 107 -2.78 63.92 -20.52
C ARG F 107 -2.99 64.61 -19.19
N LEU F 108 -2.05 64.41 -18.26
CA LEU F 108 -2.12 65.00 -16.93
C LEU F 108 -1.27 66.26 -16.91
N THR F 109 -1.91 67.39 -16.61
CA THR F 109 -1.22 68.67 -16.48
C THR F 109 -1.08 69.05 -15.01
N VAL F 110 -0.21 70.00 -14.74
CA VAL F 110 0.06 70.50 -13.40
C VAL F 110 -0.37 71.95 -13.37
N LEU F 111 -1.54 72.22 -12.79
CA LEU F 111 -2.06 73.57 -12.76
C LEU F 111 -1.09 74.49 -12.02
N GLY F 112 -0.82 75.66 -12.62
CA GLY F 112 0.10 76.62 -12.04
C GLY F 112 1.17 77.07 -12.99
N VAL G 2 -21.25 -47.00 -6.89
CA VAL G 2 -21.92 -46.75 -5.62
C VAL G 2 -23.23 -47.51 -5.57
N GLN G 3 -23.41 -48.34 -4.56
CA GLN G 3 -24.65 -49.09 -4.38
C GLN G 3 -25.07 -49.04 -2.93
N LEU G 4 -26.36 -49.31 -2.71
CA LEU G 4 -26.98 -49.28 -1.37
C LEU G 4 -27.71 -50.60 -1.11
N VAL G 5 -27.02 -51.72 -1.35
CA VAL G 5 -27.59 -53.04 -1.12
C VAL G 5 -28.36 -53.04 0.20
N GLN G 6 -29.56 -53.60 0.18
CA GLN G 6 -30.49 -53.49 1.30
C GLN G 6 -31.04 -54.85 1.72
N SER G 7 -31.55 -54.88 2.94
CA SER G 7 -31.98 -56.11 3.58
C SER G 7 -33.07 -56.81 2.75
N GLY G 8 -33.37 -58.05 3.15
CA GLY G 8 -34.42 -58.81 2.51
C GLY G 8 -35.79 -58.44 3.02
N ALA G 9 -36.81 -59.02 2.39
CA ALA G 9 -38.19 -58.74 2.77
C ALA G 9 -38.47 -59.20 4.20
N GLU G 10 -39.41 -58.52 4.85
CA GLU G 10 -39.87 -58.90 6.17
C GLU G 10 -41.40 -58.91 6.22
N VAL G 11 -41.93 -59.80 7.06
CA VAL G 11 -43.36 -59.95 7.27
C VAL G 11 -43.62 -59.87 8.76
N LYS G 12 -44.53 -58.99 9.18
CA LYS G 12 -44.84 -58.88 10.59
C LYS G 12 -46.29 -58.45 10.79
N LYS G 13 -46.81 -58.77 12.00
CA LYS G 13 -48.16 -58.50 12.47
C LYS G 13 -48.21 -57.11 13.10
N PRO G 14 -49.33 -56.39 13.07
CA PRO G 14 -49.32 -55.00 13.55
C PRO G 14 -48.84 -54.90 14.99
N GLY G 15 -48.17 -53.78 15.29
CA GLY G 15 -47.67 -53.50 16.62
C GLY G 15 -46.27 -53.99 16.88
N ALA G 16 -45.67 -54.73 15.97
CA ALA G 16 -44.33 -55.28 16.16
C ALA G 16 -43.31 -54.41 15.44
N SER G 17 -42.28 -53.99 16.16
CA SER G 17 -41.23 -53.17 15.56
C SER G 17 -40.57 -53.91 14.41
N VAL G 18 -40.27 -53.18 13.35
CA VAL G 18 -39.65 -53.73 12.15
C VAL G 18 -38.28 -53.10 11.97
N LYS G 19 -37.36 -53.90 11.42
CA LYS G 19 -36.00 -53.46 11.17
C LYS G 19 -35.67 -53.66 9.70
N VAL G 20 -35.07 -52.64 9.10
CA VAL G 20 -34.58 -52.68 7.73
C VAL G 20 -33.17 -52.13 7.74
N SER G 21 -32.31 -52.67 6.90
CA SER G 21 -30.91 -52.30 6.91
C SER G 21 -30.44 -51.98 5.49
N CYS G 22 -29.43 -51.11 5.42
CA CYS G 22 -29.00 -50.53 4.14
C CYS G 22 -27.47 -50.42 4.16
N LYS G 23 -26.82 -51.47 3.66
CA LYS G 23 -25.36 -51.45 3.56
C LYS G 23 -24.94 -50.71 2.30
N ALA G 24 -24.11 -49.69 2.46
CA ALA G 24 -23.63 -48.90 1.34
C ALA G 24 -22.19 -49.29 1.00
N SER G 25 -21.89 -49.31 -0.29
CA SER G 25 -20.55 -49.67 -0.75
C SER G 25 -20.25 -48.90 -2.03
N GLY G 26 -18.99 -48.48 -2.16
CA GLY G 26 -18.55 -47.74 -3.33
C GLY G 26 -18.33 -46.26 -3.09
N TYR G 27 -18.58 -45.76 -1.89
CA TYR G 27 -18.38 -44.36 -1.57
C TYR G 27 -18.14 -44.22 -0.07
N THR G 28 -17.36 -43.21 0.31
CA THR G 28 -17.14 -42.95 1.72
C THR G 28 -18.48 -42.78 2.41
N PHE G 29 -18.82 -43.72 3.31
CA PHE G 29 -20.16 -43.73 3.88
C PHE G 29 -20.43 -42.49 4.72
N ILE G 30 -19.40 -41.75 5.10
CA ILE G 30 -19.57 -40.61 6.04
C ILE G 30 -19.72 -39.29 5.27
N SER G 31 -19.31 -39.24 4.00
CA SER G 31 -19.39 -37.98 3.27
C SER G 31 -20.84 -37.58 2.98
N TYR G 32 -21.68 -38.53 2.56
CA TYR G 32 -23.08 -38.23 2.12
C TYR G 32 -24.08 -38.64 3.20
N ASP G 33 -25.36 -38.29 3.02
CA ASP G 33 -26.42 -38.62 4.00
C ASP G 33 -27.27 -39.76 3.49
N ILE G 34 -28.08 -40.40 4.35
CA ILE G 34 -28.91 -41.56 3.97
C ILE G 34 -30.37 -41.24 4.30
N ASN G 35 -31.18 -40.92 3.30
CA ASN G 35 -32.61 -40.63 3.50
C ASN G 35 -33.40 -41.91 3.25
N TRP G 36 -34.43 -42.20 4.03
CA TRP G 36 -35.30 -43.35 3.87
C TRP G 36 -36.63 -42.90 3.27
N VAL G 37 -36.95 -43.46 2.10
CA VAL G 37 -38.18 -43.12 1.38
C VAL G 37 -39.05 -44.35 1.31
N ARG G 38 -40.29 -44.23 1.77
CA ARG G 38 -41.26 -45.32 1.67
C ARG G 38 -42.11 -45.13 0.42
N GLN G 39 -42.73 -46.22 -0.02
CA GLN G 39 -43.53 -46.19 -1.24
C GLN G 39 -44.59 -47.27 -1.14
N ALA G 40 -45.83 -46.86 -0.85
CA ALA G 40 -46.93 -47.81 -0.82
C ALA G 40 -47.26 -48.25 -2.24
N THR G 41 -47.59 -49.54 -2.39
CA THR G 41 -47.78 -50.09 -3.73
C THR G 41 -48.87 -49.36 -4.50
N GLY G 42 -49.87 -48.83 -3.81
CA GLY G 42 -51.00 -48.21 -4.47
C GLY G 42 -50.82 -46.74 -4.78
N GLN G 43 -49.84 -46.09 -4.14
CA GLN G 43 -49.72 -44.64 -4.24
C GLN G 43 -48.28 -44.21 -4.51
N GLY G 44 -48.02 -42.91 -4.43
CA GLY G 44 -46.72 -42.36 -4.76
C GLY G 44 -45.75 -42.38 -3.60
N LEU G 45 -44.57 -41.83 -3.85
CA LEU G 45 -43.48 -41.89 -2.90
C LEU G 45 -43.77 -41.02 -1.68
N GLU G 46 -43.16 -41.40 -0.56
CA GLU G 46 -43.21 -40.63 0.67
C GLU G 46 -41.86 -40.67 1.35
N TRP G 47 -41.51 -39.56 2.01
CA TRP G 47 -40.21 -39.40 2.63
C TRP G 47 -40.32 -39.70 4.12
N MET G 48 -39.61 -40.74 4.57
CA MET G 48 -39.70 -41.14 5.97
C MET G 48 -38.89 -40.20 6.84
N GLY G 49 -37.68 -39.90 6.42
CA GLY G 49 -36.76 -39.08 7.18
C GLY G 49 -35.34 -39.33 6.75
N GLY G 50 -34.46 -38.42 7.15
CA GLY G 50 -33.04 -38.51 6.82
C GLY G 50 -32.20 -38.64 8.06
N MET G 51 -30.90 -38.76 7.81
CA MET G 51 -29.93 -38.85 8.91
C MET G 51 -28.55 -38.58 8.36
N ASP G 52 -27.71 -37.82 9.04
CA ASP G 52 -26.33 -37.57 8.58
C ASP G 52 -25.47 -38.71 9.11
N PRO G 53 -24.87 -39.59 8.29
CA PRO G 53 -23.98 -40.63 8.79
C PRO G 53 -22.73 -40.18 9.57
N LYS G 54 -22.45 -38.87 9.65
CA LYS G 54 -21.24 -38.36 10.34
C LYS G 54 -21.60 -37.84 11.73
N SER G 55 -22.71 -37.12 11.88
CA SER G 55 -23.13 -36.52 13.16
C SER G 55 -24.20 -37.37 13.85
N GLY G 56 -24.98 -38.13 13.09
CA GLY G 56 -26.11 -38.89 13.64
C GLY G 56 -27.36 -38.05 13.59
N ASN G 57 -27.22 -36.74 13.37
CA ASN G 57 -28.38 -35.82 13.25
C ASN G 57 -29.44 -36.48 12.40
N THR G 58 -30.70 -36.36 12.78
CA THR G 58 -31.82 -37.04 12.10
C THR G 58 -32.90 -36.02 11.77
N GLY G 59 -33.85 -36.35 10.90
CA GLY G 59 -34.89 -35.42 10.50
C GLY G 59 -36.22 -36.06 10.20
N TYR G 60 -36.59 -37.11 10.94
CA TYR G 60 -37.79 -37.88 10.63
C TYR G 60 -38.94 -36.99 10.22
N ALA G 61 -39.68 -37.43 9.20
CA ALA G 61 -40.78 -36.64 8.67
C ALA G 61 -41.80 -36.36 9.76
N GLN G 62 -42.73 -35.46 9.44
CA GLN G 62 -43.72 -35.04 10.42
C GLN G 62 -44.64 -36.19 10.81
N LYS G 63 -45.07 -36.99 9.83
CA LYS G 63 -46.06 -38.02 10.09
C LYS G 63 -45.47 -39.19 10.88
N PHE G 64 -44.14 -39.29 10.93
CA PHE G 64 -43.43 -40.32 11.67
C PHE G 64 -42.52 -39.72 12.74
N GLN G 65 -42.98 -38.66 13.41
CA GLN G 65 -42.13 -38.00 14.39
C GLN G 65 -41.77 -38.95 15.54
N GLY G 66 -42.76 -39.68 16.05
CA GLY G 66 -42.54 -40.57 17.17
C GLY G 66 -42.77 -42.04 16.86
N ARG G 67 -42.32 -42.48 15.69
CA ARG G 67 -42.44 -43.89 15.32
C ARG G 67 -41.19 -44.47 14.69
N VAL G 68 -40.13 -43.69 14.50
CA VAL G 68 -38.97 -44.12 13.73
C VAL G 68 -37.71 -43.92 14.55
N THR G 69 -36.69 -44.72 14.25
CA THR G 69 -35.37 -44.58 14.85
C THR G 69 -34.34 -44.95 13.77
N MET G 70 -33.79 -43.95 13.11
CA MET G 70 -32.76 -44.16 12.09
C MET G 70 -31.41 -43.91 12.73
N THR G 71 -30.73 -44.99 13.10
CA THR G 71 -29.35 -44.92 13.55
C THR G 71 -28.44 -45.37 12.42
N THR G 72 -27.13 -45.40 12.64
CA THR G 72 -26.14 -45.77 11.60
C THR G 72 -24.89 -46.34 12.24
N ASN G 73 -24.25 -47.32 11.63
CA ASN G 73 -23.04 -47.99 12.12
C ASN G 73 -21.93 -47.69 11.12
N THR G 74 -21.07 -46.73 11.47
CA THR G 74 -20.01 -46.34 10.55
C THR G 74 -19.08 -47.50 10.25
N ALA G 75 -18.82 -48.36 11.25
CA ALA G 75 -17.84 -49.41 11.08
C ALA G 75 -18.18 -50.29 9.88
N ILE G 76 -19.42 -50.79 9.82
CA ILE G 76 -19.85 -51.64 8.72
C ILE G 76 -20.64 -50.88 7.68
N SER G 77 -20.75 -49.57 7.80
CA SER G 77 -21.36 -48.72 6.79
C SER G 77 -22.78 -49.19 6.45
N THR G 78 -23.59 -49.32 7.49
CA THR G 78 -25.00 -49.62 7.34
C THR G 78 -25.82 -48.62 8.12
N ALA G 79 -27.01 -48.34 7.60
CA ALA G 79 -27.97 -47.46 8.26
C ALA G 79 -29.30 -48.19 8.30
N TYR G 80 -29.73 -48.58 9.50
CA TYR G 80 -30.93 -49.39 9.65
C TYR G 80 -32.01 -48.60 10.38
N MET G 81 -33.15 -48.43 9.69
CA MET G 81 -34.33 -47.81 10.24
C MET G 81 -35.12 -48.78 11.08
N GLU G 82 -35.81 -48.25 12.11
CA GLU G 82 -36.66 -49.07 12.98
C GLU G 82 -38.03 -48.42 13.09
N LEU G 83 -38.94 -48.76 12.17
CA LEU G 83 -40.32 -48.34 12.31
C LEU G 83 -41.01 -49.15 13.39
N SER G 84 -41.83 -48.48 14.20
CA SER G 84 -42.56 -49.11 15.29
C SER G 84 -44.03 -48.75 15.18
N SER G 85 -44.83 -49.31 16.10
CA SER G 85 -46.26 -49.05 16.14
C SER G 85 -46.91 -49.36 14.79
N LEU G 86 -46.51 -50.48 14.21
CA LEU G 86 -46.94 -50.82 12.85
C LEU G 86 -48.46 -50.84 12.77
N ARG G 87 -48.96 -50.74 11.54
CA ARG G 87 -50.39 -50.76 11.30
C ARG G 87 -50.63 -51.35 9.91
N SER G 88 -51.89 -51.45 9.52
CA SER G 88 -52.22 -52.00 8.21
C SER G 88 -51.73 -51.09 7.09
N GLU G 89 -51.69 -49.79 7.34
CA GLU G 89 -51.27 -48.81 6.33
C GLU G 89 -49.77 -48.68 6.23
N ASP G 90 -49.00 -49.49 6.96
CA ASP G 90 -47.55 -49.43 6.94
C ASP G 90 -46.95 -50.43 5.97
N THR G 91 -47.77 -51.13 5.19
CA THR G 91 -47.25 -52.06 4.19
C THR G 91 -46.81 -51.27 2.97
N ALA G 92 -45.54 -51.39 2.61
CA ALA G 92 -44.99 -50.61 1.51
C ALA G 92 -43.54 -51.03 1.30
N VAL G 93 -43.00 -50.63 0.16
CA VAL G 93 -41.61 -50.93 -0.20
C VAL G 93 -40.75 -49.81 0.36
N TYR G 94 -39.88 -50.14 1.30
CA TYR G 94 -39.05 -49.13 1.98
C TYR G 94 -37.72 -49.02 1.26
N TYR G 95 -37.43 -47.82 0.73
CA TYR G 95 -36.22 -47.57 -0.03
C TYR G 95 -35.21 -46.79 0.80
N CYS G 96 -33.94 -47.16 0.62
CA CYS G 96 -32.79 -46.44 1.14
C CYS G 96 -32.17 -45.64 0.02
N VAL G 97 -32.10 -44.32 0.19
CA VAL G 97 -31.49 -43.46 -0.81
C VAL G 97 -30.34 -42.70 -0.17
N ARG G 98 -29.41 -42.26 -1.00
CA ARG G 98 -28.29 -41.43 -0.58
C ARG G 98 -28.53 -40.01 -1.05
N GLY G 99 -28.60 -39.08 -0.11
CA GLY G 99 -28.89 -37.70 -0.46
C GLY G 99 -27.69 -36.92 -0.94
N GLU G 100 -27.25 -37.17 -2.17
CA GLU G 100 -26.13 -36.40 -2.70
C GLU G 100 -26.51 -34.94 -2.75
N GLN G 101 -25.53 -34.07 -2.59
CA GLN G 101 -25.78 -32.66 -2.39
C GLN G 101 -24.66 -31.82 -2.99
N SER G 102 -25.01 -30.64 -3.50
CA SER G 102 -24.03 -29.69 -3.98
C SER G 102 -24.30 -28.33 -3.34
N TYR G 103 -23.25 -27.71 -2.83
CA TYR G 103 -23.31 -26.36 -2.28
C TYR G 103 -22.25 -25.50 -2.93
N ASP G 104 -22.62 -24.28 -3.29
CA ASP G 104 -21.68 -23.32 -3.86
C ASP G 104 -22.24 -21.92 -3.63
N ARG G 105 -21.64 -20.94 -4.29
CA ARG G 105 -22.00 -19.54 -4.07
C ARG G 105 -23.50 -19.36 -3.89
N THR G 106 -24.29 -19.91 -4.79
CA THR G 106 -25.72 -19.69 -4.82
C THR G 106 -26.47 -20.89 -4.22
N GLY G 107 -26.45 -20.99 -2.89
CA GLY G 107 -27.33 -21.92 -2.21
C GLY G 107 -26.96 -23.38 -2.41
N TYR G 108 -27.91 -24.25 -2.03
CA TYR G 108 -27.73 -25.69 -2.07
C TYR G 108 -28.57 -26.30 -3.18
N SER G 109 -28.39 -27.60 -3.39
CA SER G 109 -29.25 -28.38 -4.29
C SER G 109 -29.06 -29.85 -3.97
N ASP G 110 -30.15 -30.55 -3.64
CA ASP G 110 -30.10 -31.93 -3.14
C ASP G 110 -30.78 -32.87 -4.13
N TRP G 111 -30.42 -34.17 -4.04
CA TRP G 111 -31.06 -35.19 -4.86
C TRP G 111 -30.65 -36.56 -4.33
N PHE G 112 -31.07 -37.64 -5.01
CA PHE G 112 -30.82 -39.01 -4.57
C PHE G 112 -30.35 -39.84 -5.76
N ASP G 113 -29.04 -39.99 -5.96
CA ASP G 113 -28.65 -40.76 -7.15
C ASP G 113 -28.61 -42.29 -6.99
N PRO G 114 -28.07 -42.92 -5.90
CA PRO G 114 -27.98 -44.38 -5.93
C PRO G 114 -29.33 -45.09 -5.87
N TRP G 115 -30.14 -44.74 -4.87
CA TRP G 115 -31.41 -45.43 -4.61
C TRP G 115 -31.19 -46.91 -4.31
N GLY G 116 -32.23 -47.61 -3.89
CA GLY G 116 -32.13 -49.01 -3.50
C GLY G 116 -33.42 -49.76 -3.81
N GLN G 117 -33.68 -50.81 -3.03
CA GLN G 117 -34.85 -51.68 -3.20
C GLN G 117 -35.40 -52.04 -1.82
N GLY G 118 -36.13 -53.13 -1.69
CA GLY G 118 -36.41 -53.66 -0.37
C GLY G 118 -37.78 -53.31 0.17
N THR G 119 -38.41 -54.25 0.85
CA THR G 119 -39.86 -54.20 1.08
C THR G 119 -40.21 -54.70 2.46
N LEU G 120 -41.49 -54.55 2.79
CA LEU G 120 -42.05 -54.97 4.06
C LEU G 120 -43.57 -54.99 3.94
N VAL G 121 -44.21 -55.99 4.57
CA VAL G 121 -45.64 -56.19 4.47
C VAL G 121 -46.21 -56.47 5.87
N THR G 122 -47.34 -55.82 6.17
CA THR G 122 -48.05 -56.08 7.42
C THR G 122 -49.56 -56.11 7.17
N VAL H 2 17.71 45.64 -18.07
CA VAL H 2 18.10 45.27 -19.41
C VAL H 2 18.04 46.49 -20.32
N GLN H 3 18.06 46.27 -21.63
CA GLN H 3 17.88 47.35 -22.59
C GLN H 3 17.58 46.75 -23.95
N LEU H 4 16.79 47.48 -24.74
CA LEU H 4 16.44 47.08 -26.11
C LEU H 4 16.84 48.19 -27.05
N VAL H 5 18.06 48.09 -27.61
CA VAL H 5 18.50 49.06 -28.60
C VAL H 5 17.89 48.72 -29.95
N GLN H 6 17.22 49.69 -30.55
CA GLN H 6 16.47 49.50 -31.77
C GLN H 6 17.14 50.22 -32.94
N SER H 7 16.56 50.11 -34.13
CA SER H 7 17.12 50.65 -35.35
C SER H 7 16.79 52.13 -35.53
N GLY H 8 17.51 52.77 -36.44
CA GLY H 8 17.31 54.17 -36.71
C GLY H 8 16.06 54.42 -37.54
N ALA H 9 15.80 55.70 -37.79
CA ALA H 9 14.59 56.11 -38.50
C ALA H 9 14.64 55.69 -39.95
N GLU H 10 13.47 55.38 -40.50
CA GLU H 10 13.32 55.06 -41.91
C GLU H 10 12.29 55.98 -42.55
N VAL H 11 12.48 56.24 -43.84
CA VAL H 11 11.56 57.01 -44.66
C VAL H 11 11.27 56.21 -45.92
N LYS H 12 9.99 55.93 -46.17
CA LYS H 12 9.64 55.19 -47.38
C LYS H 12 8.29 55.66 -47.89
N LYS H 13 8.08 55.48 -49.19
CA LYS H 13 6.82 55.82 -49.83
C LYS H 13 5.80 54.72 -49.62
N PRO H 14 4.52 55.00 -49.85
CA PRO H 14 3.48 53.99 -49.63
C PRO H 14 3.74 52.73 -50.45
N GLY H 15 3.43 51.59 -49.85
CA GLY H 15 3.53 50.31 -50.52
C GLY H 15 4.87 49.62 -50.41
N ALA H 16 5.88 50.27 -49.84
CA ALA H 16 7.21 49.69 -49.70
C ALA H 16 7.37 49.12 -48.30
N SER H 17 7.61 47.82 -48.21
CA SER H 17 7.74 47.16 -46.92
C SER H 17 8.88 47.76 -46.12
N VAL H 18 8.67 47.90 -44.81
CA VAL H 18 9.63 48.53 -43.94
C VAL H 18 10.34 47.48 -43.09
N LYS H 19 11.44 47.89 -42.50
CA LYS H 19 12.31 47.04 -41.70
C LYS H 19 12.65 47.76 -40.41
N VAL H 20 12.27 47.17 -39.28
CA VAL H 20 12.56 47.74 -37.97
C VAL H 20 12.96 46.61 -37.04
N SER H 21 14.09 46.77 -36.37
CA SER H 21 14.67 45.71 -35.56
C SER H 21 15.29 46.29 -34.30
N CYS H 22 15.25 45.53 -33.20
CA CYS H 22 15.95 45.90 -31.99
C CYS H 22 16.64 44.70 -31.39
N LYS H 23 17.93 44.86 -31.09
CA LYS H 23 18.76 43.81 -30.53
C LYS H 23 18.64 43.80 -29.01
N ALA H 24 18.26 42.66 -28.45
CA ALA H 24 18.10 42.53 -27.01
C ALA H 24 19.45 42.29 -26.35
N SER H 25 19.82 43.17 -25.43
CA SER H 25 21.07 43.07 -24.70
C SER H 25 20.81 43.18 -23.21
N GLY H 26 21.41 42.28 -22.43
CA GLY H 26 21.33 42.32 -20.99
C GLY H 26 20.57 41.16 -20.35
N TYR H 27 20.06 40.21 -21.11
CA TYR H 27 19.29 39.12 -20.54
C TYR H 27 19.22 37.99 -21.55
N THR H 28 18.77 36.82 -21.08
CA THR H 28 18.56 35.68 -21.96
C THR H 28 17.40 36.01 -22.90
N PHE H 29 17.70 36.22 -24.17
CA PHE H 29 16.69 36.65 -25.13
C PHE H 29 15.58 35.63 -25.31
N ILE H 30 15.80 34.38 -24.88
CA ILE H 30 14.80 33.34 -25.12
C ILE H 30 13.74 33.31 -24.03
N SER H 31 14.10 33.65 -22.80
CA SER H 31 13.16 33.49 -21.69
C SER H 31 11.94 34.40 -21.85
N TYR H 32 12.14 35.63 -22.30
CA TYR H 32 11.06 36.59 -22.41
C TYR H 32 10.68 36.79 -23.88
N ASP H 33 9.42 37.15 -24.10
CA ASP H 33 8.87 37.26 -25.44
C ASP H 33 8.74 38.72 -25.86
N ILE H 34 9.22 39.02 -27.05
CA ILE H 34 9.22 40.38 -27.57
C ILE H 34 7.82 40.74 -28.06
N ASN H 35 7.41 41.97 -27.78
CA ASN H 35 6.15 42.51 -28.26
C ASN H 35 6.43 43.85 -28.93
N TRP H 36 5.67 44.14 -29.98
CA TRP H 36 5.83 45.36 -30.74
C TRP H 36 4.61 46.24 -30.53
N VAL H 37 4.85 47.54 -30.37
CA VAL H 37 3.79 48.51 -30.06
C VAL H 37 3.97 49.72 -30.96
N ARG H 38 2.87 50.19 -31.53
CA ARG H 38 2.85 51.40 -32.35
C ARG H 38 2.24 52.54 -31.56
N GLN H 39 2.66 53.76 -31.90
CA GLN H 39 2.22 54.95 -31.17
C GLN H 39 2.18 56.11 -32.17
N ALA H 40 1.01 56.32 -32.75
CA ALA H 40 0.84 57.43 -33.67
C ALA H 40 1.07 58.75 -32.94
N THR H 41 1.81 59.65 -33.60
CA THR H 41 2.22 60.88 -32.92
C THR H 41 1.03 61.64 -32.35
N GLY H 42 -0.08 61.66 -33.08
CA GLY H 42 -1.25 62.38 -32.61
C GLY H 42 -2.11 61.62 -31.61
N GLN H 43 -1.88 60.31 -31.48
CA GLN H 43 -2.76 59.48 -30.66
C GLN H 43 -1.96 58.60 -29.71
N GLY H 44 -2.65 57.66 -29.05
CA GLY H 44 -2.04 56.81 -28.05
C GLY H 44 -1.48 55.53 -28.62
N LEU H 45 -0.98 54.68 -27.73
CA LEU H 45 -0.34 53.44 -28.12
C LEU H 45 -1.34 52.46 -28.69
N GLU H 46 -0.86 51.65 -29.64
CA GLU H 46 -1.63 50.57 -30.21
C GLU H 46 -0.75 49.32 -30.24
N TRP H 47 -1.30 48.20 -29.82
CA TRP H 47 -0.53 46.97 -29.79
C TRP H 47 -0.40 46.40 -31.19
N MET H 48 0.84 46.13 -31.61
CA MET H 48 1.08 45.59 -32.93
C MET H 48 0.92 44.07 -32.91
N GLY H 49 1.70 43.40 -32.08
CA GLY H 49 1.62 41.96 -31.96
C GLY H 49 2.70 41.47 -31.02
N GLY H 50 2.78 40.15 -30.89
CA GLY H 50 3.78 39.54 -30.04
C GLY H 50 4.23 38.22 -30.62
N MET H 51 5.39 37.76 -30.14
CA MET H 51 5.90 36.47 -30.57
C MET H 51 6.90 35.96 -29.55
N ASP H 52 6.82 34.68 -29.24
CA ASP H 52 7.74 34.06 -28.28
C ASP H 52 8.97 33.73 -29.10
N PRO H 53 10.19 34.12 -28.76
CA PRO H 53 11.40 33.69 -29.47
C PRO H 53 11.68 32.21 -29.32
N LYS H 54 11.44 31.63 -28.15
CA LYS H 54 11.77 30.22 -27.93
C LYS H 54 11.02 29.32 -28.90
N SER H 55 9.93 29.76 -29.46
CA SER H 55 9.11 28.94 -30.36
C SER H 55 9.08 29.60 -31.71
N GLY H 56 8.68 30.86 -31.77
CA GLY H 56 8.48 31.52 -33.04
C GLY H 56 7.03 31.75 -33.42
N ASN H 57 6.13 31.48 -32.45
CA ASN H 57 4.66 31.60 -32.60
C ASN H 57 4.21 33.04 -32.40
N THR H 58 3.37 33.60 -33.27
CA THR H 58 3.05 35.01 -33.18
C THR H 58 1.56 35.22 -32.92
N GLY H 59 1.22 36.43 -32.49
CA GLY H 59 -0.11 36.74 -31.97
C GLY H 59 -0.68 38.04 -32.49
N TYR H 60 -0.40 38.34 -33.76
CA TYR H 60 -0.64 39.65 -34.33
C TYR H 60 -2.01 40.19 -33.97
N ALA H 61 -2.12 41.51 -33.82
CA ALA H 61 -3.41 42.12 -33.56
C ALA H 61 -4.37 41.83 -34.70
N GLN H 62 -5.67 42.00 -34.42
CA GLN H 62 -6.67 41.71 -35.43
C GLN H 62 -6.53 42.64 -36.63
N LYS H 63 -6.13 43.88 -36.39
CA LYS H 63 -6.13 44.90 -37.44
C LYS H 63 -4.84 44.90 -38.27
N PHE H 64 -3.85 44.08 -37.92
CA PHE H 64 -2.68 43.79 -38.74
C PHE H 64 -2.52 42.29 -38.96
N GLN H 65 -3.62 41.59 -39.20
CA GLN H 65 -3.56 40.14 -39.29
C GLN H 65 -2.71 39.69 -40.48
N GLY H 66 -2.84 40.35 -41.62
CA GLY H 66 -2.18 39.91 -42.83
C GLY H 66 -1.25 40.94 -43.42
N ARG H 67 -0.51 41.65 -42.56
CA ARG H 67 0.41 42.67 -43.03
C ARG H 67 1.76 42.65 -42.32
N VAL H 68 1.88 41.95 -41.19
CA VAL H 68 3.04 42.03 -40.31
C VAL H 68 3.73 40.67 -40.30
N THR H 69 5.05 40.67 -40.25
CA THR H 69 5.84 39.45 -40.12
C THR H 69 6.94 39.68 -39.11
N MET H 70 6.71 39.24 -37.88
CA MET H 70 7.67 39.34 -36.79
C MET H 70 8.45 38.05 -36.72
N THR H 71 9.64 38.05 -37.32
CA THR H 71 10.55 36.92 -37.16
C THR H 71 11.62 37.29 -36.15
N THR H 72 12.53 36.36 -35.89
CA THR H 72 13.56 36.59 -34.89
C THR H 72 14.81 35.82 -35.28
N ASN H 73 15.93 36.19 -34.66
CA ASN H 73 17.21 35.51 -34.86
C ASN H 73 17.82 35.29 -33.47
N THR H 74 17.72 34.05 -32.99
CA THR H 74 18.27 33.73 -31.67
C THR H 74 19.76 33.97 -31.60
N ALA H 75 20.46 33.73 -32.72
CA ALA H 75 21.91 33.84 -32.71
C ALA H 75 22.36 35.25 -32.32
N ILE H 76 21.74 36.27 -32.91
CA ILE H 76 22.10 37.65 -32.66
C ILE H 76 21.24 38.28 -31.58
N SER H 77 20.21 37.59 -31.10
CA SER H 77 19.30 38.14 -30.10
C SER H 77 18.68 39.43 -30.61
N THR H 78 18.20 39.39 -31.83
CA THR H 78 17.56 40.54 -32.46
C THR H 78 16.25 40.09 -33.09
N ALA H 79 15.18 40.83 -32.81
CA ALA H 79 13.85 40.50 -33.32
C ALA H 79 13.32 41.69 -34.11
N TYR H 80 12.65 41.40 -35.22
CA TYR H 80 12.25 42.46 -36.13
C TYR H 80 10.97 42.08 -36.86
N MET H 81 10.21 43.10 -37.26
CA MET H 81 8.98 42.92 -38.02
C MET H 81 9.19 43.39 -39.46
N GLU H 82 8.21 43.07 -40.30
CA GLU H 82 8.21 43.44 -41.71
C GLU H 82 6.82 43.99 -42.03
N LEU H 83 6.57 45.26 -41.73
CA LEU H 83 5.29 45.86 -42.09
C LEU H 83 5.28 46.17 -43.57
N SER H 84 4.24 45.70 -44.26
CA SER H 84 4.11 45.84 -45.71
C SER H 84 2.81 46.58 -46.01
N SER H 85 2.56 46.80 -47.29
CA SER H 85 1.35 47.49 -47.75
C SER H 85 1.18 48.79 -46.99
N LEU H 86 2.24 49.60 -46.96
CA LEU H 86 2.21 50.85 -46.22
C LEU H 86 1.14 51.80 -46.77
N ARG H 87 0.63 52.65 -45.89
CA ARG H 87 -0.31 53.71 -46.25
C ARG H 87 0.16 54.99 -45.58
N SER H 88 -0.63 56.06 -45.73
CA SER H 88 -0.31 57.31 -45.07
C SER H 88 -0.51 57.24 -43.57
N GLU H 89 -1.36 56.33 -43.09
CA GLU H 89 -1.71 56.25 -41.69
C GLU H 89 -0.81 55.30 -40.90
N ASP H 90 0.20 54.72 -41.54
CA ASP H 90 1.13 53.84 -40.86
C ASP H 90 2.38 54.57 -40.39
N THR H 91 2.36 55.90 -40.40
CA THR H 91 3.46 56.68 -39.86
C THR H 91 3.33 56.77 -38.35
N ALA H 92 4.32 56.26 -37.63
CA ALA H 92 4.29 56.26 -36.17
C ALA H 92 5.60 55.67 -35.66
N VAL H 93 5.86 55.89 -34.38
CA VAL H 93 7.06 55.37 -33.74
C VAL H 93 6.75 53.94 -33.30
N TYR H 94 7.57 52.99 -33.76
CA TYR H 94 7.36 51.58 -33.48
C TYR H 94 8.31 51.19 -32.36
N TYR H 95 7.78 50.99 -31.16
CA TYR H 95 8.56 50.48 -30.05
C TYR H 95 8.53 48.96 -30.05
N CYS H 96 9.60 48.37 -29.54
CA CYS H 96 9.63 46.95 -29.24
C CYS H 96 9.78 46.81 -27.73
N VAL H 97 8.90 46.05 -27.11
CA VAL H 97 8.83 45.96 -25.66
C VAL H 97 8.99 44.50 -25.25
N ARG H 98 9.92 44.24 -24.36
CA ARG H 98 10.07 42.91 -23.78
C ARG H 98 8.93 42.65 -22.82
N GLY H 99 8.13 41.63 -23.08
CA GLY H 99 7.01 41.33 -22.22
C GLY H 99 7.34 40.40 -21.08
N GLU H 100 7.51 40.95 -19.88
CA GLU H 100 7.74 40.13 -18.70
C GLU H 100 6.45 39.51 -18.21
N GLN H 101 6.57 38.39 -17.52
CA GLN H 101 5.43 37.62 -17.08
C GLN H 101 5.71 37.05 -15.70
N SER H 102 4.66 36.86 -14.92
CA SER H 102 4.76 36.18 -13.63
C SER H 102 3.56 35.27 -13.49
N TYR H 103 3.81 33.97 -13.42
CA TYR H 103 2.77 32.97 -13.27
C TYR H 103 2.91 32.31 -11.91
N ASP H 104 1.79 32.06 -11.26
CA ASP H 104 1.79 31.37 -9.98
C ASP H 104 0.41 30.79 -9.76
N ARG H 105 0.18 30.27 -8.56
CA ARG H 105 -1.08 29.61 -8.23
C ARG H 105 -2.28 30.29 -8.84
N THR H 106 -2.42 31.60 -8.64
CA THR H 106 -3.59 32.34 -9.07
C THR H 106 -3.34 33.09 -10.38
N GLY H 107 -3.06 32.36 -11.44
CA GLY H 107 -3.10 32.92 -12.78
C GLY H 107 -1.89 33.76 -13.15
N TYR H 108 -1.99 34.39 -14.32
CA TYR H 108 -0.92 35.15 -14.92
C TYR H 108 -1.04 36.63 -14.62
N SER H 109 0.08 37.33 -14.72
CA SER H 109 0.13 38.78 -14.68
C SER H 109 1.28 39.22 -15.56
N ASP H 110 0.96 39.95 -16.62
CA ASP H 110 1.93 40.30 -17.66
C ASP H 110 2.08 41.81 -17.77
N TRP H 111 3.25 42.24 -18.22
CA TRP H 111 3.54 43.66 -18.40
C TRP H 111 4.71 43.81 -19.35
N PHE H 112 4.88 45.04 -19.86
CA PHE H 112 5.96 45.37 -20.79
C PHE H 112 7.02 46.18 -20.05
N ASP H 113 8.13 45.54 -19.70
CA ASP H 113 9.06 46.17 -18.78
C ASP H 113 10.00 47.22 -19.38
N PRO H 114 10.91 46.85 -20.30
CA PRO H 114 11.99 47.78 -20.66
C PRO H 114 11.67 48.83 -21.72
N TRP H 115 10.89 48.47 -22.74
CA TRP H 115 10.61 49.38 -23.85
C TRP H 115 11.85 49.85 -24.59
N GLY H 116 11.65 50.53 -25.72
CA GLY H 116 12.75 51.05 -26.52
C GLY H 116 12.50 52.43 -27.10
N GLN H 117 12.74 52.59 -28.39
CA GLN H 117 12.59 53.86 -29.12
C GLN H 117 12.25 53.56 -30.57
N GLY H 118 12.54 54.49 -31.49
CA GLY H 118 12.61 54.11 -32.90
C GLY H 118 11.45 54.52 -33.77
N THR H 119 11.67 55.51 -34.64
CA THR H 119 10.61 56.16 -35.39
C THR H 119 10.53 55.64 -36.82
N LEU H 120 9.45 56.04 -37.49
CA LEU H 120 9.21 55.72 -38.89
C LEU H 120 8.22 56.71 -39.45
N VAL H 121 8.47 57.18 -40.67
CA VAL H 121 7.58 58.13 -41.33
C VAL H 121 7.42 57.71 -42.78
N THR H 122 6.20 57.84 -43.29
CA THR H 122 5.90 57.49 -44.67
C THR H 122 5.06 58.58 -45.32
N VAL I 3 -46.99 -32.84 -0.83
CA VAL I 3 -47.64 -31.55 -0.98
C VAL I 3 -47.61 -31.11 -2.43
N LEU I 4 -46.51 -31.39 -3.12
CA LEU I 4 -46.43 -31.10 -4.54
C LEU I 4 -47.53 -31.85 -5.28
N THR I 5 -48.21 -31.15 -6.19
CA THR I 5 -49.30 -31.73 -6.97
C THR I 5 -48.90 -31.76 -8.43
N GLN I 6 -49.13 -32.88 -9.08
CA GLN I 6 -48.86 -33.06 -10.50
C GLN I 6 -49.95 -33.93 -11.09
N PRO I 7 -50.13 -33.92 -12.40
CA PRO I 7 -51.25 -34.62 -13.02
C PRO I 7 -51.29 -36.08 -12.60
N PRO I 8 -52.48 -36.65 -12.40
CA PRO I 8 -52.53 -38.08 -12.10
C PRO I 8 -51.89 -38.91 -13.19
N SER I 9 -52.05 -38.54 -14.44
CA SER I 9 -51.50 -39.30 -15.55
C SER I 9 -51.45 -38.43 -16.79
N ALA I 10 -50.53 -38.76 -17.69
CA ALA I 10 -50.36 -38.05 -18.94
C ALA I 10 -50.24 -39.07 -20.07
N SER I 11 -50.25 -38.58 -21.31
CA SER I 11 -50.19 -39.44 -22.47
C SER I 11 -49.57 -38.69 -23.63
N GLY I 12 -49.10 -39.45 -24.61
CA GLY I 12 -48.52 -38.85 -25.80
C GLY I 12 -48.09 -39.87 -26.84
N THR I 13 -48.44 -39.62 -28.09
CA THR I 13 -48.06 -40.54 -29.16
C THR I 13 -46.55 -40.46 -29.39
N PRO I 14 -45.95 -41.56 -29.87
CA PRO I 14 -44.49 -41.56 -30.05
C PRO I 14 -44.05 -40.44 -30.97
N GLY I 15 -42.95 -39.79 -30.60
CA GLY I 15 -42.46 -38.66 -31.35
C GLY I 15 -42.92 -37.33 -30.77
N GLN I 16 -44.14 -37.30 -30.25
CA GLN I 16 -44.68 -36.08 -29.66
C GLN I 16 -43.95 -35.75 -28.37
N ARG I 17 -43.86 -34.46 -28.07
CA ARG I 17 -43.21 -33.98 -26.85
C ARG I 17 -44.29 -33.71 -25.81
N VAL I 18 -44.30 -34.52 -24.75
CA VAL I 18 -45.25 -34.38 -23.65
C VAL I 18 -44.50 -33.84 -22.45
N THR I 19 -45.21 -33.07 -21.62
CA THR I 19 -44.60 -32.34 -20.51
C THR I 19 -45.37 -32.63 -19.23
N ILE I 20 -44.69 -33.22 -18.25
CA ILE I 20 -45.23 -33.40 -16.91
C ILE I 20 -44.86 -32.18 -16.08
N SER I 21 -45.79 -31.73 -15.23
CA SER I 21 -45.62 -30.52 -14.46
C SER I 21 -45.85 -30.78 -12.98
N CYS I 22 -45.12 -30.06 -12.14
CA CYS I 22 -45.30 -30.06 -10.70
C CYS I 22 -45.60 -28.64 -10.23
N SER I 23 -46.53 -28.52 -9.29
CA SER I 23 -46.88 -27.23 -8.72
C SER I 23 -46.85 -27.34 -7.21
N GLY I 24 -46.09 -26.46 -6.57
CA GLY I 24 -45.99 -26.43 -5.13
C GLY I 24 -45.88 -25.00 -4.63
N SER I 25 -45.87 -24.87 -3.31
CA SER I 25 -45.84 -23.55 -2.69
C SER I 25 -44.48 -22.90 -2.93
N SER I 26 -44.33 -21.69 -2.42
CA SER I 26 -43.09 -20.94 -2.60
C SER I 26 -41.98 -21.40 -1.66
N SER I 27 -42.30 -22.22 -0.67
CA SER I 27 -41.31 -22.63 0.31
C SER I 27 -40.55 -23.89 -0.07
N ASN I 28 -40.96 -24.57 -1.15
CA ASN I 28 -40.21 -25.72 -1.65
C ASN I 28 -39.68 -25.51 -3.06
N ILE I 29 -40.55 -25.29 -4.03
CA ILE I 29 -40.10 -25.13 -5.41
C ILE I 29 -39.69 -23.69 -5.69
N GLY I 30 -40.38 -22.72 -5.08
CA GLY I 30 -40.01 -21.33 -5.28
C GLY I 30 -38.67 -20.98 -4.68
N SER I 31 -38.19 -21.78 -3.73
CA SER I 31 -36.94 -21.49 -3.05
C SER I 31 -35.83 -22.49 -3.36
N ASN I 32 -36.16 -23.74 -3.67
CA ASN I 32 -35.18 -24.79 -3.89
C ASN I 32 -35.31 -25.33 -5.31
N THR I 33 -34.48 -26.31 -5.63
CA THR I 33 -34.42 -26.91 -6.94
C THR I 33 -35.13 -28.26 -6.93
N VAL I 34 -35.94 -28.52 -7.96
CA VAL I 34 -36.60 -29.82 -8.08
C VAL I 34 -35.64 -30.83 -8.69
N SER I 35 -35.96 -32.10 -8.51
CA SER I 35 -35.26 -33.19 -9.16
C SER I 35 -36.27 -34.26 -9.51
N TRP I 36 -36.16 -34.85 -10.70
CA TRP I 36 -37.17 -35.75 -11.21
C TRP I 36 -36.68 -37.19 -11.14
N TYR I 37 -37.59 -38.10 -10.79
CA TYR I 37 -37.24 -39.50 -10.55
C TYR I 37 -38.14 -40.40 -11.37
N GLN I 38 -37.57 -41.05 -12.39
CA GLN I 38 -38.29 -42.04 -13.16
C GLN I 38 -38.45 -43.31 -12.34
N GLN I 39 -39.49 -44.09 -12.65
CA GLN I 39 -39.69 -45.38 -11.98
C GLN I 39 -40.33 -46.34 -12.96
N LEU I 40 -39.51 -47.16 -13.61
CA LEU I 40 -40.02 -48.16 -14.52
C LEU I 40 -40.91 -49.14 -13.77
N PRO I 41 -41.89 -49.74 -14.44
CA PRO I 41 -42.91 -50.53 -13.73
C PRO I 41 -42.29 -51.62 -12.88
N GLY I 42 -42.50 -51.52 -11.56
CA GLY I 42 -42.16 -52.57 -10.63
C GLY I 42 -40.77 -52.49 -10.05
N THR I 43 -39.86 -51.71 -10.63
CA THR I 43 -38.50 -51.62 -10.13
C THR I 43 -38.34 -50.40 -9.22
N ALA I 44 -37.11 -50.09 -8.84
CA ALA I 44 -36.84 -48.96 -7.96
C ALA I 44 -36.66 -47.69 -8.77
N PRO I 45 -37.15 -46.54 -8.27
CA PRO I 45 -36.99 -45.30 -9.03
C PRO I 45 -35.53 -44.91 -9.12
N LYS I 46 -35.18 -44.24 -10.21
CA LYS I 46 -33.84 -43.74 -10.46
C LYS I 46 -33.89 -42.24 -10.62
N LEU I 47 -32.73 -41.60 -10.49
CA LEU I 47 -32.65 -40.16 -10.70
C LEU I 47 -32.68 -39.87 -12.19
N LEU I 48 -33.55 -38.95 -12.58
CA LEU I 48 -33.71 -38.55 -13.98
C LEU I 48 -33.19 -37.16 -14.25
N ILE I 49 -33.44 -36.21 -13.35
CA ILE I 49 -32.96 -34.83 -13.49
C ILE I 49 -32.71 -34.29 -12.09
N TYR I 50 -31.60 -33.57 -11.92
CA TYR I 50 -31.28 -32.95 -10.65
C TYR I 50 -30.89 -31.50 -10.90
N SER I 51 -31.22 -30.64 -9.94
CA SER I 51 -31.05 -29.19 -10.07
C SER I 51 -31.94 -28.61 -11.16
N THR I 52 -32.94 -29.37 -11.60
CA THR I 52 -33.96 -28.91 -12.54
C THR I 52 -33.47 -28.80 -13.98
N ASN I 53 -32.16 -28.84 -14.19
CA ASN I 53 -31.63 -28.76 -15.56
C ASN I 53 -30.61 -29.85 -15.81
N GLN I 54 -29.77 -30.11 -14.82
CA GLN I 54 -28.67 -31.05 -15.01
C GLN I 54 -29.23 -32.44 -15.19
N ARG I 55 -28.47 -33.28 -15.87
CA ARG I 55 -28.92 -34.60 -16.24
C ARG I 55 -27.91 -35.63 -15.77
N PRO I 56 -28.31 -36.64 -15.03
CA PRO I 56 -27.34 -37.62 -14.54
C PRO I 56 -26.75 -38.39 -15.71
N SER I 57 -25.49 -38.79 -15.55
CA SER I 57 -24.83 -39.57 -16.59
C SER I 57 -25.62 -40.83 -16.86
N GLY I 58 -26.11 -40.98 -18.09
CA GLY I 58 -26.90 -42.12 -18.48
C GLY I 58 -28.24 -41.74 -19.08
N VAL I 59 -28.87 -40.71 -18.54
CA VAL I 59 -30.14 -40.23 -19.07
C VAL I 59 -29.88 -39.49 -20.38
N PRO I 60 -30.53 -39.85 -21.48
CA PRO I 60 -30.24 -39.20 -22.75
C PRO I 60 -30.70 -37.75 -22.76
N ASP I 61 -30.03 -36.96 -23.61
CA ASP I 61 -30.38 -35.55 -23.76
C ASP I 61 -31.86 -35.35 -24.06
N ARG I 62 -32.56 -36.41 -24.47
CA ARG I 62 -33.98 -36.31 -24.74
C ARG I 62 -34.72 -35.66 -23.59
N PHE I 63 -34.41 -36.05 -22.36
CA PHE I 63 -35.07 -35.50 -21.18
C PHE I 63 -34.49 -34.15 -20.81
N SER I 64 -35.36 -33.23 -20.40
CA SER I 64 -34.93 -31.93 -19.94
C SER I 64 -35.99 -31.36 -19.01
N GLY I 65 -35.55 -30.66 -17.96
CA GLY I 65 -36.44 -30.08 -16.99
C GLY I 65 -36.30 -28.57 -16.94
N SER I 66 -37.28 -27.93 -16.32
CA SER I 66 -37.27 -26.48 -16.18
C SER I 66 -38.07 -26.09 -14.95
N LYS I 67 -37.82 -24.88 -14.48
CA LYS I 67 -38.51 -24.33 -13.33
C LYS I 67 -38.92 -22.89 -13.63
N SER I 68 -40.19 -22.59 -13.44
CA SER I 68 -40.72 -21.24 -13.68
C SER I 68 -41.44 -20.80 -12.42
N GLY I 69 -40.81 -19.91 -11.66
CA GLY I 69 -41.43 -19.42 -10.45
C GLY I 69 -41.64 -20.53 -9.43
N THR I 70 -42.90 -20.94 -9.25
CA THR I 70 -43.27 -21.97 -8.28
C THR I 70 -43.74 -23.25 -8.96
N SER I 71 -43.37 -23.46 -10.22
CA SER I 71 -43.77 -24.66 -10.95
C SER I 71 -42.56 -25.23 -11.69
N ALA I 72 -42.60 -26.54 -11.91
CA ALA I 72 -41.55 -27.23 -12.64
C ALA I 72 -42.19 -28.10 -13.71
N SER I 73 -41.41 -28.38 -14.75
CA SER I 73 -41.90 -29.16 -15.89
C SER I 73 -40.79 -30.05 -16.41
N LEU I 74 -41.13 -31.32 -16.66
CA LEU I 74 -40.23 -32.28 -17.26
C LEU I 74 -40.69 -32.52 -18.70
N ALA I 75 -39.88 -32.10 -19.66
CA ALA I 75 -40.23 -32.21 -21.07
C ALA I 75 -39.56 -33.45 -21.65
N ILE I 76 -40.36 -34.44 -22.02
CA ILE I 76 -39.87 -35.67 -22.62
C ILE I 76 -40.08 -35.52 -24.12
N GLY I 77 -39.06 -35.02 -24.80
CA GLY I 77 -39.10 -34.94 -26.26
C GLY I 77 -38.96 -36.30 -26.88
N GLY I 78 -39.29 -36.38 -28.16
CA GLY I 78 -39.17 -37.61 -28.93
C GLY I 78 -39.64 -38.82 -28.18
N LEU I 79 -40.79 -38.70 -27.51
CA LEU I 79 -41.32 -39.75 -26.65
C LEU I 79 -41.23 -41.12 -27.31
N GLN I 80 -40.57 -42.06 -26.63
CA GLN I 80 -40.40 -43.41 -27.13
C GLN I 80 -41.13 -44.39 -26.21
N SER I 81 -41.06 -45.67 -26.57
CA SER I 81 -41.85 -46.69 -25.87
C SER I 81 -41.31 -46.94 -24.47
N GLU I 82 -39.98 -46.96 -24.31
CA GLU I 82 -39.39 -47.35 -23.04
C GLU I 82 -39.53 -46.28 -21.96
N ASP I 83 -40.10 -45.13 -22.28
CA ASP I 83 -40.33 -44.07 -21.29
C ASP I 83 -41.66 -44.23 -20.59
N GLU I 84 -42.40 -45.29 -20.85
CA GLU I 84 -43.66 -45.57 -20.18
C GLU I 84 -43.36 -45.96 -18.73
N ALA I 85 -43.57 -45.02 -17.81
CA ALA I 85 -43.25 -45.23 -16.41
C ALA I 85 -43.87 -44.11 -15.60
N ASP I 86 -43.63 -44.16 -14.28
CA ASP I 86 -44.03 -43.08 -13.38
C ASP I 86 -42.91 -42.06 -13.31
N TYR I 87 -43.28 -40.79 -13.10
CA TYR I 87 -42.31 -39.72 -12.95
C TYR I 87 -42.70 -38.86 -11.76
N TYR I 88 -41.82 -38.82 -10.76
CA TYR I 88 -42.05 -38.04 -9.56
C TYR I 88 -41.11 -36.85 -9.54
N CYS I 89 -41.43 -35.87 -8.71
CA CYS I 89 -40.58 -34.69 -8.51
C CYS I 89 -40.44 -34.43 -7.02
N ALA I 90 -39.21 -34.13 -6.60
CA ALA I 90 -38.91 -33.84 -5.21
C ALA I 90 -38.29 -32.47 -5.11
N ALA I 91 -38.55 -31.79 -4.00
CA ALA I 91 -37.97 -30.48 -3.74
C ALA I 91 -37.85 -30.30 -2.24
N TRP I 92 -36.62 -30.17 -1.74
CA TRP I 92 -36.43 -29.97 -0.32
C TRP I 92 -37.15 -28.72 0.14
N ASP I 93 -37.80 -28.75 1.29
CA ASP I 93 -38.60 -27.63 1.82
C ASP I 93 -37.77 -26.87 2.85
N ASP I 94 -38.03 -25.58 3.04
CA ASP I 94 -37.26 -24.70 3.94
C ASP I 94 -38.10 -24.41 5.18
N SER I 95 -39.20 -25.11 5.36
CA SER I 95 -40.13 -24.89 6.48
C SER I 95 -39.60 -25.63 7.70
N LEU I 96 -38.66 -26.53 7.53
CA LEU I 96 -38.00 -27.25 8.65
C LEU I 96 -36.59 -27.59 8.15
N LYS I 97 -35.57 -27.77 8.98
CA LYS I 97 -34.16 -27.92 8.50
C LYS I 97 -33.95 -29.10 7.57
N ARG I 98 -34.70 -30.21 7.72
CA ARG I 98 -34.63 -31.42 6.86
C ARG I 98 -36.03 -31.84 6.49
N LEU I 99 -36.53 -31.39 5.36
CA LEU I 99 -37.83 -31.85 4.83
C LEU I 99 -37.69 -31.90 3.32
N VAL I 100 -37.99 -33.02 2.66
CA VAL I 100 -38.05 -33.18 1.22
C VAL I 100 -39.42 -33.75 0.88
N VAL I 101 -40.10 -33.12 -0.08
CA VAL I 101 -41.49 -33.40 -0.38
C VAL I 101 -41.57 -33.97 -1.79
N PHE I 102 -42.11 -35.18 -1.90
CA PHE I 102 -42.33 -35.78 -3.21
C PHE I 102 -43.69 -35.37 -3.76
N GLY I 103 -43.81 -35.43 -5.08
CA GLY I 103 -45.08 -35.21 -5.72
C GLY I 103 -45.90 -36.47 -5.81
N GLY I 104 -47.14 -36.31 -6.29
CA GLY I 104 -48.01 -37.46 -6.43
C GLY I 104 -47.51 -38.47 -7.44
N GLY I 105 -46.84 -38.01 -8.48
CA GLY I 105 -46.38 -38.88 -9.54
C GLY I 105 -47.34 -38.87 -10.72
N THR I 106 -46.80 -39.17 -11.90
CA THR I 106 -47.58 -39.16 -13.14
C THR I 106 -47.31 -40.44 -13.89
N ARG I 107 -48.37 -41.18 -14.20
CA ARG I 107 -48.27 -42.37 -15.03
C ARG I 107 -48.34 -41.94 -16.49
N LEU I 108 -47.22 -42.03 -17.19
CA LEU I 108 -47.13 -41.64 -18.59
C LEU I 108 -47.27 -42.88 -19.46
N THR I 109 -48.24 -42.86 -20.37
CA THR I 109 -48.53 -43.99 -21.24
C THR I 109 -48.27 -43.61 -22.69
N VAL I 110 -47.92 -44.62 -23.49
CA VAL I 110 -47.56 -44.43 -24.88
C VAL I 110 -48.73 -44.92 -25.73
N LEU I 111 -49.45 -43.97 -26.33
CA LEU I 111 -50.60 -44.32 -27.16
C LEU I 111 -50.14 -45.11 -28.38
N GLY I 112 -50.84 -46.21 -28.66
CA GLY I 112 -50.49 -47.07 -29.78
C GLY I 112 -50.40 -48.53 -29.38
#